data_8YS5
#
_entry.id   8YS5
#
_cell.length_a   1.00
_cell.length_b   1.00
_cell.length_c   1.00
_cell.angle_alpha   90.00
_cell.angle_beta   90.00
_cell.angle_gamma   90.00
#
_symmetry.space_group_name_H-M   'P 1'
#
loop_
_entity.id
_entity.type
_entity.pdbx_description
1 polymer '2-oxoglutarate:acceptor oxidoreductase'
2 polymer '2-oxoglutarate synthase subunit alpha'
3 polymer '2-oxoglutarate ferredoxin oxidoreductase subunit beta'
4 polymer '2-oxoglutarate:acceptor oxidoreductase'
5 non-polymer 'IRON/SULFUR CLUSTER'
6 non-polymer 'MAGNESIUM ION'
7 non-polymer 'THIAMINE DIPHOSPHATE'
#
loop_
_entity_poly.entity_id
_entity_poly.type
_entity_poly.pdbx_seq_one_letter_code
_entity_poly.pdbx_strand_id
1 'polypeptide(L)'
;MAKMSTPDGVAVWVNEDRCKGCDICVSVCPAGVLGMGIEKERVLGKVAKVAYPESCIGCVQCELHCPDFAIYVADRKDFK
FAKVSKEAQERSEKVKANKYMLLEETILEGRGK
;
D,F
2 'polypeptide(L)'
;MREIISDGNELVAKAAIEVGCRFFGGYPITPSSDIMHAMSVALPKCGGHFIQMEDEISGISVSLGASMSGTKSMTASSGP
GISLKVEQIGYSFMAEIPLVIADVMRSGPSTGMPTRVAQGDVNFLKHPIHGDFKAVALAPASLEEAYTETVRAFNLAEML
MTPVFLLMDETVGHMYGKVQIPDLEEVQKMTINRKEFVGDKKDYKPYGVAQDEPAVLNPFFKGYRYHVSGLHHGPIGFPT
EDAKIGGDLIDRLFHKIESKQDIINENEEMDLEGAEIVIIAYGSVSLAVKEALKDYHKESKQKVGFFRPKTLWPSPAKRL
KEIGDKYEKILVIELNKGQYLEEIERAMQRKVHFFGQANGRTISPKQIIAKLKEL
;
A,G
3 'polypeptide(L)'
;MAFNYDEYLRVDKIPTLWCWGCGDGVILKSIIRTIDALGWKMDDVCLVSGIGCSGRMSSYVNCNTVHTTHGRAVAYATGI
KMANPSKHVIVVSGDGDGFAIGGNHTMHACRRNIDLNFILVNNFIYGLTNSQTSPTTPNGMWTVTAQWGNIDNQFDPCAL
TTAAGASFVARESVLDPQKLEKVLKEGFSHKGFSFFDVHSNCHINLGRKNKMGEASQMLKWMESRLVSKRQFEAMSPEER
VDKFPTGVLRHDTDRKEYCEAYQEIIEKAQGKQ
;
C,H
4 'polypeptide(L)'
;MEAQLRFTGVGGQGVLLAGEILAEAKIVSGGYGTKTSTYTSQVRGGPTKVDILLDKDEIIFPYAKEGEIDFMLSVAQISY
NQFKSDIKQGGIVVIDPNLVTPTKEDEEKYQIYKIPIISIAKDEVGNIITQSVVALAITVELTKCVEENIVLDTMLKKVP
AKVADTNKKAFEIGKKHALEALKVRA
;
B,I
#
# COMPACT_ATOMS: atom_id res chain seq x y z
N THR A 6 18.14 -3.57 -49.19
CA THR A 6 17.32 -4.03 -50.31
C THR A 6 18.20 -4.42 -51.50
N PRO A 7 18.57 -5.71 -51.56
CA PRO A 7 19.41 -6.17 -52.68
C PRO A 7 18.68 -6.11 -54.02
N ASP A 8 19.39 -6.45 -55.10
CA ASP A 8 18.83 -6.37 -56.44
C ASP A 8 18.14 -7.69 -56.80
N GLY A 9 16.88 -7.60 -57.22
CA GLY A 9 16.15 -8.75 -57.70
C GLY A 9 15.71 -9.73 -56.64
N VAL A 10 15.78 -9.37 -55.36
CA VAL A 10 15.37 -10.23 -54.27
C VAL A 10 14.07 -9.69 -53.69
N ALA A 11 13.00 -10.48 -53.81
CA ALA A 11 11.70 -10.03 -53.33
C ALA A 11 11.60 -10.12 -51.81
N VAL A 12 12.24 -11.12 -51.21
CA VAL A 12 12.17 -11.33 -49.76
C VAL A 12 13.43 -12.07 -49.33
N TRP A 13 14.04 -11.61 -48.24
CA TRP A 13 15.23 -12.23 -47.69
C TRP A 13 15.15 -12.27 -46.18
N VAL A 14 15.80 -13.27 -45.59
CA VAL A 14 15.74 -13.54 -44.16
C VAL A 14 17.11 -13.35 -43.56
N ASN A 15 17.16 -12.71 -42.38
CA ASN A 15 18.39 -12.56 -41.61
C ASN A 15 18.54 -13.76 -40.70
N GLU A 16 19.56 -14.59 -40.96
CA GLU A 16 19.69 -15.84 -40.23
C GLU A 16 20.12 -15.63 -38.79
N ASP A 17 20.71 -14.47 -38.48
CA ASP A 17 21.20 -14.20 -37.13
C ASP A 17 20.15 -13.59 -36.21
N ARG A 18 18.97 -13.28 -36.73
CA ARG A 18 17.87 -12.78 -35.92
C ARG A 18 16.68 -13.72 -35.86
N CYS A 19 16.63 -14.72 -36.73
CA CYS A 19 15.54 -15.69 -36.70
C CYS A 19 15.70 -16.63 -35.51
N LYS A 20 14.57 -17.17 -35.05
CA LYS A 20 14.59 -18.07 -33.89
C LYS A 20 13.87 -19.37 -34.22
N GLY A 21 12.88 -19.32 -35.09
CA GLY A 21 12.14 -20.52 -35.46
C GLY A 21 10.78 -20.60 -34.78
N CYS A 22 10.06 -19.49 -34.75
CA CYS A 22 8.75 -19.43 -34.12
C CYS A 22 7.62 -19.95 -35.01
N ASP A 23 7.90 -20.25 -36.27
CA ASP A 23 6.98 -20.85 -37.24
C ASP A 23 5.85 -19.90 -37.65
N ILE A 24 5.80 -18.69 -37.12
CA ILE A 24 4.71 -17.77 -37.48
C ILE A 24 4.86 -17.30 -38.92
N CYS A 25 6.08 -17.01 -39.35
CA CYS A 25 6.30 -16.43 -40.67
C CYS A 25 5.87 -17.38 -41.78
N VAL A 26 6.16 -18.68 -41.64
CA VAL A 26 5.79 -19.64 -42.67
C VAL A 26 4.29 -19.82 -42.72
N SER A 27 3.61 -19.78 -41.57
CA SER A 27 2.20 -20.11 -41.49
C SER A 27 1.29 -19.06 -42.13
N VAL A 28 1.81 -17.91 -42.52
CA VAL A 28 0.97 -16.85 -43.08
C VAL A 28 1.42 -16.48 -44.49
N CYS A 29 1.96 -17.45 -45.22
CA CYS A 29 2.41 -17.20 -46.58
C CYS A 29 1.44 -17.81 -47.57
N PRO A 30 0.60 -17.02 -48.24
CA PRO A 30 -0.33 -17.59 -49.23
C PRO A 30 0.36 -18.29 -50.38
N ALA A 31 1.52 -17.81 -50.81
CA ALA A 31 2.17 -18.34 -52.01
C ALA A 31 3.02 -19.57 -51.74
N GLY A 32 3.18 -19.98 -50.48
CA GLY A 32 3.99 -21.14 -50.17
C GLY A 32 5.44 -20.97 -50.57
N VAL A 33 6.02 -19.83 -50.21
CA VAL A 33 7.38 -19.46 -50.60
C VAL A 33 8.39 -19.84 -49.53
N LEU A 34 8.00 -19.80 -48.26
CA LEU A 34 8.92 -20.00 -47.14
C LEU A 34 8.88 -21.44 -46.67
N GLY A 35 9.98 -21.88 -46.06
CA GLY A 35 10.05 -23.20 -45.47
C GLY A 35 11.16 -23.28 -44.47
N MET A 36 10.99 -24.14 -43.46
CA MET A 36 11.93 -24.23 -42.36
C MET A 36 12.92 -25.36 -42.60
N GLY A 37 14.20 -25.06 -42.47
CA GLY A 37 15.26 -26.02 -42.69
C GLY A 37 16.01 -26.31 -41.40
N ILE A 38 16.49 -27.54 -41.28
CA ILE A 38 17.20 -27.97 -40.08
C ILE A 38 18.58 -27.31 -40.05
N GLU A 39 18.95 -26.76 -38.90
CA GLU A 39 20.25 -26.15 -38.70
C GLU A 39 20.72 -26.53 -37.30
N LYS A 40 21.57 -27.55 -37.21
CA LYS A 40 22.05 -28.03 -35.92
C LYS A 40 22.96 -27.03 -35.21
N GLU A 41 23.43 -26.00 -35.91
CA GLU A 41 24.34 -25.03 -35.32
C GLU A 41 23.64 -24.02 -34.44
N ARG A 42 22.31 -24.01 -34.41
CA ARG A 42 21.56 -23.06 -33.60
C ARG A 42 20.77 -23.79 -32.53
N VAL A 43 20.32 -23.04 -31.53
CA VAL A 43 19.72 -23.65 -30.33
C VAL A 43 18.42 -24.35 -30.68
N LEU A 44 17.54 -23.69 -31.43
CA LEU A 44 16.25 -24.27 -31.74
C LEU A 44 16.30 -25.27 -32.89
N GLY A 45 17.38 -25.28 -33.66
CA GLY A 45 17.61 -26.31 -34.65
C GLY A 45 17.02 -26.05 -36.01
N LYS A 46 16.10 -25.09 -36.13
CA LYS A 46 15.43 -24.82 -37.41
C LYS A 46 15.46 -23.33 -37.70
N VAL A 47 15.66 -22.99 -38.97
CA VAL A 47 15.67 -21.60 -39.41
C VAL A 47 14.79 -21.46 -40.65
N ALA A 48 14.18 -20.29 -40.80
CA ALA A 48 13.33 -20.01 -41.96
C ALA A 48 14.19 -19.73 -43.18
N LYS A 49 13.74 -20.22 -44.33
CA LYS A 49 14.44 -20.07 -45.59
C LYS A 49 13.44 -19.70 -46.68
N VAL A 50 13.90 -18.92 -47.64
CA VAL A 50 13.09 -18.55 -48.80
C VAL A 50 13.36 -19.56 -49.91
N ALA A 51 12.31 -20.24 -50.35
CA ALA A 51 12.45 -21.34 -51.30
C ALA A 51 12.14 -20.92 -52.74
N TYR A 52 11.03 -20.20 -52.95
CA TYR A 52 10.59 -19.80 -54.28
C TYR A 52 10.36 -18.29 -54.31
N PRO A 53 11.44 -17.50 -54.32
CA PRO A 53 11.27 -16.04 -54.34
C PRO A 53 10.56 -15.52 -55.57
N GLU A 54 10.67 -16.21 -56.71
CA GLU A 54 10.05 -15.74 -57.94
C GLU A 54 8.53 -15.80 -57.90
N SER A 55 7.95 -16.55 -56.96
CA SER A 55 6.52 -16.64 -56.81
C SER A 55 5.99 -15.75 -55.69
N CYS A 56 6.81 -14.83 -55.19
CA CYS A 56 6.40 -13.99 -54.07
C CYS A 56 5.29 -13.03 -54.48
N ILE A 57 4.49 -12.63 -53.50
CA ILE A 57 3.37 -11.73 -53.70
C ILE A 57 3.55 -10.57 -52.73
N GLY A 58 2.98 -9.41 -53.07
CA GLY A 58 3.13 -8.23 -52.25
C GLY A 58 2.45 -8.30 -50.90
N CYS A 59 1.99 -9.49 -50.50
CA CYS A 59 1.38 -9.68 -49.19
C CYS A 59 2.44 -9.61 -48.09
N VAL A 60 2.69 -8.41 -47.58
CA VAL A 60 3.78 -8.17 -46.65
C VAL A 60 3.46 -8.77 -45.28
N GLN A 61 2.33 -9.46 -45.19
CA GLN A 61 1.85 -10.09 -43.96
C GLN A 61 2.96 -10.83 -43.20
N CYS A 62 3.83 -11.54 -43.92
CA CYS A 62 4.90 -12.28 -43.25
C CYS A 62 5.78 -11.35 -42.42
N GLU A 63 6.25 -10.26 -43.05
CA GLU A 63 7.03 -9.27 -42.30
C GLU A 63 6.21 -8.62 -41.21
N LEU A 64 4.89 -8.58 -41.37
CA LEU A 64 4.03 -8.04 -40.32
C LEU A 64 3.88 -8.99 -39.15
N HIS A 65 4.22 -10.27 -39.32
CA HIS A 65 4.01 -11.27 -38.29
C HIS A 65 5.29 -11.75 -37.63
N CYS A 66 6.44 -11.37 -38.13
CA CYS A 66 7.71 -11.81 -37.55
C CYS A 66 8.03 -10.96 -36.33
N PRO A 67 8.15 -11.55 -35.13
CA PRO A 67 8.39 -10.75 -33.92
C PRO A 67 9.85 -10.39 -33.65
N ASP A 68 10.81 -10.99 -34.37
CA ASP A 68 12.22 -10.80 -34.06
C ASP A 68 12.98 -10.06 -35.16
N PHE A 69 12.27 -9.34 -36.04
CA PHE A 69 12.88 -8.50 -37.06
C PHE A 69 13.87 -9.29 -37.93
N ALA A 70 13.42 -10.46 -38.41
CA ALA A 70 14.32 -11.38 -39.09
C ALA A 70 14.05 -11.53 -40.59
N ILE A 71 12.87 -11.14 -41.07
CA ILE A 71 12.50 -11.31 -42.47
C ILE A 71 12.14 -9.95 -43.05
N TYR A 72 12.57 -9.69 -44.28
CA TYR A 72 12.32 -8.44 -44.95
C TYR A 72 11.83 -8.70 -46.37
N VAL A 73 10.99 -7.80 -46.87
CA VAL A 73 10.41 -7.90 -48.20
C VAL A 73 10.86 -6.67 -48.99
N ALA A 74 10.89 -6.79 -50.32
CA ALA A 74 11.24 -5.66 -51.15
C ALA A 74 10.12 -4.63 -51.15
N ASP A 75 10.31 -3.57 -51.94
CA ASP A 75 9.35 -2.49 -52.03
C ASP A 75 8.69 -2.47 -53.40
N ARG A 76 7.40 -2.11 -53.42
CA ARG A 76 6.65 -2.06 -54.66
C ARG A 76 7.24 -1.05 -55.64
N LYS A 77 7.71 0.10 -55.13
CA LYS A 77 8.17 1.16 -56.01
C LYS A 77 9.38 0.75 -56.84
N ASP A 78 10.19 -0.16 -56.32
CA ASP A 78 11.42 -0.56 -57.01
C ASP A 78 11.43 -2.01 -57.47
N PHE A 79 10.40 -2.80 -57.17
CA PHE A 79 10.36 -4.21 -57.53
C PHE A 79 9.00 -4.55 -58.12
N LYS A 80 9.00 -5.45 -59.10
CA LYS A 80 7.77 -5.95 -59.72
C LYS A 80 7.47 -7.33 -59.16
N PHE A 81 6.33 -7.46 -58.50
CA PHE A 81 5.97 -8.69 -57.83
C PHE A 81 5.21 -9.63 -58.77
N ALA A 82 5.17 -10.90 -58.40
CA ALA A 82 4.58 -11.94 -59.24
C ALA A 82 3.05 -11.89 -59.12
N LYS A 83 2.39 -12.88 -59.71
CA LYS A 83 0.94 -12.95 -59.78
C LYS A 83 0.43 -14.09 -58.91
N VAL A 84 -0.89 -14.29 -58.94
CA VAL A 84 -1.57 -15.30 -58.14
C VAL A 84 -1.83 -16.52 -58.99
N SER A 85 -1.44 -17.69 -58.51
CA SER A 85 -1.70 -18.95 -59.19
C SER A 85 -2.15 -19.98 -58.17
N LYS A 86 -2.94 -20.95 -58.65
CA LYS A 86 -3.44 -22.00 -57.75
C LYS A 86 -2.36 -22.99 -57.38
N GLU A 87 -1.31 -23.14 -58.19
CA GLU A 87 -0.22 -24.02 -57.83
C GLU A 87 0.49 -23.53 -56.58
N ALA A 88 0.67 -22.22 -56.45
CA ALA A 88 1.30 -21.67 -55.25
C ALA A 88 0.45 -21.94 -54.01
N GLN A 89 -0.87 -21.81 -54.13
CA GLN A 89 -1.74 -22.09 -52.98
C GLN A 89 -1.73 -23.57 -52.63
N GLU A 90 -1.69 -24.44 -53.64
CA GLU A 90 -1.56 -25.87 -53.38
C GLU A 90 -0.26 -26.17 -52.63
N ARG A 91 0.84 -25.54 -53.06
CA ARG A 91 2.12 -25.71 -52.38
C ARG A 91 2.05 -25.20 -50.94
N SER A 92 1.39 -24.07 -50.73
CA SER A 92 1.25 -23.54 -49.38
C SER A 92 0.46 -24.50 -48.49
N GLU A 93 -0.62 -25.08 -49.02
CA GLU A 93 -1.41 -26.02 -48.24
C GLU A 93 -0.61 -27.27 -47.89
N LYS A 94 0.09 -27.84 -48.88
CA LYS A 94 0.87 -29.03 -48.60
C LYS A 94 2.13 -28.74 -47.81
N VAL A 95 2.52 -27.47 -47.67
CA VAL A 95 3.60 -27.12 -46.76
C VAL A 95 3.09 -27.00 -45.34
N LYS A 96 1.93 -26.35 -45.16
CA LYS A 96 1.32 -26.27 -43.84
C LYS A 96 0.99 -27.66 -43.31
N ALA A 97 0.60 -28.58 -44.20
CA ALA A 97 0.36 -29.95 -43.80
C ALA A 97 1.63 -30.69 -43.37
N ASN A 98 2.81 -30.11 -43.62
CA ASN A 98 4.09 -30.75 -43.31
C ASN A 98 4.77 -30.07 -42.14
N LYS A 99 3.99 -29.68 -41.12
CA LYS A 99 4.52 -29.07 -39.90
C LYS A 99 5.32 -27.81 -40.20
N TYR A 100 4.85 -27.01 -41.16
CA TYR A 100 5.44 -25.73 -41.53
C TYR A 100 6.88 -25.86 -42.02
N MET A 101 7.28 -27.06 -42.44
CA MET A 101 8.62 -27.30 -42.94
C MET A 101 8.60 -27.48 -44.45
N LEU A 102 9.75 -27.25 -45.08
CA LEU A 102 9.86 -27.46 -46.51
C LEU A 102 9.81 -28.96 -46.83
N LEU A 103 9.06 -29.30 -47.87
CA LEU A 103 8.88 -30.70 -48.23
C LEU A 103 10.14 -31.26 -48.89
N GLU A 104 10.19 -32.58 -49.00
CA GLU A 104 11.37 -33.24 -49.55
C GLU A 104 11.58 -32.90 -51.02
N GLU A 105 10.50 -32.76 -51.80
CA GLU A 105 10.63 -32.44 -53.21
C GLU A 105 11.37 -31.12 -53.43
N THR A 106 11.22 -30.18 -52.50
CA THR A 106 11.91 -28.89 -52.61
C THR A 106 13.43 -29.04 -52.58
N ILE A 107 13.93 -30.20 -52.16
CA ILE A 107 15.36 -30.45 -52.08
C ILE A 107 15.85 -30.88 -53.45
N LEU A 108 14.99 -30.75 -54.47
CA LEU A 108 15.38 -31.06 -55.84
C LEU A 108 16.58 -30.21 -56.26
N GLU A 109 16.63 -28.95 -55.83
CA GLU A 109 17.77 -28.10 -56.11
C GLU A 109 18.15 -27.25 -54.90
N GLY A 110 17.64 -27.58 -53.72
CA GLY A 110 17.91 -26.80 -52.53
C GLY A 110 17.14 -25.50 -52.42
N ARG A 111 16.12 -25.31 -53.25
CA ARG A 111 15.33 -24.09 -53.22
C ARG A 111 14.54 -23.99 -51.92
N MET B 1 13.39 -39.77 14.44
CA MET B 1 13.95 -38.62 13.76
C MET B 1 14.03 -38.87 12.26
N ARG B 2 12.96 -38.55 11.55
CA ARG B 2 12.91 -38.77 10.11
C ARG B 2 13.79 -37.76 9.38
N GLU B 3 14.38 -38.22 8.27
CA GLU B 3 15.24 -37.39 7.44
C GLU B 3 14.71 -37.38 6.02
N ILE B 4 14.78 -36.21 5.38
CA ILE B 4 14.24 -36.02 4.03
C ILE B 4 15.18 -35.14 3.21
N ILE B 5 15.05 -35.25 1.89
CA ILE B 5 15.82 -34.44 0.96
C ILE B 5 14.88 -33.39 0.38
N SER B 6 15.21 -32.12 0.58
CA SER B 6 14.35 -31.02 0.13
C SER B 6 15.15 -29.72 0.20
N ASP B 7 14.47 -28.60 0.03
CA ASP B 7 15.05 -27.27 0.09
C ASP B 7 14.33 -26.44 1.16
N GLY B 8 14.75 -25.18 1.29
CA GLY B 8 14.30 -24.37 2.40
C GLY B 8 12.81 -24.07 2.37
N ASN B 9 12.29 -23.67 1.21
CA ASN B 9 10.89 -23.29 1.11
C ASN B 9 9.97 -24.49 1.34
N GLU B 10 10.34 -25.66 0.80
CA GLU B 10 9.56 -26.87 1.06
C GLU B 10 9.54 -27.19 2.54
N LEU B 11 10.68 -27.06 3.22
CA LEU B 11 10.73 -27.33 4.65
C LEU B 11 9.88 -26.35 5.43
N VAL B 12 9.90 -25.07 5.05
CA VAL B 12 9.09 -24.07 5.74
C VAL B 12 7.61 -24.40 5.59
N ALA B 13 7.20 -24.74 4.36
CA ALA B 13 5.80 -25.09 4.12
C ALA B 13 5.40 -26.34 4.91
N LYS B 14 6.27 -27.35 4.93
CA LYS B 14 5.98 -28.58 5.66
C LYS B 14 5.84 -28.31 7.15
N ALA B 15 6.74 -27.50 7.71
CA ALA B 15 6.65 -27.17 9.12
C ALA B 15 5.38 -26.40 9.43
N ALA B 16 5.01 -25.46 8.56
CA ALA B 16 3.77 -24.70 8.76
C ALA B 16 2.56 -25.62 8.73
N ILE B 17 2.54 -26.58 7.81
CA ILE B 17 1.41 -27.50 7.72
C ILE B 17 1.36 -28.40 8.94
N GLU B 18 2.51 -28.93 9.37
CA GLU B 18 2.51 -29.89 10.47
C GLU B 18 2.24 -29.24 11.82
N VAL B 19 2.59 -27.95 11.97
CA VAL B 19 2.28 -27.25 13.21
C VAL B 19 0.76 -27.13 13.38
N GLY B 20 0.05 -26.90 12.29
CA GLY B 20 -1.40 -26.80 12.36
C GLY B 20 -1.97 -25.57 11.68
N CYS B 21 -1.19 -24.95 10.81
CA CYS B 21 -1.69 -23.83 10.02
C CYS B 21 -2.73 -24.32 9.03
N ARG B 22 -3.84 -23.59 8.91
CA ARG B 22 -4.95 -24.01 8.06
C ARG B 22 -5.49 -22.85 7.23
N PHE B 23 -4.64 -21.89 6.88
CA PHE B 23 -5.05 -20.77 6.06
C PHE B 23 -3.82 -20.08 5.50
N PHE B 24 -3.92 -19.63 4.25
CA PHE B 24 -2.83 -18.92 3.59
C PHE B 24 -3.43 -17.85 2.67
N GLY B 25 -2.68 -16.77 2.50
CA GLY B 25 -3.07 -15.71 1.59
C GLY B 25 -1.92 -14.78 1.28
N GLY B 26 -1.68 -14.51 0.00
CA GLY B 26 -0.57 -13.65 -0.35
C GLY B 26 -0.54 -13.38 -1.84
N TYR B 27 0.57 -12.80 -2.28
CA TYR B 27 0.80 -12.43 -3.67
C TYR B 27 2.11 -13.03 -4.14
N PRO B 28 2.16 -13.53 -5.38
CA PRO B 28 3.38 -14.19 -5.87
C PRO B 28 4.48 -13.17 -6.18
N ILE B 29 5.68 -13.46 -5.69
CA ILE B 29 6.83 -12.60 -5.95
C ILE B 29 8.12 -13.38 -5.74
N THR B 30 9.05 -13.27 -6.69
CA THR B 30 10.35 -13.91 -6.55
C THR B 30 11.13 -13.26 -5.42
N PRO B 31 11.81 -14.05 -4.56
CA PRO B 31 11.92 -15.51 -4.57
C PRO B 31 11.08 -16.20 -3.51
N SER B 32 10.00 -15.57 -3.02
CA SER B 32 9.15 -16.15 -2.00
C SER B 32 7.89 -16.79 -2.59
N SER B 33 8.00 -17.38 -3.79
CA SER B 33 6.86 -17.97 -4.45
C SER B 33 6.74 -19.48 -4.22
N ASP B 34 7.86 -20.15 -3.94
CA ASP B 34 7.82 -21.60 -3.74
C ASP B 34 6.99 -21.98 -2.52
N ILE B 35 6.98 -21.14 -1.49
CA ILE B 35 6.14 -21.39 -0.33
C ILE B 35 4.67 -21.38 -0.72
N MET B 36 4.27 -20.38 -1.53
CA MET B 36 2.89 -20.32 -1.99
C MET B 36 2.54 -21.52 -2.86
N HIS B 37 3.47 -21.94 -3.72
CA HIS B 37 3.23 -23.11 -4.56
C HIS B 37 3.01 -24.37 -3.71
N ALA B 38 3.86 -24.56 -2.70
CA ALA B 38 3.71 -25.73 -1.84
C ALA B 38 2.43 -25.68 -1.04
N MET B 39 2.07 -24.50 -0.52
CA MET B 39 0.86 -24.38 0.29
C MET B 39 -0.39 -24.61 -0.56
N SER B 40 -0.40 -24.15 -1.80
CA SER B 40 -1.56 -24.31 -2.65
C SER B 40 -1.90 -25.76 -2.94
N VAL B 41 -0.95 -26.68 -2.71
CA VAL B 41 -1.18 -28.10 -2.95
C VAL B 41 -1.30 -28.83 -1.62
N ALA B 42 -0.69 -28.29 -0.57
CA ALA B 42 -0.71 -28.95 0.72
C ALA B 42 -1.88 -28.57 1.61
N LEU B 43 -2.57 -27.46 1.31
CA LEU B 43 -3.69 -27.02 2.13
C LEU B 43 -4.97 -27.81 1.84
N PRO B 44 -5.29 -28.09 0.56
CA PRO B 44 -6.45 -28.97 0.31
C PRO B 44 -6.28 -30.38 0.85
N LYS B 45 -5.05 -30.81 1.14
CA LYS B 45 -4.83 -32.11 1.75
C LYS B 45 -5.59 -32.23 3.07
N CYS B 46 -5.45 -31.24 3.94
CA CYS B 46 -6.00 -31.29 5.28
C CYS B 46 -7.28 -30.47 5.43
N GLY B 47 -7.90 -30.07 4.33
CA GLY B 47 -9.11 -29.28 4.39
C GLY B 47 -8.93 -27.81 4.63
N GLY B 48 -7.69 -27.31 4.51
CA GLY B 48 -7.46 -25.88 4.69
C GLY B 48 -7.89 -25.06 3.49
N HIS B 49 -7.80 -23.75 3.65
CA HIS B 49 -8.20 -22.80 2.62
C HIS B 49 -6.97 -22.03 2.14
N PHE B 50 -6.72 -22.08 0.83
CA PHE B 50 -5.69 -21.27 0.20
C PHE B 50 -6.35 -20.30 -0.77
N ILE B 51 -5.87 -19.06 -0.79
CA ILE B 51 -6.43 -18.05 -1.68
C ILE B 51 -5.35 -17.06 -2.04
N GLN B 52 -5.21 -16.78 -3.33
CA GLN B 52 -4.28 -15.78 -3.83
C GLN B 52 -5.05 -14.51 -4.14
N MET B 53 -4.73 -13.43 -3.44
CA MET B 53 -5.47 -12.18 -3.58
C MET B 53 -4.87 -11.34 -4.70
N GLU B 54 -5.39 -10.12 -4.87
CA GLU B 54 -4.96 -9.23 -5.93
C GLU B 54 -3.71 -8.43 -5.60
N ASP B 55 -3.31 -8.38 -4.34
CA ASP B 55 -2.11 -7.66 -3.93
C ASP B 55 -1.65 -8.21 -2.59
N GLU B 56 -0.71 -7.51 -1.96
CA GLU B 56 -0.17 -7.96 -0.67
C GLU B 56 -0.99 -7.43 0.50
N ILE B 57 -1.58 -6.24 0.36
CA ILE B 57 -2.43 -5.70 1.41
C ILE B 57 -3.59 -6.64 1.70
N SER B 58 -4.29 -7.06 0.64
CA SER B 58 -5.36 -8.04 0.82
C SER B 58 -4.80 -9.38 1.28
N GLY B 59 -3.60 -9.74 0.79
CA GLY B 59 -3.01 -11.01 1.17
C GLY B 59 -2.79 -11.13 2.66
N ILE B 60 -2.39 -10.03 3.30
CA ILE B 60 -2.23 -10.06 4.76
C ILE B 60 -3.54 -9.77 5.49
N SER B 61 -4.45 -9.00 4.88
CA SER B 61 -5.72 -8.71 5.53
C SER B 61 -6.58 -9.96 5.67
N VAL B 62 -6.60 -10.81 4.64
CA VAL B 62 -7.39 -12.04 4.72
C VAL B 62 -6.81 -12.99 5.76
N SER B 63 -5.48 -13.05 5.86
CA SER B 63 -4.85 -13.88 6.88
C SER B 63 -5.18 -13.37 8.28
N LEU B 64 -5.14 -12.04 8.47
CA LEU B 64 -5.51 -11.47 9.76
C LEU B 64 -6.96 -11.77 10.11
N GLY B 65 -7.86 -11.63 9.13
CA GLY B 65 -9.25 -11.95 9.38
C GLY B 65 -9.47 -13.41 9.72
N ALA B 66 -8.78 -14.31 9.01
CA ALA B 66 -8.90 -15.74 9.29
C ALA B 66 -8.39 -16.09 10.68
N SER B 67 -7.24 -15.53 11.07
CA SER B 67 -6.66 -15.82 12.37
C SER B 67 -7.32 -15.05 13.50
N MET B 68 -8.17 -14.07 13.19
CA MET B 68 -8.91 -13.36 14.22
C MET B 68 -10.04 -14.21 14.79
N SER B 69 -10.57 -15.14 13.99
CA SER B 69 -11.68 -15.98 14.40
C SER B 69 -11.23 -17.31 15.02
N GLY B 70 -9.94 -17.57 15.08
CA GLY B 70 -9.42 -18.75 15.74
C GLY B 70 -8.75 -19.80 14.85
N THR B 71 -8.33 -19.43 13.65
CA THR B 71 -7.67 -20.36 12.73
C THR B 71 -6.21 -19.99 12.60
N LYS B 72 -5.33 -20.99 12.71
CA LYS B 72 -3.91 -20.76 12.58
C LYS B 72 -3.57 -20.47 11.11
N SER B 73 -3.06 -19.27 10.85
CA SER B 73 -2.76 -18.83 9.50
C SER B 73 -1.34 -18.29 9.43
N MET B 74 -0.90 -18.04 8.19
CA MET B 74 0.44 -17.54 7.93
C MET B 74 0.43 -16.80 6.60
N THR B 75 1.45 -15.96 6.41
CA THR B 75 1.64 -15.26 5.15
C THR B 75 3.12 -15.22 4.82
N ALA B 76 3.43 -15.11 3.53
CA ALA B 76 4.81 -15.10 3.07
C ALA B 76 4.96 -14.07 1.95
N SER B 77 6.08 -13.35 1.98
CA SER B 77 6.39 -12.36 0.96
C SER B 77 7.90 -12.11 0.98
N SER B 78 8.33 -11.18 0.13
CA SER B 78 9.75 -10.88 0.01
C SER B 78 9.92 -9.43 -0.42
N GLY B 79 10.84 -8.72 0.24
CA GLY B 79 11.23 -7.38 -0.15
C GLY B 79 10.06 -6.42 -0.28
N PRO B 80 9.82 -5.95 -1.51
CA PRO B 80 8.80 -4.91 -1.70
C PRO B 80 7.43 -5.28 -1.17
N GLY B 81 7.03 -6.55 -1.29
CA GLY B 81 5.76 -6.97 -0.74
C GLY B 81 5.62 -6.67 0.74
N ILE B 82 6.69 -6.93 1.50
CA ILE B 82 6.67 -6.62 2.94
C ILE B 82 6.44 -5.13 3.15
N SER B 83 7.03 -4.30 2.28
CA SER B 83 6.86 -2.86 2.39
C SER B 83 5.41 -2.44 2.24
N LEU B 84 4.56 -3.29 1.65
CA LEU B 84 3.16 -2.98 1.51
C LEU B 84 2.32 -3.47 2.68
N LYS B 85 2.85 -4.37 3.51
CA LYS B 85 2.11 -4.92 4.63
C LYS B 85 2.25 -4.13 5.92
N VAL B 86 3.20 -3.20 5.99
CA VAL B 86 3.51 -2.52 7.24
C VAL B 86 2.33 -1.76 7.81
N GLU B 87 1.33 -1.44 6.98
CA GLU B 87 0.13 -0.79 7.50
C GLU B 87 -0.64 -1.75 8.40
N GLN B 88 -0.89 -2.98 7.92
CA GLN B 88 -1.70 -3.91 8.68
C GLN B 88 -0.95 -4.53 9.84
N ILE B 89 0.37 -4.66 9.74
CA ILE B 89 1.16 -5.31 10.78
C ILE B 89 0.95 -4.61 12.12
N GLY B 90 1.02 -3.28 12.11
CA GLY B 90 0.76 -2.53 13.34
C GLY B 90 -0.61 -2.82 13.92
N TYR B 91 -1.61 -2.93 13.05
CA TYR B 91 -2.94 -3.33 13.51
C TYR B 91 -2.87 -4.68 14.22
N SER B 92 -2.19 -5.65 13.62
CA SER B 92 -2.03 -6.95 14.27
C SER B 92 -1.29 -6.83 15.59
N PHE B 93 -0.44 -5.81 15.73
CA PHE B 93 0.24 -5.58 16.99
C PHE B 93 -0.70 -4.96 18.02
N MET B 94 -1.64 -4.13 17.59
CA MET B 94 -2.49 -3.41 18.52
C MET B 94 -3.72 -4.20 18.95
N ALA B 95 -4.32 -4.94 18.03
CA ALA B 95 -5.45 -5.79 18.34
C ALA B 95 -5.03 -7.15 18.90
N GLU B 96 -3.73 -7.45 18.89
CA GLU B 96 -3.19 -8.71 19.41
C GLU B 96 -3.79 -9.91 18.68
N ILE B 97 -3.53 -9.95 17.37
CA ILE B 97 -3.98 -11.02 16.49
C ILE B 97 -2.74 -11.80 16.05
N PRO B 98 -2.61 -13.08 16.42
CA PRO B 98 -1.40 -13.83 16.05
C PRO B 98 -1.26 -13.97 14.54
N LEU B 99 -0.01 -13.95 14.09
CA LEU B 99 0.31 -14.08 12.67
C LEU B 99 1.79 -14.40 12.53
N VAL B 100 2.12 -15.18 11.51
CA VAL B 100 3.50 -15.49 11.16
C VAL B 100 3.75 -14.99 9.74
N ILE B 101 4.74 -14.13 9.59
CA ILE B 101 5.05 -13.51 8.30
C ILE B 101 6.46 -13.93 7.91
N ALA B 102 6.58 -14.71 6.84
CA ALA B 102 7.87 -15.12 6.32
C ALA B 102 8.37 -14.11 5.30
N ASP B 103 9.65 -13.77 5.39
CA ASP B 103 10.26 -12.76 4.52
C ASP B 103 11.58 -13.32 3.98
N VAL B 104 11.57 -13.75 2.72
CA VAL B 104 12.78 -14.23 2.05
C VAL B 104 13.53 -13.00 1.55
N MET B 105 14.61 -12.65 2.24
CA MET B 105 15.32 -11.41 1.93
C MET B 105 16.00 -11.50 0.57
N ARG B 106 15.93 -10.40 -0.19
CA ARG B 106 16.65 -10.29 -1.45
C ARG B 106 17.39 -8.97 -1.50
N SER B 107 17.95 -8.63 -2.66
CA SER B 107 18.82 -7.46 -2.78
C SER B 107 18.00 -6.18 -2.78
N GLY B 108 17.94 -5.52 -1.64
CA GLY B 108 17.42 -4.17 -1.58
C GLY B 108 18.45 -3.16 -2.06
N PRO B 109 18.01 -1.92 -2.30
CA PRO B 109 16.67 -1.29 -2.18
C PRO B 109 15.67 -1.77 -3.22
N SER B 110 14.73 -0.90 -3.61
CA SER B 110 13.67 -1.24 -4.56
C SER B 110 14.25 -1.88 -5.81
N THR B 111 13.39 -2.45 -6.65
CA THR B 111 13.59 -3.78 -7.23
C THR B 111 15.05 -4.19 -7.36
N GLY B 112 15.89 -3.36 -7.95
CA GLY B 112 17.33 -3.62 -7.92
C GLY B 112 17.74 -4.93 -8.57
N MET B 113 18.13 -5.91 -7.75
CA MET B 113 18.60 -7.22 -8.21
C MET B 113 17.66 -8.28 -7.65
N PRO B 114 16.58 -8.61 -8.35
CA PRO B 114 15.58 -9.55 -7.81
C PRO B 114 16.09 -10.96 -7.62
N THR B 115 17.18 -11.36 -8.29
CA THR B 115 17.68 -12.72 -8.25
C THR B 115 18.94 -12.87 -7.40
N ARG B 116 19.18 -11.95 -6.47
CA ARG B 116 20.36 -11.96 -5.63
C ARG B 116 19.95 -12.13 -4.17
N VAL B 117 20.97 -12.15 -3.30
CA VAL B 117 20.79 -12.43 -1.87
C VAL B 117 21.38 -11.28 -1.07
N ALA B 118 20.66 -10.82 -0.05
CA ALA B 118 21.13 -9.75 0.81
C ALA B 118 20.42 -9.87 2.15
N GLN B 119 20.97 -9.15 3.15
CA GLN B 119 20.43 -9.12 4.50
C GLN B 119 20.03 -7.71 4.89
N GLY B 120 19.40 -6.98 3.97
CA GLY B 120 19.07 -5.59 4.15
C GLY B 120 17.72 -5.31 4.81
N ASP B 121 17.02 -6.33 5.28
CA ASP B 121 15.70 -6.17 5.89
C ASP B 121 15.74 -6.42 7.39
N VAL B 122 16.80 -5.97 8.07
CA VAL B 122 16.93 -6.18 9.50
C VAL B 122 16.49 -4.93 10.24
N ASN B 123 17.16 -3.81 9.97
CA ASN B 123 16.75 -2.55 10.59
C ASN B 123 15.37 -2.12 10.13
N PHE B 124 14.95 -2.54 8.94
CA PHE B 124 13.61 -2.24 8.47
C PHE B 124 12.56 -2.90 9.35
N LEU B 125 12.75 -4.17 9.67
CA LEU B 125 11.79 -4.90 10.50
C LEU B 125 12.03 -4.72 11.99
N LYS B 126 13.12 -4.07 12.37
CA LYS B 126 13.30 -3.70 13.78
C LYS B 126 12.20 -2.76 14.25
N HIS B 127 11.80 -1.84 13.37
CA HIS B 127 10.76 -0.84 13.70
C HIS B 127 10.07 -0.42 12.41
N PRO B 128 9.24 -1.30 11.84
CA PRO B 128 8.68 -1.03 10.51
C PRO B 128 7.48 -0.09 10.50
N ILE B 129 6.70 -0.08 11.58
CA ILE B 129 5.45 0.65 11.63
C ILE B 129 5.67 1.99 12.33
N HIS B 130 4.71 2.89 12.16
CA HIS B 130 4.74 4.17 12.85
C HIS B 130 4.27 4.00 14.29
N GLY B 131 4.58 5.00 15.11
CA GLY B 131 4.27 4.88 16.52
C GLY B 131 5.23 3.92 17.21
N ASP B 132 4.85 3.49 18.40
CA ASP B 132 5.66 2.56 19.16
C ASP B 132 5.39 1.13 18.72
N PHE B 133 6.44 0.31 18.76
CA PHE B 133 6.34 -1.07 18.28
C PHE B 133 7.48 -1.88 18.87
N LYS B 134 7.15 -3.02 19.46
CA LYS B 134 8.13 -3.98 19.96
C LYS B 134 8.17 -5.16 19.01
N ALA B 135 9.36 -5.46 18.49
CA ALA B 135 9.50 -6.40 17.39
C ALA B 135 10.03 -7.74 17.89
N VAL B 136 9.46 -8.82 17.35
CA VAL B 136 9.96 -10.17 17.54
C VAL B 136 10.25 -10.73 16.15
N ALA B 137 11.49 -11.19 15.95
CA ALA B 137 11.90 -11.68 14.64
C ALA B 137 12.96 -12.76 14.80
N LEU B 138 12.76 -13.88 14.12
CA LEU B 138 13.69 -14.99 14.15
C LEU B 138 14.62 -14.90 12.94
N ALA B 139 15.57 -15.84 12.87
CA ALA B 139 16.53 -15.82 11.78
C ALA B 139 17.09 -17.21 11.52
N PRO B 140 16.45 -18.00 10.66
CA PRO B 140 17.01 -19.31 10.30
C PRO B 140 18.38 -19.16 9.64
N ALA B 141 19.27 -20.10 9.93
CA ALA B 141 20.62 -20.04 9.38
C ALA B 141 21.10 -21.39 8.88
N SER B 142 20.20 -22.35 8.65
CA SER B 142 20.58 -23.66 8.17
C SER B 142 19.35 -24.34 7.59
N LEU B 143 19.57 -25.44 6.88
CA LEU B 143 18.46 -26.21 6.34
C LEU B 143 17.72 -26.95 7.45
N GLU B 144 18.44 -27.48 8.43
CA GLU B 144 17.79 -28.15 9.56
C GLU B 144 17.02 -27.20 10.44
N GLU B 145 17.29 -25.89 10.34
CA GLU B 145 16.62 -24.90 11.17
C GLU B 145 15.39 -24.30 10.50
N ALA B 146 15.19 -24.50 9.20
CA ALA B 146 14.01 -23.97 8.53
C ALA B 146 12.73 -24.60 9.05
N TYR B 147 12.83 -25.76 9.71
CA TYR B 147 11.70 -26.47 10.28
C TYR B 147 11.47 -26.09 11.74
N THR B 148 12.51 -26.24 12.56
CA THR B 148 12.39 -25.94 13.99
C THR B 148 12.14 -24.46 14.22
N GLU B 149 12.76 -23.59 13.41
CA GLU B 149 12.52 -22.15 13.57
C GLU B 149 11.09 -21.79 13.23
N THR B 150 10.51 -22.43 12.21
CA THR B 150 9.10 -22.19 11.89
C THR B 150 8.20 -22.66 13.02
N VAL B 151 8.50 -23.83 13.59
CA VAL B 151 7.72 -24.33 14.73
C VAL B 151 7.81 -23.35 15.90
N ARG B 152 9.02 -22.86 16.19
CA ARG B 152 9.20 -21.92 17.29
C ARG B 152 8.47 -20.61 17.02
N ALA B 153 8.50 -20.15 15.77
CA ALA B 153 7.79 -18.91 15.43
C ALA B 153 6.29 -19.07 15.63
N PHE B 154 5.73 -20.20 15.21
CA PHE B 154 4.30 -20.43 15.44
C PHE B 154 3.98 -20.50 16.92
N ASN B 155 4.81 -21.19 17.70
CA ASN B 155 4.58 -21.28 19.14
C ASN B 155 4.66 -19.91 19.81
N LEU B 156 5.64 -19.10 19.42
CA LEU B 156 5.78 -17.77 20.00
C LEU B 156 4.60 -16.88 19.62
N ALA B 157 4.14 -16.97 18.36
CA ALA B 157 3.00 -16.16 17.94
C ALA B 157 1.74 -16.56 18.70
N GLU B 158 1.58 -17.86 18.98
CA GLU B 158 0.41 -18.30 19.73
C GLU B 158 0.51 -17.90 21.20
N MET B 159 1.72 -17.95 21.77
CA MET B 159 1.88 -17.67 23.20
C MET B 159 1.78 -16.18 23.49
N LEU B 160 2.40 -15.34 22.67
CA LEU B 160 2.42 -13.91 22.91
C LEU B 160 1.30 -13.15 22.22
N MET B 161 0.58 -13.80 21.29
CA MET B 161 -0.49 -13.16 20.52
C MET B 161 0.00 -11.89 19.82
N THR B 162 1.16 -12.00 19.19
CA THR B 162 1.78 -10.90 18.47
C THR B 162 2.33 -11.41 17.15
N PRO B 163 2.37 -10.57 16.12
CA PRO B 163 2.95 -11.00 14.84
C PRO B 163 4.43 -11.33 14.99
N VAL B 164 4.86 -12.38 14.29
CA VAL B 164 6.23 -12.87 14.36
C VAL B 164 6.78 -12.96 12.95
N PHE B 165 7.94 -12.34 12.72
CA PHE B 165 8.60 -12.39 11.43
C PHE B 165 9.59 -13.55 11.38
N LEU B 166 9.73 -14.13 10.20
CA LEU B 166 10.69 -15.21 9.93
C LEU B 166 11.62 -14.71 8.84
N LEU B 167 12.83 -14.31 9.23
CA LEU B 167 13.80 -13.72 8.30
C LEU B 167 14.54 -14.82 7.55
N MET B 168 13.81 -15.46 6.64
CA MET B 168 14.40 -16.48 5.78
C MET B 168 15.27 -15.81 4.72
N ASP B 169 16.22 -16.58 4.18
CA ASP B 169 17.19 -16.05 3.24
C ASP B 169 17.10 -16.78 1.89
N GLU B 170 17.51 -16.08 0.84
CA GLU B 170 17.49 -16.67 -0.50
C GLU B 170 18.43 -17.86 -0.60
N THR B 171 19.62 -17.74 -0.02
CA THR B 171 20.58 -18.85 -0.04
C THR B 171 20.01 -20.07 0.67
N VAL B 172 19.43 -19.87 1.85
CA VAL B 172 18.79 -20.95 2.58
C VAL B 172 17.55 -21.44 1.83
N GLY B 173 16.84 -20.52 1.18
CA GLY B 173 15.61 -20.90 0.50
C GLY B 173 15.84 -21.80 -0.71
N HIS B 174 16.91 -21.55 -1.46
CA HIS B 174 17.12 -22.26 -2.71
C HIS B 174 18.15 -23.38 -2.61
N MET B 175 18.82 -23.53 -1.48
CA MET B 175 19.74 -24.66 -1.33
C MET B 175 18.97 -25.96 -1.16
N TYR B 176 19.45 -27.02 -1.81
CA TYR B 176 18.76 -28.29 -1.87
C TYR B 176 19.68 -29.36 -1.30
N GLY B 177 19.19 -30.11 -0.31
CA GLY B 177 20.02 -31.12 0.29
C GLY B 177 19.24 -31.99 1.26
N LYS B 178 19.98 -32.83 1.98
CA LYS B 178 19.42 -33.78 2.93
C LYS B 178 19.42 -33.16 4.32
N VAL B 179 18.28 -33.29 5.02
CA VAL B 179 18.08 -32.69 6.32
C VAL B 179 17.46 -33.72 7.25
N GLN B 180 17.63 -33.48 8.55
CA GLN B 180 17.02 -34.28 9.61
C GLN B 180 16.04 -33.42 10.38
N ILE B 181 14.84 -33.93 10.61
CA ILE B 181 13.80 -33.18 11.31
C ILE B 181 13.22 -34.06 12.41
N PRO B 182 12.66 -33.48 13.48
CA PRO B 182 12.11 -34.30 14.56
C PRO B 182 10.89 -35.07 14.12
N ASP B 183 10.59 -36.11 14.88
CA ASP B 183 9.48 -37.00 14.55
C ASP B 183 8.14 -36.28 14.73
N LEU B 184 7.10 -36.83 14.11
CA LEU B 184 5.78 -36.21 14.15
C LEU B 184 5.24 -36.14 15.57
N GLU B 185 5.46 -37.19 16.36
CA GLU B 185 4.94 -37.20 17.73
C GLU B 185 5.53 -36.07 18.56
N GLU B 186 6.84 -35.83 18.44
CA GLU B 186 7.46 -34.75 19.19
C GLU B 186 6.94 -33.38 18.77
N VAL B 187 6.74 -33.18 17.47
CA VAL B 187 6.23 -31.90 16.98
C VAL B 187 4.80 -31.68 17.48
N GLN B 188 3.97 -32.72 17.40
CA GLN B 188 2.58 -32.57 17.83
C GLN B 188 2.47 -32.44 19.35
N LYS B 189 3.44 -32.96 20.09
CA LYS B 189 3.42 -32.83 21.54
C LYS B 189 3.81 -31.43 22.00
N MET B 190 4.77 -30.81 21.31
CA MET B 190 5.28 -29.50 21.70
C MET B 190 4.44 -28.35 21.17
N THR B 191 3.40 -28.61 20.39
CA THR B 191 2.57 -27.54 19.84
C THR B 191 1.87 -26.78 20.96
N ILE B 192 1.80 -25.46 20.80
CA ILE B 192 1.18 -24.58 21.79
C ILE B 192 0.01 -23.86 21.13
N ASN B 193 -1.17 -23.94 21.75
CA ASN B 193 -2.36 -23.29 21.26
C ASN B 193 -2.71 -22.09 22.15
N ARG B 194 -3.47 -21.16 21.58
CA ARG B 194 -3.85 -19.97 22.32
C ARG B 194 -4.88 -20.31 23.40
N LYS B 195 -4.93 -19.45 24.42
CA LYS B 195 -5.79 -19.67 25.57
C LYS B 195 -7.24 -19.40 25.22
N GLU B 196 -8.15 -20.03 25.98
CA GLU B 196 -9.58 -19.85 25.82
C GLU B 196 -10.21 -19.65 27.19
N PHE B 197 -11.27 -18.85 27.24
CA PHE B 197 -11.99 -18.60 28.50
C PHE B 197 -13.24 -19.48 28.51
N VAL B 198 -13.12 -20.64 29.16
CA VAL B 198 -14.23 -21.59 29.21
C VAL B 198 -15.34 -21.12 30.15
N GLY B 199 -15.04 -20.16 31.04
CA GLY B 199 -15.97 -19.74 32.07
C GLY B 199 -17.34 -19.29 31.61
N ASP B 200 -18.25 -19.09 32.57
CA ASP B 200 -19.65 -18.83 32.27
C ASP B 200 -19.83 -17.37 31.87
N LYS B 201 -21.09 -16.92 31.80
CA LYS B 201 -21.45 -15.57 31.40
C LYS B 201 -20.92 -15.27 30.00
N LYS B 202 -19.82 -14.53 29.93
CA LYS B 202 -19.22 -14.13 28.68
C LYS B 202 -17.80 -13.69 28.98
N ASP B 203 -16.95 -13.69 27.96
CA ASP B 203 -15.57 -13.24 28.12
C ASP B 203 -15.53 -11.90 28.85
N TYR B 204 -16.06 -10.87 28.21
CA TYR B 204 -16.30 -9.56 28.81
C TYR B 204 -15.01 -8.86 29.24
N LYS B 205 -13.90 -9.62 29.26
CA LYS B 205 -12.59 -9.12 29.69
C LYS B 205 -11.50 -9.65 28.74
N PRO B 206 -11.66 -9.46 27.43
CA PRO B 206 -10.59 -9.94 26.53
C PRO B 206 -9.26 -9.26 26.76
N TYR B 207 -9.27 -7.99 27.16
CA TYR B 207 -8.04 -7.23 27.42
C TYR B 207 -7.88 -6.91 28.90
N GLY B 208 -8.69 -7.50 29.77
CA GLY B 208 -8.56 -7.30 31.20
C GLY B 208 -7.62 -8.28 31.85
N VAL B 209 -6.33 -8.17 31.54
CA VAL B 209 -5.32 -9.09 32.05
C VAL B 209 -4.31 -8.33 32.89
N ALA B 210 -3.32 -9.04 33.43
CA ALA B 210 -2.30 -8.43 34.26
C ALA B 210 -1.35 -7.61 33.38
N GLN B 211 -0.30 -7.09 33.99
CA GLN B 211 0.64 -6.20 33.31
C GLN B 211 1.73 -6.93 32.55
N ASP B 212 1.73 -8.26 32.57
CA ASP B 212 2.78 -9.01 31.88
C ASP B 212 2.25 -10.20 31.10
N GLU B 213 0.97 -10.21 30.75
CA GLU B 213 0.38 -11.31 30.00
C GLU B 213 -0.44 -10.75 28.84
N PRO B 214 -0.54 -11.51 27.74
CA PRO B 214 -1.30 -11.05 26.59
C PRO B 214 -2.80 -11.19 26.83
N ALA B 215 -3.57 -10.87 25.78
CA ALA B 215 -5.02 -10.93 25.82
C ALA B 215 -5.51 -12.35 25.58
N VAL B 216 -6.70 -12.65 26.10
CA VAL B 216 -7.36 -13.93 25.88
C VAL B 216 -8.52 -13.69 24.93
N LEU B 217 -8.43 -14.25 23.72
CA LEU B 217 -9.44 -14.06 22.68
C LEU B 217 -10.05 -15.41 22.33
N ASN B 218 -11.38 -15.49 22.40
CA ASN B 218 -12.11 -16.70 22.06
C ASN B 218 -12.52 -16.68 20.59
N PRO B 219 -12.69 -17.86 19.98
CA PRO B 219 -13.11 -17.90 18.58
C PRO B 219 -14.48 -17.27 18.38
N PHE B 220 -14.68 -16.71 17.20
CA PHE B 220 -15.95 -16.09 16.85
C PHE B 220 -17.04 -17.15 16.72
N PHE B 221 -18.29 -16.69 16.76
CA PHE B 221 -19.46 -17.55 16.61
C PHE B 221 -19.47 -18.67 17.64
N LYS B 222 -19.25 -18.31 18.90
CA LYS B 222 -19.25 -19.30 19.98
C LYS B 222 -20.02 -18.84 21.22
N GLY B 223 -20.58 -17.64 21.23
CA GLY B 223 -21.33 -17.18 22.38
C GLY B 223 -20.74 -15.94 23.03
N TYR B 224 -19.42 -15.85 23.02
CA TYR B 224 -18.72 -14.71 23.62
C TYR B 224 -18.57 -13.62 22.55
N ARG B 225 -19.24 -12.49 22.75
CA ARG B 225 -19.23 -11.39 21.80
C ARG B 225 -18.36 -10.27 22.36
N TYR B 226 -17.33 -9.89 21.61
CA TYR B 226 -16.44 -8.80 21.97
C TYR B 226 -16.12 -7.99 20.74
N HIS B 227 -15.79 -6.72 20.95
CA HIS B 227 -15.50 -5.79 19.86
C HIS B 227 -14.00 -5.55 19.77
N VAL B 228 -13.44 -5.81 18.60
CA VAL B 228 -12.01 -5.63 18.35
C VAL B 228 -11.81 -4.42 17.45
N SER B 229 -10.71 -3.71 17.70
CA SER B 229 -10.39 -2.51 16.94
C SER B 229 -8.91 -2.21 17.11
N GLY B 230 -8.41 -1.31 16.27
CA GLY B 230 -7.04 -0.84 16.34
C GLY B 230 -6.82 0.39 17.18
N LEU B 231 -7.88 1.03 17.64
CA LEU B 231 -7.76 2.20 18.51
C LEU B 231 -7.37 1.76 19.93
N HIS B 232 -7.00 2.74 20.75
CA HIS B 232 -6.73 2.45 22.15
C HIS B 232 -8.01 1.96 22.83
N HIS B 233 -8.01 0.72 23.29
CA HIS B 233 -9.21 0.06 23.79
C HIS B 233 -9.13 -0.19 25.28
N GLY B 234 -10.30 -0.25 25.91
CA GLY B 234 -10.39 -0.55 27.32
C GLY B 234 -10.45 -2.03 27.59
N PRO B 235 -10.98 -2.42 28.74
CA PRO B 235 -11.05 -3.85 29.08
C PRO B 235 -11.85 -4.68 28.08
N ILE B 236 -12.91 -4.11 27.50
CA ILE B 236 -13.77 -4.86 26.58
C ILE B 236 -13.26 -4.77 25.15
N GLY B 237 -12.83 -3.58 24.73
CA GLY B 237 -12.33 -3.42 23.38
C GLY B 237 -12.81 -2.15 22.71
N PHE B 238 -13.75 -1.46 23.34
CA PHE B 238 -14.27 -0.23 22.79
C PHE B 238 -13.20 0.86 22.85
N PRO B 239 -13.15 1.74 21.85
CA PRO B 239 -12.09 2.75 21.81
C PRO B 239 -12.17 3.71 22.99
N THR B 240 -11.00 4.18 23.41
CA THR B 240 -10.90 5.11 24.53
C THR B 240 -9.75 6.07 24.28
N GLU B 241 -9.77 7.19 25.00
CA GLU B 241 -8.72 8.20 24.89
C GLU B 241 -8.25 8.70 26.25
N ASP B 242 -8.54 7.95 27.31
CA ASP B 242 -8.10 8.35 28.64
C ASP B 242 -6.58 8.25 28.74
N ALA B 243 -5.98 9.20 29.46
CA ALA B 243 -4.53 9.22 29.59
C ALA B 243 -4.01 7.98 30.31
N LYS B 244 -4.66 7.59 31.41
CA LYS B 244 -4.18 6.46 32.19
C LYS B 244 -4.26 5.16 31.39
N ILE B 245 -5.42 4.87 30.81
CA ILE B 245 -5.58 3.64 30.03
C ILE B 245 -4.69 3.66 28.79
N GLY B 246 -4.61 4.80 28.11
CA GLY B 246 -3.78 4.90 26.93
C GLY B 246 -2.31 4.67 27.22
N GLY B 247 -1.83 5.22 28.34
CA GLY B 247 -0.44 5.01 28.71
C GLY B 247 -0.18 3.65 29.29
N ASP B 248 -1.19 3.00 29.87
CA ASP B 248 -1.01 1.68 30.45
C ASP B 248 -1.04 0.58 29.38
N LEU B 249 -1.83 0.77 28.31
CA LEU B 249 -1.94 -0.25 27.29
C LEU B 249 -0.61 -0.51 26.60
N ILE B 250 0.09 0.56 26.22
CA ILE B 250 1.37 0.38 25.53
C ILE B 250 2.42 -0.18 26.47
N ASP B 251 2.37 0.22 27.75
CA ASP B 251 3.29 -0.34 28.73
C ASP B 251 3.07 -1.83 28.90
N ARG B 252 1.81 -2.27 28.96
CA ARG B 252 1.52 -3.69 29.04
C ARG B 252 1.99 -4.42 27.79
N LEU B 253 1.77 -3.81 26.62
CA LEU B 253 2.20 -4.45 25.37
C LEU B 253 3.70 -4.62 25.33
N PHE B 254 4.46 -3.65 25.84
CA PHE B 254 5.91 -3.79 25.90
C PHE B 254 6.32 -4.83 26.94
N HIS B 255 5.69 -4.81 28.11
CA HIS B 255 6.11 -5.67 29.21
C HIS B 255 5.79 -7.14 28.94
N LYS B 256 4.71 -7.42 28.21
CA LYS B 256 4.37 -8.81 27.89
C LYS B 256 5.40 -9.45 26.98
N ILE B 257 6.21 -8.65 26.29
CA ILE B 257 7.24 -9.15 25.40
C ILE B 257 8.62 -9.11 26.04
N GLU B 258 8.90 -8.06 26.83
CA GLU B 258 10.20 -7.92 27.45
C GLU B 258 10.32 -8.68 28.77
N SER B 259 9.29 -9.41 29.19
CA SER B 259 9.35 -10.21 30.40
C SER B 259 9.62 -11.68 30.14
N LYS B 260 9.19 -12.19 28.98
CA LYS B 260 9.48 -13.56 28.57
C LYS B 260 10.85 -13.70 27.90
N GLN B 261 11.72 -12.72 28.12
CA GLN B 261 13.03 -12.70 27.46
C GLN B 261 13.85 -13.94 27.78
N ASP B 262 13.58 -14.61 28.90
CA ASP B 262 14.33 -15.81 29.24
C ASP B 262 14.04 -16.97 28.31
N ILE B 263 12.91 -16.95 27.60
CA ILE B 263 12.53 -18.04 26.70
C ILE B 263 12.34 -17.57 25.27
N ILE B 264 12.39 -16.26 25.00
CA ILE B 264 12.12 -15.78 23.66
C ILE B 264 13.33 -15.97 22.74
N ASN B 265 14.50 -15.54 23.19
CA ASN B 265 15.69 -15.53 22.35
C ASN B 265 16.68 -16.61 22.79
N GLU B 266 17.25 -17.30 21.81
CA GLU B 266 18.34 -18.23 22.01
C GLU B 266 19.54 -17.76 21.17
N ASN B 267 20.67 -18.42 21.38
CA ASN B 267 21.88 -18.12 20.63
C ASN B 267 22.84 -19.30 20.74
N GLU B 268 23.67 -19.45 19.72
CA GLU B 268 24.65 -20.53 19.65
C GLU B 268 26.04 -19.94 19.89
N GLU B 269 26.72 -20.43 20.92
CA GLU B 269 28.06 -19.97 21.26
C GLU B 269 29.02 -21.16 21.18
N MET B 270 30.04 -21.03 20.34
CA MET B 270 31.02 -22.09 20.15
C MET B 270 32.43 -21.52 20.30
N ASP B 271 33.30 -22.27 20.97
CA ASP B 271 34.70 -21.91 21.17
C ASP B 271 34.84 -20.56 21.88
N LEU B 272 33.92 -20.25 22.79
CA LEU B 272 33.96 -19.00 23.55
C LEU B 272 34.83 -19.10 24.80
N GLU B 273 35.64 -20.14 24.93
CA GLU B 273 36.54 -20.31 26.07
C GLU B 273 37.97 -20.09 25.60
N GLY B 274 38.64 -19.11 26.19
CA GLY B 274 40.00 -18.79 25.79
C GLY B 274 40.12 -18.16 24.42
N ALA B 275 39.04 -17.58 23.90
CA ALA B 275 39.06 -17.02 22.55
C ALA B 275 39.63 -15.60 22.58
N GLU B 276 40.48 -15.31 21.59
CA GLU B 276 41.03 -13.97 21.44
C GLU B 276 40.09 -13.06 20.65
N ILE B 277 39.45 -13.58 19.61
CA ILE B 277 38.54 -12.82 18.77
C ILE B 277 37.21 -13.55 18.70
N VAL B 278 36.15 -12.80 18.41
CA VAL B 278 34.83 -13.36 18.14
C VAL B 278 34.37 -12.85 16.78
N ILE B 279 33.57 -13.66 16.09
CA ILE B 279 33.24 -13.42 14.70
C ILE B 279 31.70 -13.31 14.67
N ILE B 280 31.15 -12.69 15.71
CA ILE B 280 29.71 -12.56 15.89
C ILE B 280 28.99 -12.21 14.58
N ALA B 281 27.99 -13.00 14.22
CA ALA B 281 27.25 -12.85 12.98
C ALA B 281 25.94 -13.59 13.12
N TYR B 282 25.08 -13.45 12.10
CA TYR B 282 23.75 -14.05 12.13
C TYR B 282 23.35 -14.45 10.72
N GLY B 283 22.36 -15.34 10.65
CA GLY B 283 21.79 -15.73 9.38
C GLY B 283 22.70 -16.62 8.56
N SER B 284 22.41 -16.66 7.25
CA SER B 284 23.12 -17.56 6.34
C SER B 284 24.61 -17.28 6.30
N VAL B 285 25.05 -16.07 6.67
CA VAL B 285 26.47 -15.77 6.70
C VAL B 285 27.20 -16.71 7.64
N SER B 286 26.53 -17.15 8.71
CA SER B 286 27.13 -18.10 9.63
C SER B 286 27.57 -19.37 8.92
N LEU B 287 26.84 -19.78 7.88
CA LEU B 287 27.22 -20.97 7.13
C LEU B 287 28.63 -20.84 6.56
N ALA B 288 29.04 -19.63 6.19
CA ALA B 288 30.42 -19.42 5.80
C ALA B 288 31.35 -19.46 7.00
N VAL B 289 30.96 -18.80 8.09
CA VAL B 289 31.84 -18.69 9.25
C VAL B 289 32.22 -20.07 9.78
N LYS B 290 31.22 -20.93 9.98
CA LYS B 290 31.48 -22.26 10.49
C LYS B 290 32.43 -23.03 9.59
N GLU B 291 32.44 -22.73 8.29
CA GLU B 291 33.42 -23.34 7.41
C GLU B 291 34.81 -22.77 7.65
N ALA B 292 34.91 -21.44 7.72
CA ALA B 292 36.22 -20.80 7.86
C ALA B 292 36.90 -21.20 9.15
N LEU B 293 36.15 -21.23 10.25
CA LEU B 293 36.71 -21.66 11.53
C LEU B 293 37.20 -23.10 11.49
N LYS B 294 36.71 -23.90 10.55
CA LYS B 294 37.20 -25.27 10.41
C LYS B 294 38.57 -25.33 9.77
N ASP B 295 38.99 -24.28 9.04
CA ASP B 295 40.27 -24.27 8.38
C ASP B 295 41.32 -23.41 9.08
N TYR B 296 40.90 -22.47 9.93
CA TYR B 296 41.83 -21.61 10.64
C TYR B 296 42.51 -22.30 11.82
N HIS B 297 42.30 -23.61 11.99
CA HIS B 297 42.98 -24.37 13.02
C HIS B 297 44.37 -24.81 12.60
N LYS B 298 44.76 -24.55 11.35
CA LYS B 298 45.99 -25.11 10.80
C LYS B 298 47.22 -24.64 11.56
N GLU B 299 47.34 -23.33 11.83
CA GLU B 299 48.53 -22.81 12.51
C GLU B 299 48.23 -21.68 13.47
N SER B 300 46.96 -21.34 13.70
CA SER B 300 46.62 -20.15 14.47
C SER B 300 47.03 -20.31 15.92
N LYS B 301 47.93 -19.44 16.38
CA LYS B 301 48.21 -19.35 17.81
C LYS B 301 46.99 -18.86 18.57
N GLN B 302 46.27 -17.90 18.01
CA GLN B 302 45.06 -17.39 18.63
C GLN B 302 43.87 -18.30 18.34
N LYS B 303 42.91 -18.28 19.27
CA LYS B 303 41.68 -19.03 19.13
C LYS B 303 40.52 -18.07 18.87
N VAL B 304 39.66 -18.43 17.92
CA VAL B 304 38.56 -17.57 17.47
C VAL B 304 37.25 -18.20 17.93
N GLY B 305 36.46 -17.42 18.67
CA GLY B 305 35.14 -17.85 19.08
C GLY B 305 34.05 -17.38 18.13
N PHE B 306 32.85 -17.90 18.34
CA PHE B 306 31.71 -17.56 17.49
C PHE B 306 30.46 -17.47 18.35
N PHE B 307 29.73 -16.37 18.21
CA PHE B 307 28.48 -16.14 18.94
C PHE B 307 27.43 -15.71 17.94
N ARG B 308 26.50 -16.61 17.61
CA ARG B 308 25.47 -16.33 16.62
C ARG B 308 24.11 -16.23 17.31
N PRO B 309 23.48 -15.07 17.34
CA PRO B 309 22.11 -14.99 17.87
C PRO B 309 21.14 -15.75 16.97
N LYS B 310 20.12 -16.34 17.60
CA LYS B 310 19.07 -17.04 16.86
C LYS B 310 17.80 -16.22 16.73
N THR B 311 17.53 -15.33 17.68
CA THR B 311 16.41 -14.40 17.60
C THR B 311 17.00 -12.99 17.55
N LEU B 312 16.80 -12.31 16.41
CA LEU B 312 17.39 -11.00 16.23
C LEU B 312 16.76 -9.97 17.16
N TRP B 313 15.43 -9.94 17.21
CA TRP B 313 14.74 -8.99 18.06
C TRP B 313 13.78 -9.71 19.01
N PRO B 314 13.78 -9.35 20.30
CA PRO B 314 14.64 -8.35 20.95
C PRO B 314 16.08 -8.85 21.11
N SER B 315 17.05 -7.95 21.04
CA SER B 315 18.44 -8.36 21.04
C SER B 315 18.86 -8.87 22.41
N PRO B 316 19.82 -9.80 22.45
CA PRO B 316 20.36 -10.27 23.75
C PRO B 316 21.42 -9.33 24.29
N ALA B 317 20.99 -8.14 24.73
CA ALA B 317 21.93 -7.12 25.18
C ALA B 317 22.65 -7.56 26.46
N LYS B 318 21.97 -8.31 27.34
CA LYS B 318 22.59 -8.71 28.59
C LYS B 318 23.81 -9.59 28.35
N ARG B 319 23.70 -10.55 27.43
CA ARG B 319 24.85 -11.39 27.10
C ARG B 319 25.87 -10.64 26.25
N LEU B 320 25.42 -9.75 25.37
CA LEU B 320 26.34 -9.00 24.53
C LEU B 320 27.26 -8.11 25.36
N LYS B 321 26.72 -7.49 26.41
CA LYS B 321 27.54 -6.62 27.24
C LYS B 321 28.66 -7.40 27.92
N GLU B 322 28.35 -8.58 28.47
CA GLU B 322 29.38 -9.39 29.11
C GLU B 322 30.38 -9.92 28.09
N ILE B 323 29.91 -10.29 26.90
CA ILE B 323 30.83 -10.76 25.86
C ILE B 323 31.80 -9.65 25.48
N GLY B 324 31.29 -8.43 25.33
CA GLY B 324 32.16 -7.31 24.99
C GLY B 324 33.14 -6.97 26.10
N ASP B 325 32.68 -7.03 27.35
CA ASP B 325 33.56 -6.70 28.47
C ASP B 325 34.66 -7.76 28.64
N LYS B 326 34.34 -9.03 28.38
CA LYS B 326 35.31 -10.10 28.63
C LYS B 326 36.39 -10.13 27.56
N TYR B 327 36.03 -9.89 26.30
CA TYR B 327 36.93 -10.08 25.18
C TYR B 327 37.40 -8.75 24.62
N GLU B 328 38.57 -8.77 23.99
CA GLU B 328 39.24 -7.58 23.49
C GLU B 328 38.91 -7.28 22.02
N LYS B 329 38.98 -8.28 21.15
CA LYS B 329 38.74 -8.09 19.73
C LYS B 329 37.39 -8.65 19.34
N ILE B 330 36.57 -7.82 18.69
CA ILE B 330 35.25 -8.20 18.21
C ILE B 330 35.19 -7.95 16.71
N LEU B 331 34.74 -8.94 15.95
CA LEU B 331 34.59 -8.83 14.51
C LEU B 331 33.14 -9.11 14.14
N VAL B 332 32.56 -8.24 13.30
CA VAL B 332 31.18 -8.36 12.86
C VAL B 332 31.19 -8.56 11.35
N ILE B 333 30.49 -9.60 10.89
CA ILE B 333 30.39 -9.91 9.47
C ILE B 333 28.93 -9.88 9.08
N GLU B 334 28.62 -9.17 8.01
CA GLU B 334 27.24 -8.98 7.58
C GLU B 334 27.19 -8.88 6.06
N LEU B 335 25.98 -8.80 5.51
CA LEU B 335 25.75 -8.69 4.08
C LEU B 335 25.01 -7.39 3.76
N ASN B 336 25.45 -6.29 4.35
CA ASN B 336 24.85 -4.98 4.14
C ASN B 336 25.83 -3.92 4.60
N LYS B 337 25.35 -2.69 4.75
CA LYS B 337 26.20 -1.57 5.16
C LYS B 337 26.22 -1.36 6.67
N GLY B 338 25.96 -2.41 7.45
CA GLY B 338 26.04 -2.31 8.90
C GLY B 338 24.86 -1.65 9.56
N GLN B 339 23.68 -2.28 9.48
CA GLN B 339 22.51 -1.77 10.19
C GLN B 339 22.20 -2.52 11.48
N TYR B 340 22.61 -3.79 11.58
CA TYR B 340 22.57 -4.49 12.85
C TYR B 340 23.82 -4.25 13.69
N LEU B 341 24.88 -3.70 13.08
CA LEU B 341 26.06 -3.32 13.84
C LEU B 341 25.74 -2.20 14.83
N GLU B 342 24.74 -1.38 14.52
CA GLU B 342 24.37 -0.28 15.41
C GLU B 342 23.90 -0.80 16.77
N GLU B 343 23.09 -1.86 16.77
CA GLU B 343 22.62 -2.43 18.03
C GLU B 343 23.78 -3.03 18.82
N ILE B 344 24.68 -3.73 18.15
CA ILE B 344 25.82 -4.33 18.83
C ILE B 344 26.73 -3.25 19.41
N GLU B 345 26.86 -2.13 18.72
CA GLU B 345 27.68 -1.03 19.24
C GLU B 345 26.98 -0.28 20.36
N ARG B 346 25.65 -0.16 20.30
CA ARG B 346 24.91 0.42 21.41
C ARG B 346 25.08 -0.44 22.67
N ALA B 347 24.96 -1.75 22.53
CA ALA B 347 25.39 -2.65 23.58
C ALA B 347 26.91 -2.60 23.70
N MET B 348 27.42 -3.09 24.84
CA MET B 348 28.85 -3.19 25.12
C MET B 348 29.47 -1.82 25.33
N GLN B 349 28.72 -0.76 25.03
CA GLN B 349 29.21 0.63 25.06
C GLN B 349 30.62 0.72 24.49
N ARG B 350 30.75 0.26 23.25
CA ARG B 350 32.06 0.02 22.67
C ARG B 350 32.02 0.17 21.16
N LYS B 351 33.20 0.30 20.57
CA LYS B 351 33.38 0.33 19.12
C LYS B 351 34.08 -0.96 18.68
N VAL B 352 33.57 -1.58 17.61
CA VAL B 352 34.03 -2.89 17.19
C VAL B 352 34.31 -2.88 15.69
N HIS B 353 35.09 -3.87 15.25
CA HIS B 353 35.42 -4.00 13.85
C HIS B 353 34.19 -4.46 13.06
N PHE B 354 34.21 -4.17 11.76
CA PHE B 354 33.10 -4.51 10.88
C PHE B 354 33.64 -4.99 9.54
N PHE B 355 32.85 -5.84 8.86
CA PHE B 355 33.20 -6.34 7.54
C PHE B 355 31.89 -6.59 6.80
N GLY B 356 31.49 -5.64 5.96
CA GLY B 356 30.25 -5.71 5.22
C GLY B 356 30.46 -5.84 3.72
N GLN B 357 29.39 -6.23 3.04
CA GLN B 357 29.41 -6.41 1.59
C GLN B 357 27.98 -6.38 1.09
N ALA B 358 27.65 -5.40 0.25
CA ALA B 358 26.29 -5.19 -0.23
C ALA B 358 26.25 -5.07 -1.74
N ASN B 359 26.94 -5.99 -2.42
CA ASN B 359 26.94 -6.02 -3.88
C ASN B 359 26.06 -7.12 -4.46
N GLY B 360 25.36 -7.89 -3.61
CA GLY B 360 24.50 -8.95 -4.09
C GLY B 360 25.13 -10.31 -4.19
N ARG B 361 26.29 -10.52 -3.58
CA ARG B 361 26.98 -11.79 -3.62
C ARG B 361 27.21 -12.31 -2.20
N THR B 362 27.73 -13.53 -2.12
CA THR B 362 27.99 -14.19 -0.84
C THR B 362 29.32 -13.70 -0.27
N ILE B 363 29.81 -14.38 0.77
CA ILE B 363 31.00 -13.93 1.49
C ILE B 363 32.24 -14.68 1.02
N SER B 364 32.07 -15.94 0.60
CA SER B 364 33.20 -16.76 0.16
C SER B 364 34.25 -16.84 1.26
N PRO B 365 34.06 -17.70 2.27
CA PRO B 365 34.78 -17.59 3.55
C PRO B 365 36.29 -17.47 3.47
N LYS B 366 36.89 -17.62 2.28
CA LYS B 366 38.29 -17.24 2.11
C LYS B 366 38.50 -15.78 2.50
N GLN B 367 37.51 -14.93 2.20
CA GLN B 367 37.58 -13.54 2.63
C GLN B 367 37.56 -13.41 4.14
N ILE B 368 36.83 -14.28 4.83
CA ILE B 368 36.81 -14.25 6.29
C ILE B 368 38.20 -14.55 6.84
N ILE B 369 38.88 -15.55 6.27
CA ILE B 369 40.23 -15.87 6.71
C ILE B 369 41.18 -14.72 6.39
N ALA B 370 41.04 -14.10 5.21
CA ALA B 370 41.89 -12.98 4.86
C ALA B 370 41.69 -11.80 5.80
N LYS B 371 40.44 -11.59 6.26
CA LYS B 371 40.18 -10.52 7.21
C LYS B 371 40.67 -10.85 8.60
N LEU B 372 40.64 -12.14 8.98
CA LEU B 372 41.13 -12.53 10.30
C LEU B 372 42.63 -12.28 10.44
N LYS B 373 43.36 -12.30 9.33
CA LYS B 373 44.80 -12.01 9.39
C LYS B 373 45.03 -10.58 9.85
N GLU B 374 44.20 -9.64 9.41
CA GLU B 374 44.26 -8.24 9.83
C GLU B 374 45.63 -7.63 9.54
N MET C 1 8.08 1.84 -39.04
CA MET C 1 7.12 2.26 -40.06
C MET C 1 7.22 1.34 -41.27
N ALA C 2 8.41 0.83 -41.51
CA ALA C 2 8.72 0.05 -42.70
C ALA C 2 9.98 -0.75 -42.40
N PHE C 3 10.64 -1.23 -43.45
CA PHE C 3 11.90 -1.95 -43.30
C PHE C 3 12.90 -1.19 -42.43
N ASN C 4 12.76 0.13 -42.32
CA ASN C 4 13.63 0.95 -41.48
C ASN C 4 13.02 1.06 -40.09
N TYR C 5 13.10 -0.04 -39.35
CA TYR C 5 12.69 -0.03 -37.95
C TYR C 5 13.76 0.51 -37.02
N ASP C 6 15.00 0.69 -37.50
CA ASP C 6 16.12 1.06 -36.66
C ASP C 6 16.14 2.55 -36.30
N GLU C 7 15.27 3.36 -36.91
CA GLU C 7 15.23 4.77 -36.57
C GLU C 7 14.58 5.00 -35.20
N TYR C 8 13.60 4.19 -34.85
CA TYR C 8 12.87 4.34 -33.59
C TYR C 8 13.29 3.31 -32.54
N LEU C 9 14.38 2.59 -32.78
CA LEU C 9 14.81 1.51 -31.89
C LEU C 9 16.25 1.76 -31.44
N ARG C 10 16.54 1.30 -30.22
CA ARG C 10 17.92 1.23 -29.73
C ARG C 10 18.54 -0.04 -30.30
N VAL C 11 19.23 0.10 -31.44
CA VAL C 11 19.74 -1.05 -32.18
C VAL C 11 20.72 -1.87 -31.35
N ASP C 12 21.38 -1.26 -30.37
CA ASP C 12 22.29 -2.01 -29.52
C ASP C 12 21.53 -3.08 -28.72
N LYS C 13 20.36 -2.73 -28.20
CA LYS C 13 19.56 -3.69 -27.44
C LYS C 13 19.01 -4.80 -28.31
N ILE C 14 18.69 -4.51 -29.57
CA ILE C 14 18.25 -5.55 -30.51
C ILE C 14 19.37 -6.57 -30.68
N PRO C 15 19.10 -7.89 -30.70
CA PRO C 15 17.79 -8.58 -30.73
C PRO C 15 17.00 -8.52 -29.44
N THR C 16 15.69 -8.76 -29.53
CA THR C 16 14.83 -8.74 -28.36
C THR C 16 15.16 -9.92 -27.45
N LEU C 17 14.36 -10.09 -26.40
CA LEU C 17 14.79 -10.98 -25.32
C LEU C 17 13.66 -11.85 -24.77
N TRP C 18 12.54 -12.00 -25.50
CA TRP C 18 11.35 -12.43 -24.78
C TRP C 18 11.26 -13.94 -24.56
N CYS C 19 10.90 -14.74 -25.56
CA CYS C 19 11.22 -16.16 -25.41
C CYS C 19 11.90 -16.76 -26.64
N TRP C 20 11.14 -17.00 -27.69
CA TRP C 20 11.64 -17.07 -29.06
C TRP C 20 10.58 -16.52 -30.02
N GLY C 21 9.32 -16.62 -29.60
CA GLY C 21 8.21 -16.28 -30.47
C GLY C 21 7.04 -15.61 -29.75
N CYS C 22 7.33 -14.94 -28.64
CA CYS C 22 6.28 -14.27 -27.89
C CYS C 22 5.64 -13.18 -28.73
N GLY C 23 4.33 -13.02 -28.60
CA GLY C 23 3.60 -12.05 -29.38
C GLY C 23 3.72 -10.63 -28.86
N ASP C 24 4.93 -10.25 -28.47
CA ASP C 24 5.20 -8.89 -28.00
C ASP C 24 5.98 -8.06 -29.00
N GLY C 25 6.81 -8.68 -29.84
CA GLY C 25 7.47 -7.95 -30.90
C GLY C 25 6.51 -7.39 -31.91
N VAL C 26 5.42 -8.10 -32.18
CA VAL C 26 4.41 -7.61 -33.11
C VAL C 26 3.78 -6.32 -32.59
N ILE C 27 3.49 -6.27 -31.29
CA ILE C 27 2.92 -5.06 -30.71
C ILE C 27 3.92 -3.92 -30.76
N LEU C 28 5.20 -4.20 -30.53
CA LEU C 28 6.22 -3.16 -30.64
C LEU C 28 6.30 -2.61 -32.07
N LYS C 29 6.26 -3.50 -33.07
CA LYS C 29 6.27 -3.06 -34.45
C LYS C 29 5.04 -2.21 -34.75
N SER C 30 3.88 -2.62 -34.28
CA SER C 30 2.65 -1.86 -34.52
C SER C 30 2.74 -0.48 -33.87
N ILE C 31 3.28 -0.41 -32.66
CA ILE C 31 3.43 0.87 -31.98
C ILE C 31 4.36 1.78 -32.77
N ILE C 32 5.48 1.24 -33.25
CA ILE C 32 6.43 2.05 -34.02
C ILE C 32 5.79 2.57 -35.29
N ARG C 33 5.09 1.69 -36.02
CA ARG C 33 4.47 2.10 -37.28
C ARG C 33 3.38 3.13 -37.05
N THR C 34 2.58 2.96 -35.99
CA THR C 34 1.55 3.94 -35.69
C THR C 34 2.15 5.28 -35.29
N ILE C 35 3.23 5.25 -34.50
CA ILE C 35 3.90 6.48 -34.09
C ILE C 35 4.40 7.24 -35.31
N ASP C 36 5.03 6.52 -36.25
CA ASP C 36 5.57 7.20 -37.43
C ASP C 36 4.45 7.69 -38.35
N ALA C 37 3.37 6.91 -38.47
CA ALA C 37 2.31 7.25 -39.42
C ALA C 37 1.62 8.55 -39.05
N LEU C 38 1.51 8.86 -37.76
CA LEU C 38 0.90 10.10 -37.33
C LEU C 38 1.82 11.30 -37.44
N GLY C 39 3.09 11.09 -37.81
CA GLY C 39 4.03 12.18 -37.90
C GLY C 39 4.64 12.62 -36.59
N TRP C 40 4.47 11.83 -35.53
CA TRP C 40 5.02 12.19 -34.23
C TRP C 40 6.55 12.20 -34.27
N LYS C 41 7.14 13.15 -33.55
CA LYS C 41 8.58 13.25 -33.43
C LYS C 41 9.02 12.56 -32.14
N MET C 42 10.06 11.73 -32.24
CA MET C 42 10.46 10.90 -31.10
C MET C 42 10.95 11.72 -29.92
N ASP C 43 11.34 12.98 -30.13
CA ASP C 43 11.77 13.82 -29.03
C ASP C 43 10.61 14.27 -28.14
N ASP C 44 9.37 14.09 -28.59
CA ASP C 44 8.19 14.50 -27.84
C ASP C 44 7.37 13.32 -27.35
N VAL C 45 7.93 12.12 -27.37
CA VAL C 45 7.23 10.90 -26.97
C VAL C 45 7.90 10.31 -25.75
N CYS C 46 7.12 10.07 -24.71
CA CYS C 46 7.58 9.43 -23.49
C CYS C 46 6.87 8.10 -23.32
N LEU C 47 7.63 7.04 -23.05
CA LEU C 47 7.09 5.71 -22.89
C LEU C 47 7.36 5.25 -21.46
N VAL C 48 6.29 5.08 -20.68
CA VAL C 48 6.38 4.65 -19.29
C VAL C 48 5.69 3.30 -19.17
N SER C 49 6.38 2.33 -18.57
CA SER C 49 5.87 0.98 -18.46
C SER C 49 6.11 0.44 -17.06
N GLY C 50 5.21 -0.43 -16.61
CA GLY C 50 5.36 -1.08 -15.33
C GLY C 50 6.34 -2.25 -15.41
N ILE C 51 6.50 -2.91 -14.27
CA ILE C 51 7.42 -4.04 -14.17
C ILE C 51 6.67 -5.33 -14.45
N GLY C 52 7.21 -6.15 -15.35
CA GLY C 52 6.56 -7.39 -15.71
C GLY C 52 7.22 -7.96 -16.95
N CYS C 53 6.51 -8.89 -17.59
CA CYS C 53 7.02 -9.49 -18.81
C CYS C 53 6.88 -8.57 -20.01
N SER C 54 5.91 -7.66 -19.97
CA SER C 54 5.70 -6.69 -21.04
C SER C 54 6.38 -5.35 -20.77
N GLY C 55 7.06 -5.21 -19.62
CA GLY C 55 7.76 -3.97 -19.33
C GLY C 55 9.02 -3.76 -20.13
N ARG C 56 9.58 -4.84 -20.70
CA ARG C 56 10.79 -4.72 -21.50
C ARG C 56 10.58 -3.84 -22.72
N MET C 57 9.33 -3.61 -23.12
CA MET C 57 9.04 -2.69 -24.21
C MET C 57 9.56 -1.28 -23.93
N SER C 58 9.74 -0.92 -22.67
CA SER C 58 10.28 0.38 -22.31
C SER C 58 11.80 0.43 -22.36
N SER C 59 12.45 -0.68 -22.68
CA SER C 59 13.91 -0.71 -22.79
C SER C 59 14.40 -0.78 -24.23
N TYR C 60 13.50 -0.61 -25.19
CA TYR C 60 13.86 -0.74 -26.61
C TYR C 60 13.58 0.52 -27.42
N VAL C 61 12.48 1.20 -27.17
CA VAL C 61 12.15 2.41 -27.93
C VAL C 61 13.14 3.51 -27.59
N ASN C 62 13.63 4.19 -28.63
CA ASN C 62 14.63 5.25 -28.48
C ASN C 62 13.92 6.57 -28.20
N CYS C 63 13.54 6.75 -26.94
CA CYS C 63 12.88 7.97 -26.50
C CYS C 63 13.08 8.08 -24.99
N ASN C 64 12.33 8.99 -24.36
CA ASN C 64 12.35 9.14 -22.91
C ASN C 64 11.55 8.00 -22.29
N THR C 65 12.23 7.07 -21.66
CA THR C 65 11.63 5.84 -21.17
C THR C 65 11.66 5.78 -19.65
N VAL C 66 10.58 5.26 -19.07
CA VAL C 66 10.43 5.16 -17.62
C VAL C 66 10.00 3.74 -17.28
N HIS C 67 10.62 3.15 -16.26
CA HIS C 67 10.29 1.83 -15.77
C HIS C 67 9.91 1.96 -14.30
N THR C 68 8.62 1.87 -14.00
CA THR C 68 8.11 2.14 -12.67
C THR C 68 7.93 0.83 -11.90
N THR C 69 7.27 0.91 -10.74
CA THR C 69 7.01 -0.24 -9.90
C THR C 69 5.71 -0.92 -10.33
N HIS C 70 5.32 -1.94 -9.56
CA HIS C 70 4.19 -2.78 -9.94
C HIS C 70 2.88 -2.05 -9.73
N GLY C 71 2.17 -1.79 -10.83
CA GLY C 71 0.83 -1.22 -10.77
C GLY C 71 0.77 0.29 -10.65
N ARG C 72 1.90 0.97 -10.55
CA ARG C 72 1.92 2.41 -10.37
C ARG C 72 2.23 3.17 -11.66
N ALA C 73 2.31 2.46 -12.79
CA ALA C 73 2.71 3.11 -14.03
C ALA C 73 1.74 4.22 -14.44
N VAL C 74 0.44 4.01 -14.22
CA VAL C 74 -0.55 4.99 -14.62
C VAL C 74 -0.39 6.28 -13.82
N ALA C 75 -0.04 6.17 -12.54
CA ALA C 75 0.14 7.37 -11.72
C ALA C 75 1.35 8.18 -12.15
N TYR C 76 2.48 7.50 -12.42
CA TYR C 76 3.65 8.20 -12.92
C TYR C 76 3.37 8.85 -14.26
N ALA C 77 2.63 8.15 -15.14
CA ALA C 77 2.26 8.73 -16.43
C ALA C 77 1.38 9.95 -16.25
N THR C 78 0.43 9.89 -15.32
CA THR C 78 -0.43 11.04 -15.05
C THR C 78 0.38 12.22 -14.58
N GLY C 79 1.32 11.99 -13.66
CA GLY C 79 2.18 13.08 -13.21
C GLY C 79 3.01 13.68 -14.33
N ILE C 80 3.60 12.82 -15.17
CA ILE C 80 4.43 13.29 -16.27
C ILE C 80 3.61 14.13 -17.24
N LYS C 81 2.42 13.63 -17.61
CA LYS C 81 1.57 14.35 -18.55
C LYS C 81 1.10 15.67 -17.96
N MET C 82 0.74 15.69 -16.67
CA MET C 82 0.29 16.93 -16.06
C MET C 82 1.41 17.95 -15.95
N ALA C 83 2.65 17.47 -15.77
CA ALA C 83 3.79 18.39 -15.76
C ALA C 83 4.00 19.04 -17.12
N ASN C 84 3.87 18.28 -18.20
CA ASN C 84 4.09 18.76 -19.57
C ASN C 84 2.86 18.42 -20.41
N PRO C 85 1.79 19.22 -20.32
CA PRO C 85 0.52 18.91 -20.97
C PRO C 85 0.47 19.27 -22.46
N SER C 86 1.57 19.02 -23.16
CA SER C 86 1.62 19.26 -24.60
C SER C 86 2.33 18.15 -25.38
N LYS C 87 2.75 17.08 -24.74
CA LYS C 87 3.49 16.00 -25.38
C LYS C 87 2.68 14.71 -25.31
N HIS C 88 3.18 13.67 -25.98
CA HIS C 88 2.50 12.40 -26.09
C HIS C 88 3.19 11.37 -25.19
N VAL C 89 2.40 10.72 -24.34
CA VAL C 89 2.90 9.70 -23.42
C VAL C 89 2.11 8.42 -23.63
N ILE C 90 2.82 7.30 -23.69
CA ILE C 90 2.23 5.99 -23.96
C ILE C 90 2.55 5.07 -22.78
N VAL C 91 1.51 4.40 -22.26
CA VAL C 91 1.64 3.48 -21.14
C VAL C 91 1.48 2.07 -21.66
N VAL C 92 2.40 1.19 -21.27
CA VAL C 92 2.34 -0.23 -21.64
C VAL C 92 2.39 -1.06 -20.37
N SER C 93 1.42 -1.94 -20.19
CA SER C 93 1.39 -2.77 -19.00
C SER C 93 0.65 -4.07 -19.29
N GLY C 94 0.87 -5.06 -18.43
CA GLY C 94 0.25 -6.36 -18.58
C GLY C 94 -1.04 -6.49 -17.78
N ASP C 95 -1.55 -7.72 -17.72
CA ASP C 95 -2.76 -8.00 -16.97
C ASP C 95 -2.50 -8.13 -15.48
N GLY C 96 -1.32 -8.62 -15.09
CA GLY C 96 -0.93 -8.61 -13.69
C GLY C 96 -0.67 -7.22 -13.16
N ASP C 97 -0.46 -6.26 -14.06
CA ASP C 97 -0.37 -4.84 -13.74
C ASP C 97 -1.77 -4.27 -13.55
N GLY C 98 -1.91 -2.97 -13.74
CA GLY C 98 -3.03 -2.19 -13.26
C GLY C 98 -4.44 -2.72 -13.40
N PHE C 99 -4.63 -3.87 -14.03
CA PHE C 99 -5.90 -4.57 -13.92
C PHE C 99 -5.91 -5.67 -12.86
N ALA C 100 -4.80 -5.89 -12.17
CA ALA C 100 -4.74 -6.85 -11.06
C ALA C 100 -4.41 -6.17 -9.73
N ILE C 101 -3.31 -5.44 -9.65
CA ILE C 101 -2.88 -4.82 -8.40
C ILE C 101 -3.21 -3.34 -8.43
N GLY C 102 -3.13 -2.73 -9.62
CA GLY C 102 -3.40 -1.32 -9.76
C GLY C 102 -4.78 -1.04 -10.31
N GLY C 103 -5.75 -1.91 -9.98
CA GLY C 103 -7.10 -1.73 -10.49
C GLY C 103 -7.70 -0.39 -10.13
N ASN C 104 -7.46 0.07 -8.90
CA ASN C 104 -7.96 1.36 -8.48
C ASN C 104 -7.37 2.49 -9.32
N HIS C 105 -6.07 2.42 -9.62
CA HIS C 105 -5.43 3.48 -10.40
C HIS C 105 -6.04 3.55 -11.80
N THR C 106 -6.21 2.39 -12.45
CA THR C 106 -6.78 2.38 -13.79
C THR C 106 -8.23 2.86 -13.77
N MET C 107 -9.01 2.42 -12.79
CA MET C 107 -10.41 2.85 -12.71
C MET C 107 -10.50 4.36 -12.52
N HIS C 108 -9.66 4.93 -11.64
CA HIS C 108 -9.74 6.37 -11.40
C HIS C 108 -9.20 7.16 -12.57
N ALA C 109 -8.20 6.64 -13.28
CA ALA C 109 -7.72 7.29 -14.49
C ALA C 109 -8.81 7.32 -15.55
N CYS C 110 -9.55 6.23 -15.70
CA CYS C 110 -10.69 6.22 -16.60
C CYS C 110 -11.75 7.23 -16.16
N ARG C 111 -11.99 7.30 -14.85
CA ARG C 111 -13.03 8.20 -14.34
C ARG C 111 -12.70 9.66 -14.63
N ARG C 112 -11.48 10.09 -14.28
CA ARG C 112 -11.13 11.50 -14.46
C ARG C 112 -10.71 11.83 -15.89
N ASN C 113 -10.56 10.84 -16.75
CA ASN C 113 -10.30 11.03 -18.18
C ASN C 113 -9.03 11.85 -18.42
N ILE C 114 -7.90 11.27 -18.00
CA ILE C 114 -6.60 11.87 -18.25
C ILE C 114 -6.13 11.46 -19.64
N ASP C 115 -5.44 12.37 -20.32
CA ASP C 115 -5.02 12.17 -21.71
C ASP C 115 -3.85 11.19 -21.74
N LEU C 116 -4.18 9.90 -21.64
CA LEU C 116 -3.20 8.83 -21.67
C LEU C 116 -3.45 7.92 -22.85
N ASN C 117 -2.56 6.94 -23.03
CA ASN C 117 -2.60 6.00 -24.14
C ASN C 117 -2.39 4.58 -23.62
N PHE C 118 -3.16 4.20 -22.61
CA PHE C 118 -3.01 2.91 -21.96
C PHE C 118 -3.10 1.76 -22.96
N ILE C 119 -2.12 0.84 -22.89
CA ILE C 119 -2.08 -0.35 -23.73
C ILE C 119 -1.82 -1.53 -22.83
N LEU C 120 -2.74 -2.49 -22.82
CA LEU C 120 -2.67 -3.67 -21.97
C LEU C 120 -2.35 -4.88 -22.82
N VAL C 121 -1.20 -5.49 -22.58
CA VAL C 121 -0.81 -6.73 -23.22
C VAL C 121 -1.44 -7.88 -22.44
N ASN C 122 -2.34 -8.60 -23.08
CA ASN C 122 -3.12 -9.65 -22.43
C ASN C 122 -2.57 -11.02 -22.83
N ASN C 123 -1.93 -11.70 -21.88
CA ASN C 123 -1.47 -13.07 -22.08
C ASN C 123 -2.14 -14.05 -21.14
N PHE C 124 -3.07 -13.58 -20.30
CA PHE C 124 -3.97 -14.38 -19.46
C PHE C 124 -3.27 -15.05 -18.28
N ILE C 125 -1.99 -14.77 -18.03
CA ILE C 125 -1.27 -15.31 -16.89
C ILE C 125 -0.27 -14.27 -16.39
N TYR C 126 0.45 -14.64 -15.33
CA TYR C 126 1.63 -13.92 -14.88
C TYR C 126 2.83 -14.58 -15.53
N GLY C 127 3.20 -14.11 -16.73
CA GLY C 127 4.24 -14.78 -17.49
C GLY C 127 5.61 -14.73 -16.85
N LEU C 128 5.99 -13.56 -16.32
CA LEU C 128 7.33 -13.39 -15.79
C LEU C 128 7.58 -14.29 -14.58
N THR C 129 6.58 -14.43 -13.71
CA THR C 129 6.70 -15.23 -12.50
C THR C 129 6.24 -16.67 -12.68
N ASN C 130 6.39 -17.21 -13.89
CA ASN C 130 6.16 -18.62 -14.18
C ASN C 130 4.71 -19.04 -13.90
N SER C 131 3.79 -18.42 -14.65
CA SER C 131 2.43 -18.93 -14.85
C SER C 131 1.64 -19.02 -13.55
N GLN C 132 1.37 -17.86 -12.95
CA GLN C 132 0.38 -17.78 -11.89
C GLN C 132 -1.00 -17.55 -12.51
N THR C 133 -1.99 -17.24 -11.68
CA THR C 133 -3.37 -17.07 -12.13
C THR C 133 -3.67 -15.58 -12.24
N SER C 134 -4.00 -15.13 -13.46
CA SER C 134 -4.36 -13.75 -13.74
C SER C 134 -5.84 -13.53 -13.49
N PRO C 135 -6.27 -12.28 -13.31
CA PRO C 135 -7.71 -11.98 -13.25
C PRO C 135 -8.42 -12.14 -14.57
N THR C 136 -7.73 -12.56 -15.64
CA THR C 136 -8.34 -12.78 -16.94
C THR C 136 -8.17 -14.22 -17.43
N THR C 137 -7.68 -15.11 -16.58
CA THR C 137 -7.51 -16.50 -16.97
C THR C 137 -8.86 -17.21 -16.98
N PRO C 138 -9.23 -17.85 -18.08
CA PRO C 138 -10.50 -18.60 -18.10
C PRO C 138 -10.47 -19.79 -17.16
N ASN C 139 -11.64 -20.14 -16.65
CA ASN C 139 -11.75 -21.25 -15.71
C ASN C 139 -11.43 -22.57 -16.41
N GLY C 140 -10.92 -23.52 -15.62
CA GLY C 140 -10.62 -24.84 -16.12
C GLY C 140 -9.19 -25.04 -16.59
N MET C 141 -8.40 -23.98 -16.69
CA MET C 141 -7.02 -24.08 -17.14
C MET C 141 -6.10 -24.41 -15.97
N TRP C 142 -4.92 -24.93 -16.30
CA TRP C 142 -3.94 -25.35 -15.30
C TRP C 142 -2.94 -24.23 -15.08
N THR C 143 -2.86 -23.75 -13.85
CA THR C 143 -1.87 -22.77 -13.42
C THR C 143 -1.04 -23.36 -12.28
N VAL C 144 -0.13 -22.56 -11.74
CA VAL C 144 0.74 -23.05 -10.68
C VAL C 144 0.13 -22.87 -9.29
N THR C 145 -0.77 -21.91 -9.11
CA THR C 145 -1.49 -21.73 -7.86
C THR C 145 -2.88 -22.36 -7.89
N ALA C 146 -3.29 -22.93 -9.01
CA ALA C 146 -4.53 -23.70 -9.12
C ALA C 146 -4.22 -24.92 -9.99
N GLN C 147 -3.79 -26.00 -9.33
CA GLN C 147 -3.35 -27.20 -10.04
C GLN C 147 -4.50 -28.15 -10.35
N TRP C 148 -5.72 -27.83 -9.93
CA TRP C 148 -6.89 -28.66 -10.21
C TRP C 148 -7.90 -27.93 -11.10
N GLY C 149 -7.49 -26.85 -11.75
CA GLY C 149 -8.39 -26.08 -12.58
C GLY C 149 -8.79 -24.78 -11.93
N ASN C 150 -8.64 -23.68 -12.67
CA ASN C 150 -9.00 -22.37 -12.15
C ASN C 150 -10.49 -22.29 -11.87
N ILE C 151 -10.85 -21.72 -10.72
CA ILE C 151 -12.24 -21.52 -10.37
C ILE C 151 -12.62 -20.05 -10.26
N ASP C 152 -11.64 -19.15 -10.11
CA ASP C 152 -11.94 -17.73 -10.10
C ASP C 152 -12.48 -17.30 -11.45
N ASN C 153 -13.41 -16.35 -11.44
CA ASN C 153 -14.08 -15.93 -12.65
C ASN C 153 -13.16 -15.04 -13.48
N GLN C 154 -13.70 -14.43 -14.54
CA GLN C 154 -12.93 -13.64 -15.47
C GLN C 154 -13.35 -12.18 -15.41
N PHE C 155 -12.42 -11.30 -15.74
CA PHE C 155 -12.72 -9.90 -15.92
C PHE C 155 -13.06 -9.60 -17.37
N ASP C 156 -13.66 -8.43 -17.59
CA ASP C 156 -13.95 -7.92 -18.93
C ASP C 156 -13.34 -6.54 -19.03
N PRO C 157 -12.06 -6.45 -19.38
CA PRO C 157 -11.38 -5.14 -19.34
C PRO C 157 -12.07 -4.07 -20.16
N CYS C 158 -12.60 -4.41 -21.33
CA CYS C 158 -13.29 -3.41 -22.14
C CYS C 158 -14.59 -2.98 -21.47
N ALA C 159 -15.39 -3.94 -21.00
CA ALA C 159 -16.63 -3.60 -20.31
C ALA C 159 -16.36 -2.88 -19.00
N LEU C 160 -15.34 -3.31 -18.27
CA LEU C 160 -14.99 -2.65 -17.02
C LEU C 160 -14.56 -1.21 -17.25
N THR C 161 -13.74 -0.97 -18.26
CA THR C 161 -13.30 0.39 -18.56
C THR C 161 -14.45 1.25 -19.07
N THR C 162 -15.36 0.66 -19.85
CA THR C 162 -16.53 1.40 -20.33
C THR C 162 -17.41 1.81 -19.16
N ALA C 163 -17.63 0.90 -18.20
CA ALA C 163 -18.39 1.25 -17.01
C ALA C 163 -17.67 2.28 -16.16
N ALA C 164 -16.33 2.25 -16.16
CA ALA C 164 -15.56 3.25 -15.41
C ALA C 164 -15.76 4.65 -16.00
N GLY C 165 -15.82 4.75 -17.33
CA GLY C 165 -16.02 6.04 -17.97
C GLY C 165 -14.96 6.42 -18.97
N ALA C 166 -14.28 5.42 -19.54
CA ALA C 166 -13.27 5.68 -20.54
C ALA C 166 -13.89 6.27 -21.81
N SER C 167 -13.11 7.09 -22.51
CA SER C 167 -13.61 7.80 -23.69
C SER C 167 -13.38 7.03 -24.98
N PHE C 168 -12.32 6.23 -25.08
CA PHE C 168 -12.04 5.44 -26.26
C PHE C 168 -11.65 4.04 -25.81
N VAL C 169 -12.47 3.05 -26.15
CA VAL C 169 -12.25 1.66 -25.80
C VAL C 169 -12.22 0.84 -27.08
N ALA C 170 -11.17 0.03 -27.24
CA ALA C 170 -11.00 -0.81 -28.42
C ALA C 170 -10.25 -2.06 -28.03
N ARG C 171 -10.42 -3.11 -28.85
CA ARG C 171 -9.77 -4.39 -28.62
C ARG C 171 -9.26 -4.95 -29.95
N GLU C 172 -8.04 -5.49 -29.92
CA GLU C 172 -7.45 -6.12 -31.09
C GLU C 172 -6.56 -7.27 -30.61
N SER C 173 -5.72 -7.77 -31.50
CA SER C 173 -4.84 -8.88 -31.18
C SER C 173 -3.67 -8.88 -32.16
N VAL C 174 -2.77 -9.84 -31.98
CA VAL C 174 -1.58 -9.97 -32.81
C VAL C 174 -1.88 -10.87 -33.99
N LEU C 175 -3.14 -11.26 -34.15
CA LEU C 175 -3.51 -12.11 -35.27
C LEU C 175 -3.53 -11.34 -36.58
N ASP C 176 -4.05 -10.11 -36.56
CA ASP C 176 -4.08 -9.23 -37.73
C ASP C 176 -3.42 -7.91 -37.36
N PRO C 177 -2.11 -7.78 -37.58
CA PRO C 177 -1.42 -6.55 -37.19
C PRO C 177 -1.90 -5.31 -37.91
N GLN C 178 -2.49 -5.43 -39.10
CA GLN C 178 -2.94 -4.24 -39.83
C GLN C 178 -4.11 -3.58 -39.14
N LYS C 179 -5.10 -4.37 -38.70
CA LYS C 179 -6.22 -3.81 -37.95
C LYS C 179 -5.75 -3.21 -36.63
N LEU C 180 -4.79 -3.87 -35.97
CA LEU C 180 -4.24 -3.33 -34.73
C LEU C 180 -3.57 -1.98 -34.97
N GLU C 181 -2.78 -1.87 -36.05
CA GLU C 181 -2.13 -0.61 -36.36
C GLU C 181 -3.16 0.48 -36.68
N LYS C 182 -4.21 0.12 -37.43
CA LYS C 182 -5.24 1.09 -37.77
C LYS C 182 -5.97 1.59 -36.52
N VAL C 183 -6.32 0.67 -35.61
CA VAL C 183 -7.03 1.08 -34.41
C VAL C 183 -6.11 1.89 -33.49
N LEU C 184 -4.81 1.56 -33.45
CA LEU C 184 -3.88 2.37 -32.68
C LEU C 184 -3.75 3.77 -33.26
N LYS C 185 -3.70 3.87 -34.59
CA LYS C 185 -3.65 5.17 -35.24
C LYS C 185 -4.90 6.00 -34.92
N GLU C 186 -6.06 5.36 -34.92
CA GLU C 186 -7.29 6.07 -34.58
C GLU C 186 -7.31 6.49 -33.12
N GLY C 187 -6.80 5.63 -32.23
CA GLY C 187 -6.89 5.92 -30.81
C GLY C 187 -5.89 6.96 -30.33
N PHE C 188 -4.69 6.96 -30.92
CA PHE C 188 -3.66 7.90 -30.48
C PHE C 188 -4.07 9.34 -30.76
N SER C 189 -4.73 9.59 -31.89
CA SER C 189 -5.15 10.93 -32.26
C SER C 189 -6.30 11.44 -31.39
N HIS C 190 -6.90 10.60 -30.56
CA HIS C 190 -7.98 11.02 -29.69
C HIS C 190 -7.44 11.95 -28.60
N LYS C 191 -8.36 12.64 -27.93
CA LYS C 191 -7.99 13.61 -26.91
C LYS C 191 -8.53 13.21 -25.55
N GLY C 192 -8.38 11.95 -25.20
CA GLY C 192 -8.84 11.45 -23.92
C GLY C 192 -8.14 10.15 -23.58
N PHE C 193 -8.64 9.49 -22.54
CA PHE C 193 -8.07 8.23 -22.10
C PHE C 193 -8.43 7.13 -23.09
N SER C 194 -7.43 6.62 -23.80
CA SER C 194 -7.62 5.56 -24.78
C SER C 194 -7.15 4.23 -24.21
N PHE C 195 -8.03 3.24 -24.23
CA PHE C 195 -7.74 1.91 -23.73
C PHE C 195 -7.67 0.92 -24.88
N PHE C 196 -6.55 0.21 -24.99
CA PHE C 196 -6.36 -0.81 -26.00
C PHE C 196 -6.13 -2.15 -25.30
N ASP C 197 -7.05 -3.09 -25.51
CA ASP C 197 -6.93 -4.43 -24.95
C ASP C 197 -6.41 -5.33 -26.06
N VAL C 198 -5.11 -5.61 -26.03
CA VAL C 198 -4.44 -6.40 -27.07
C VAL C 198 -4.25 -7.81 -26.55
N HIS C 199 -4.85 -8.77 -27.24
CA HIS C 199 -4.75 -10.18 -26.86
C HIS C 199 -3.45 -10.75 -27.43
N SER C 200 -2.45 -10.93 -26.56
CA SER C 200 -1.20 -11.55 -26.96
C SER C 200 -1.23 -13.04 -26.64
N ASN C 201 -0.11 -13.71 -26.88
CA ASN C 201 -0.01 -15.14 -26.64
C ASN C 201 1.22 -15.45 -25.79
N CYS C 202 1.06 -16.35 -24.83
CA CYS C 202 2.15 -16.85 -24.00
C CYS C 202 2.10 -18.37 -24.07
N HIS C 203 2.73 -18.93 -25.10
CA HIS C 203 2.75 -20.38 -25.28
C HIS C 203 3.68 -21.08 -24.31
N ILE C 204 4.73 -20.41 -23.84
CA ILE C 204 5.73 -21.07 -23.00
C ILE C 204 5.14 -21.39 -21.62
N ASN C 205 4.41 -20.45 -21.03
CA ASN C 205 3.95 -20.61 -19.66
C ASN C 205 2.47 -20.99 -19.54
N LEU C 206 1.61 -20.50 -20.43
CA LEU C 206 0.20 -20.84 -20.35
C LEU C 206 -0.14 -22.09 -21.15
N GLY C 207 0.23 -22.12 -22.43
CA GLY C 207 -0.15 -23.22 -23.29
C GLY C 207 0.64 -24.50 -23.12
N ARG C 208 1.76 -24.46 -22.38
CA ARG C 208 2.57 -25.67 -22.25
C ARG C 208 1.83 -26.76 -21.48
N LYS C 209 1.11 -26.39 -20.43
CA LYS C 209 0.36 -27.34 -19.64
C LYS C 209 -1.08 -27.53 -20.11
N ASN C 210 -1.46 -26.86 -21.19
CA ASN C 210 -2.81 -26.96 -21.75
C ASN C 210 -2.79 -27.44 -23.18
N LYS C 211 -1.76 -28.20 -23.56
CA LYS C 211 -1.63 -28.80 -24.88
C LYS C 211 -1.65 -27.75 -25.99
N MET C 212 -1.04 -26.61 -25.71
CA MET C 212 -0.87 -25.54 -26.70
C MET C 212 0.55 -25.00 -26.60
N GLY C 213 1.52 -25.91 -26.56
CA GLY C 213 2.91 -25.53 -26.34
C GLY C 213 3.58 -24.85 -27.51
N GLU C 214 2.97 -24.87 -28.69
CA GLU C 214 3.51 -24.22 -29.86
C GLU C 214 2.81 -22.88 -30.10
N ALA C 215 3.51 -21.97 -30.77
CA ALA C 215 2.95 -20.66 -31.03
C ALA C 215 1.73 -20.74 -31.96
N SER C 216 1.81 -21.61 -32.98
CA SER C 216 0.72 -21.70 -33.95
C SER C 216 -0.56 -22.23 -33.31
N GLN C 217 -0.45 -23.23 -32.43
CA GLN C 217 -1.64 -23.80 -31.80
C GLN C 217 -2.34 -22.77 -30.92
N MET C 218 -1.57 -22.05 -30.10
CA MET C 218 -2.17 -21.02 -29.26
C MET C 218 -2.74 -19.89 -30.11
N LEU C 219 -2.05 -19.53 -31.20
CA LEU C 219 -2.54 -18.48 -32.08
C LEU C 219 -3.88 -18.86 -32.71
N LYS C 220 -4.01 -20.12 -33.16
CA LYS C 220 -5.29 -20.52 -33.74
C LYS C 220 -6.37 -20.69 -32.67
N TRP C 221 -5.98 -21.02 -31.44
CA TRP C 221 -6.94 -21.04 -30.34
C TRP C 221 -7.51 -19.64 -30.11
N MET C 222 -6.64 -18.64 -30.02
CA MET C 222 -7.13 -17.27 -29.88
C MET C 222 -7.90 -16.81 -31.10
N GLU C 223 -7.53 -17.28 -32.29
CA GLU C 223 -8.30 -16.98 -33.50
C GLU C 223 -9.71 -17.53 -33.40
N SER C 224 -9.86 -18.75 -32.89
CA SER C 224 -11.18 -19.33 -32.69
C SER C 224 -11.97 -18.54 -31.65
N ARG C 225 -11.29 -18.08 -30.59
CA ARG C 225 -11.98 -17.33 -29.55
C ARG C 225 -12.48 -15.98 -30.05
N LEU C 226 -11.77 -15.35 -30.98
CA LEU C 226 -12.02 -13.97 -31.37
C LEU C 226 -12.91 -13.90 -32.60
N VAL C 227 -13.92 -13.04 -32.54
CA VAL C 227 -14.80 -12.76 -33.67
C VAL C 227 -14.95 -11.25 -33.82
N SER C 228 -15.40 -10.84 -35.00
CA SER C 228 -15.57 -9.42 -35.28
C SER C 228 -16.73 -8.85 -34.47
N LYS C 229 -16.86 -7.52 -34.51
CA LYS C 229 -17.89 -6.86 -33.72
C LYS C 229 -19.27 -7.09 -34.31
N ARG C 230 -19.42 -6.96 -35.63
CA ARG C 230 -20.73 -7.14 -36.25
C ARG C 230 -21.22 -8.57 -36.11
N GLN C 231 -20.35 -9.54 -36.36
CA GLN C 231 -20.76 -10.93 -36.22
C GLN C 231 -21.16 -11.25 -34.78
N PHE C 232 -20.37 -10.77 -33.81
CA PHE C 232 -20.72 -10.99 -32.41
C PHE C 232 -22.06 -10.34 -32.07
N GLU C 233 -22.29 -9.13 -32.56
CA GLU C 233 -23.57 -8.45 -32.34
C GLU C 233 -24.72 -9.16 -33.02
N ALA C 234 -24.44 -9.98 -34.04
CA ALA C 234 -25.48 -10.72 -34.74
C ALA C 234 -25.72 -12.11 -34.17
N MET C 235 -24.98 -12.52 -33.13
CA MET C 235 -25.12 -13.85 -32.56
C MET C 235 -26.24 -13.88 -31.52
N SER C 236 -26.66 -15.10 -31.20
CA SER C 236 -27.62 -15.36 -30.14
C SER C 236 -26.97 -15.24 -28.77
N PRO C 237 -27.73 -14.89 -27.74
CA PRO C 237 -27.14 -14.81 -26.39
C PRO C 237 -26.49 -16.10 -25.93
N GLU C 238 -27.02 -17.25 -26.33
CA GLU C 238 -26.38 -18.52 -26.01
C GLU C 238 -25.15 -18.78 -26.89
N GLU C 239 -25.03 -18.08 -28.01
CA GLU C 239 -23.90 -18.27 -28.91
C GLU C 239 -22.71 -17.39 -28.56
N ARG C 240 -22.85 -16.48 -27.60
CA ARG C 240 -21.79 -15.55 -27.23
C ARG C 240 -20.95 -16.04 -26.06
N VAL C 241 -20.84 -17.36 -25.88
CA VAL C 241 -20.00 -17.90 -24.82
C VAL C 241 -18.54 -17.81 -25.24
N ASP C 242 -17.70 -17.32 -24.33
CA ASP C 242 -16.27 -17.09 -24.54
C ASP C 242 -15.99 -16.51 -25.93
N LYS C 243 -16.72 -15.44 -26.26
CA LYS C 243 -16.57 -14.71 -27.51
C LYS C 243 -16.30 -13.25 -27.20
N PHE C 244 -15.28 -12.68 -27.83
CA PHE C 244 -14.90 -11.30 -27.62
C PHE C 244 -15.02 -10.51 -28.91
N PRO C 245 -15.71 -9.37 -28.92
CA PRO C 245 -15.78 -8.56 -30.14
C PRO C 245 -14.55 -7.68 -30.31
N THR C 246 -14.01 -7.69 -31.52
CA THR C 246 -12.82 -6.92 -31.84
C THR C 246 -13.22 -5.57 -32.45
N GLY C 247 -12.21 -4.79 -32.81
CA GLY C 247 -12.44 -3.47 -33.37
C GLY C 247 -12.67 -2.43 -32.28
N VAL C 248 -12.92 -1.20 -32.72
CA VAL C 248 -13.19 -0.12 -31.78
C VAL C 248 -14.59 -0.29 -31.22
N LEU C 249 -14.69 -0.37 -29.88
CA LEU C 249 -15.97 -0.64 -29.23
C LEU C 249 -16.66 0.64 -28.75
N ARG C 250 -15.90 1.69 -28.46
CA ARG C 250 -16.51 2.95 -28.03
C ARG C 250 -15.58 4.09 -28.39
N HIS C 251 -16.12 5.08 -29.10
CA HIS C 251 -15.36 6.24 -29.58
C HIS C 251 -16.15 7.53 -29.32
N ASP C 252 -16.60 7.70 -28.07
CA ASP C 252 -17.39 8.87 -27.69
C ASP C 252 -16.64 10.14 -28.08
N THR C 253 -17.37 11.08 -28.69
CA THR C 253 -16.78 12.28 -29.27
C THR C 253 -17.15 13.54 -28.51
N ASP C 254 -17.64 13.42 -27.28
CA ASP C 254 -18.00 14.58 -26.46
C ASP C 254 -17.58 14.30 -25.02
N ARG C 255 -16.34 14.69 -24.69
CA ARG C 255 -15.82 14.56 -23.34
C ARG C 255 -14.80 15.67 -23.10
N LYS C 256 -14.87 16.27 -21.92
CA LYS C 256 -13.94 17.34 -21.55
C LYS C 256 -12.74 16.73 -20.84
N GLU C 257 -11.55 16.93 -21.40
CA GLU C 257 -10.34 16.38 -20.82
C GLU C 257 -10.03 17.05 -19.48
N TYR C 258 -9.34 16.31 -18.61
CA TYR C 258 -9.08 16.81 -17.27
C TYR C 258 -8.19 18.04 -17.29
N CYS C 259 -7.11 18.01 -18.09
CA CYS C 259 -6.24 19.16 -18.18
C CYS C 259 -6.94 20.34 -18.85
N GLU C 260 -7.80 20.05 -19.82
CA GLU C 260 -8.53 21.12 -20.51
C GLU C 260 -9.44 21.87 -19.56
N ALA C 261 -9.94 21.19 -18.52
CA ALA C 261 -10.80 21.84 -17.54
C ALA C 261 -10.01 22.45 -16.40
N TYR C 262 -8.89 21.84 -16.03
CA TYR C 262 -8.03 22.46 -15.02
C TYR C 262 -7.42 23.75 -15.54
N GLN C 263 -7.22 23.86 -16.86
CA GLN C 263 -6.79 25.12 -17.44
C GLN C 263 -7.85 26.20 -17.23
N GLU C 264 -9.13 25.85 -17.41
CA GLU C 264 -10.19 26.81 -17.14
C GLU C 264 -10.25 27.16 -15.66
N ILE C 265 -10.00 26.18 -14.79
CA ILE C 265 -9.94 26.46 -13.36
C ILE C 265 -8.83 27.46 -13.06
N ILE C 266 -7.66 27.27 -13.66
CA ILE C 266 -6.55 28.20 -13.46
C ILE C 266 -6.91 29.58 -13.97
N GLU C 267 -7.58 29.65 -15.13
CA GLU C 267 -7.88 30.94 -15.75
C GLU C 267 -8.91 31.71 -14.93
N LYS C 268 -10.00 31.06 -14.53
CA LYS C 268 -11.10 31.74 -13.86
C LYS C 268 -10.98 31.74 -12.35
N ALA C 269 -9.97 31.07 -11.78
CA ALA C 269 -9.88 30.91 -10.33
C ALA C 269 -8.96 31.98 -9.72
N GLN C 270 -7.71 32.02 -10.17
CA GLN C 270 -6.72 32.97 -9.66
C GLN C 270 -6.09 33.78 -10.78
N GLY C 271 -6.71 33.80 -11.95
CA GLY C 271 -6.25 34.65 -13.04
C GLY C 271 -6.63 36.09 -12.76
N LYS C 272 -5.97 36.69 -11.77
CA LYS C 272 -6.26 38.02 -11.23
C LYS C 272 -7.60 38.08 -10.52
N GLN C 273 -8.24 36.93 -10.28
CA GLN C 273 -9.50 36.83 -9.56
C GLN C 273 -10.57 37.77 -10.12
N MET D 1 36.96 -32.80 0.36
CA MET D 1 35.71 -33.23 -0.26
C MET D 1 35.98 -34.07 -1.50
N GLU D 2 34.92 -34.52 -2.16
CA GLU D 2 35.05 -35.47 -3.26
C GLU D 2 34.86 -34.84 -4.64
N ALA D 3 33.71 -34.20 -4.88
CA ALA D 3 33.39 -33.79 -6.24
C ALA D 3 32.76 -32.41 -6.29
N GLN D 4 33.14 -31.63 -7.29
CA GLN D 4 32.51 -30.35 -7.62
C GLN D 4 32.20 -30.35 -9.11
N LEU D 5 30.91 -30.26 -9.44
CA LEU D 5 30.46 -30.35 -10.82
C LEU D 5 29.65 -29.11 -11.18
N ARG D 6 29.62 -28.80 -12.47
CA ARG D 6 28.93 -27.63 -12.98
C ARG D 6 28.31 -27.95 -14.33
N PHE D 7 26.98 -27.86 -14.41
CA PHE D 7 26.25 -28.06 -15.65
C PHE D 7 25.69 -26.72 -16.11
N THR D 8 26.07 -26.29 -17.31
CA THR D 8 25.65 -25.01 -17.84
C THR D 8 24.88 -25.19 -19.14
N GLY D 9 24.02 -24.22 -19.45
CA GLY D 9 23.25 -24.30 -20.68
C GLY D 9 22.42 -23.06 -20.88
N VAL D 10 21.49 -23.16 -21.82
CA VAL D 10 20.54 -22.10 -22.14
C VAL D 10 19.21 -22.42 -21.51
N GLY D 11 18.59 -21.42 -20.88
CA GLY D 11 17.31 -21.60 -20.23
C GLY D 11 16.23 -22.12 -21.17
N GLY D 12 15.81 -23.36 -20.94
CA GLY D 12 14.84 -24.01 -21.81
C GLY D 12 15.33 -25.28 -22.46
N GLN D 13 16.55 -25.74 -22.17
CA GLN D 13 17.08 -26.95 -22.78
C GLN D 13 16.85 -28.19 -21.94
N GLY D 14 16.87 -28.06 -20.62
CA GLY D 14 16.61 -29.18 -19.73
C GLY D 14 17.79 -30.06 -19.43
N VAL D 15 18.99 -29.71 -19.89
CA VAL D 15 20.17 -30.50 -19.57
C VAL D 15 20.48 -30.44 -18.08
N LEU D 16 20.23 -29.28 -17.46
CA LEU D 16 20.57 -29.09 -16.05
C LEU D 16 19.81 -30.03 -15.13
N LEU D 17 18.68 -30.57 -15.56
CA LEU D 17 17.90 -31.46 -14.70
C LEU D 17 18.67 -32.72 -14.34
N ALA D 18 19.63 -33.11 -15.17
CA ALA D 18 20.45 -34.29 -14.89
C ALA D 18 21.35 -34.13 -13.68
N GLY D 19 21.34 -32.97 -13.03
CA GLY D 19 22.20 -32.73 -11.89
C GLY D 19 21.67 -33.30 -10.58
N GLU D 20 20.49 -32.86 -10.16
CA GLU D 20 19.97 -33.25 -8.85
C GLU D 20 19.76 -34.76 -8.74
N ILE D 21 19.63 -35.46 -9.86
CA ILE D 21 19.56 -36.91 -9.82
C ILE D 21 20.86 -37.48 -9.26
N LEU D 22 22.00 -36.94 -9.67
CA LEU D 22 23.28 -37.37 -9.12
C LEU D 22 23.38 -37.05 -7.64
N ALA D 23 22.88 -35.88 -7.23
CA ALA D 23 22.91 -35.52 -5.81
C ALA D 23 22.09 -36.51 -4.99
N GLU D 24 20.89 -36.84 -5.43
CA GLU D 24 20.07 -37.80 -4.70
C GLU D 24 20.67 -39.20 -4.73
N ALA D 25 21.32 -39.58 -5.84
CA ALA D 25 21.98 -40.87 -5.90
C ALA D 25 23.11 -40.95 -4.87
N LYS D 26 23.91 -39.88 -4.76
CA LYS D 26 24.95 -39.85 -3.74
C LYS D 26 24.37 -39.87 -2.33
N ILE D 27 23.26 -39.14 -2.12
CA ILE D 27 22.63 -39.11 -0.80
C ILE D 27 22.16 -40.50 -0.40
N VAL D 28 21.51 -41.22 -1.34
CA VAL D 28 21.05 -42.57 -1.05
C VAL D 28 22.22 -43.51 -0.85
N SER D 29 23.30 -43.32 -1.62
CA SER D 29 24.46 -44.21 -1.51
C SER D 29 25.11 -44.14 -0.14
N GLY D 30 24.93 -43.05 0.59
CA GLY D 30 25.51 -42.93 1.92
C GLY D 30 26.42 -41.73 2.09
N GLY D 31 26.21 -40.70 1.29
CA GLY D 31 27.01 -39.50 1.38
C GLY D 31 26.19 -38.24 1.54
N TYR D 32 26.78 -37.10 1.17
CA TYR D 32 26.11 -35.81 1.24
C TYR D 32 26.28 -35.08 -0.09
N GLY D 33 25.20 -34.46 -0.54
CA GLY D 33 25.22 -33.72 -1.78
C GLY D 33 24.39 -32.45 -1.68
N THR D 34 24.84 -31.42 -2.38
CA THR D 34 24.16 -30.13 -2.38
C THR D 34 24.14 -29.56 -3.79
N LYS D 35 23.04 -28.90 -4.13
CA LYS D 35 22.83 -28.34 -5.46
C LYS D 35 22.46 -26.87 -5.33
N THR D 36 23.12 -26.02 -6.12
CA THR D 36 22.82 -24.58 -6.15
C THR D 36 22.68 -24.15 -7.60
N SER D 37 21.58 -23.47 -7.91
CA SER D 37 21.24 -23.11 -9.28
C SER D 37 21.32 -21.59 -9.45
N THR D 38 21.99 -21.15 -10.52
CA THR D 38 22.05 -19.75 -10.90
C THR D 38 21.26 -19.55 -12.18
N TYR D 39 20.24 -18.71 -12.11
CA TYR D 39 19.34 -18.41 -13.21
C TYR D 39 19.37 -16.92 -13.51
N THR D 40 18.52 -16.51 -14.44
CA THR D 40 18.38 -15.12 -14.83
C THR D 40 16.90 -14.74 -14.83
N SER D 41 16.62 -13.45 -15.00
CA SER D 41 15.24 -12.99 -15.10
C SER D 41 14.63 -13.23 -16.47
N GLN D 42 15.30 -14.04 -17.30
CA GLN D 42 14.86 -14.34 -18.65
C GLN D 42 14.29 -15.74 -18.69
N VAL D 43 13.05 -15.87 -19.18
CA VAL D 43 12.36 -17.16 -19.16
C VAL D 43 13.04 -18.15 -20.10
N ARG D 44 13.33 -17.72 -21.33
CA ARG D 44 13.90 -18.60 -22.34
C ARG D 44 15.05 -17.91 -23.05
N GLY D 45 16.07 -18.68 -23.38
CA GLY D 45 17.22 -18.18 -24.11
C GLY D 45 18.36 -17.67 -23.28
N GLY D 46 18.18 -17.53 -21.96
CA GLY D 46 19.20 -17.00 -21.09
C GLY D 46 20.17 -18.07 -20.61
N PRO D 47 21.34 -17.64 -20.12
CA PRO D 47 22.32 -18.60 -19.60
C PRO D 47 21.96 -19.03 -18.19
N THR D 48 21.99 -20.34 -17.96
CA THR D 48 21.67 -20.93 -16.66
C THR D 48 22.74 -21.92 -16.28
N LYS D 49 22.93 -22.12 -14.98
CA LYS D 49 23.96 -23.04 -14.51
C LYS D 49 23.52 -23.67 -13.20
N VAL D 50 24.09 -24.83 -12.91
CA VAL D 50 23.92 -25.50 -11.63
C VAL D 50 25.26 -26.03 -11.16
N ASP D 51 25.57 -25.82 -9.89
CA ASP D 51 26.75 -26.36 -9.25
C ASP D 51 26.34 -27.43 -8.25
N ILE D 52 27.14 -28.48 -8.17
CA ILE D 52 26.86 -29.64 -7.34
C ILE D 52 28.10 -29.96 -6.52
N LEU D 53 27.92 -30.09 -5.20
CA LEU D 53 28.98 -30.45 -4.29
C LEU D 53 28.67 -31.82 -3.68
N LEU D 54 29.59 -32.76 -3.82
CA LEU D 54 29.43 -34.11 -3.30
C LEU D 54 30.57 -34.41 -2.35
N ASP D 55 30.23 -34.84 -1.13
CA ASP D 55 31.24 -35.10 -0.11
C ASP D 55 30.79 -36.28 0.74
N LYS D 56 31.76 -36.94 1.37
CA LYS D 56 31.49 -38.03 2.28
C LYS D 56 31.08 -37.57 3.67
N ASP D 57 31.23 -36.28 3.98
CA ASP D 57 30.97 -35.76 5.32
C ASP D 57 29.99 -34.61 5.16
N GLU D 58 29.65 -33.96 6.27
CA GLU D 58 28.68 -32.88 6.26
C GLU D 58 29.15 -31.72 5.38
N ILE D 59 28.20 -31.14 4.65
CA ILE D 59 28.46 -29.98 3.80
C ILE D 59 27.92 -28.75 4.53
N ILE D 60 28.79 -27.77 4.76
CA ILE D 60 28.41 -26.57 5.48
C ILE D 60 28.14 -25.43 4.49
N PHE D 61 29.16 -25.05 3.74
CA PHE D 61 28.99 -23.97 2.77
C PHE D 61 28.33 -24.52 1.51
N PRO D 62 27.18 -23.99 1.10
CA PRO D 62 26.47 -24.57 -0.05
C PRO D 62 27.13 -24.26 -1.39
N TYR D 63 27.65 -23.04 -1.55
CA TYR D 63 28.19 -22.61 -2.83
C TYR D 63 29.54 -23.27 -3.10
N ALA D 64 29.93 -23.24 -4.37
CA ALA D 64 31.22 -23.77 -4.80
C ALA D 64 32.28 -22.69 -4.76
N LYS D 65 33.53 -23.13 -4.62
CA LYS D 65 34.67 -22.23 -4.50
C LYS D 65 35.29 -22.02 -5.88
N GLU D 66 35.51 -20.75 -6.23
CA GLU D 66 36.06 -20.42 -7.54
C GLU D 66 37.49 -20.93 -7.67
N GLY D 67 37.83 -21.44 -8.85
CA GLY D 67 39.17 -21.94 -9.12
C GLY D 67 39.44 -23.36 -8.70
N GLU D 68 38.41 -24.12 -8.31
CA GLU D 68 38.56 -25.50 -7.85
C GLU D 68 37.58 -26.43 -8.53
N ILE D 69 36.59 -25.90 -9.24
CA ILE D 69 35.51 -26.70 -9.80
C ILE D 69 36.08 -27.77 -10.73
N ASP D 70 35.67 -29.01 -10.52
CA ASP D 70 36.32 -30.16 -11.16
C ASP D 70 35.72 -30.49 -12.51
N PHE D 71 34.42 -30.76 -12.57
CA PHE D 71 33.79 -31.23 -13.80
C PHE D 71 32.86 -30.15 -14.35
N MET D 72 32.82 -30.01 -15.67
CA MET D 72 31.93 -29.05 -16.31
C MET D 72 31.33 -29.65 -17.57
N LEU D 73 30.02 -29.47 -17.75
CA LEU D 73 29.31 -29.94 -18.93
C LEU D 73 28.51 -28.78 -19.49
N SER D 74 28.82 -28.38 -20.72
CA SER D 74 28.23 -27.20 -21.33
C SER D 74 27.69 -27.52 -22.71
N VAL D 75 26.50 -27.02 -23.01
CA VAL D 75 25.86 -27.23 -24.32
C VAL D 75 25.43 -25.89 -24.89
N ALA D 76 26.12 -24.82 -24.51
CA ALA D 76 25.76 -23.48 -24.98
C ALA D 76 26.98 -22.58 -24.88
N GLN D 77 27.23 -21.81 -25.94
CA GLN D 77 28.40 -20.94 -25.98
C GLN D 77 28.24 -19.73 -25.07
N ILE D 78 27.02 -19.20 -24.96
CA ILE D 78 26.80 -17.99 -24.18
C ILE D 78 27.12 -18.24 -22.71
N SER D 79 26.65 -19.36 -22.16
CA SER D 79 26.95 -19.70 -20.78
C SER D 79 28.42 -20.06 -20.62
N TYR D 80 28.93 -20.92 -21.52
CA TYR D 80 30.31 -21.40 -21.44
C TYR D 80 31.32 -20.25 -21.48
N ASN D 81 30.96 -19.13 -22.12
CA ASN D 81 31.86 -17.98 -22.13
C ASN D 81 32.04 -17.42 -20.72
N GLN D 82 30.97 -17.36 -19.94
CA GLN D 82 31.01 -16.76 -18.61
C GLN D 82 31.48 -17.73 -17.54
N PHE D 83 30.96 -18.96 -17.55
CA PHE D 83 31.17 -19.90 -16.45
C PHE D 83 32.34 -20.85 -16.69
N LYS D 84 33.37 -20.41 -17.43
CA LYS D 84 34.52 -21.24 -17.73
C LYS D 84 35.72 -20.95 -16.85
N SER D 85 35.92 -19.69 -16.44
CA SER D 85 37.12 -19.31 -15.72
C SER D 85 37.26 -20.02 -14.37
N ASP D 86 36.16 -20.49 -13.79
CA ASP D 86 36.19 -21.12 -12.48
C ASP D 86 36.77 -22.53 -12.51
N ILE D 87 36.99 -23.10 -13.69
CA ILE D 87 37.49 -24.47 -13.79
C ILE D 87 38.95 -24.52 -13.36
N LYS D 88 39.28 -25.51 -12.53
CA LYS D 88 40.66 -25.68 -12.09
C LYS D 88 41.52 -26.19 -13.25
N GLN D 89 42.83 -26.02 -13.09
CA GLN D 89 43.77 -26.46 -14.13
C GLN D 89 43.67 -27.96 -14.33
N GLY D 90 43.62 -28.38 -15.59
CA GLY D 90 43.49 -29.79 -15.91
C GLY D 90 42.18 -30.42 -15.51
N GLY D 91 41.08 -29.69 -15.59
CA GLY D 91 39.77 -30.24 -15.29
C GLY D 91 39.18 -31.00 -16.46
N ILE D 92 37.95 -31.45 -16.28
CA ILE D 92 37.21 -32.19 -17.28
C ILE D 92 36.09 -31.30 -17.80
N VAL D 93 36.05 -31.11 -19.11
CA VAL D 93 35.03 -30.30 -19.78
C VAL D 93 34.41 -31.14 -20.89
N VAL D 94 33.08 -31.18 -20.92
CA VAL D 94 32.33 -31.88 -21.95
C VAL D 94 31.48 -30.87 -22.69
N ILE D 95 31.54 -30.89 -24.03
CA ILE D 95 30.81 -29.95 -24.87
C ILE D 95 30.25 -30.71 -26.08
N ASP D 96 29.29 -30.08 -26.74
CA ASP D 96 28.79 -30.56 -28.02
C ASP D 96 29.29 -29.64 -29.13
N PRO D 97 30.03 -30.15 -30.11
CA PRO D 97 30.67 -29.26 -31.10
C PRO D 97 29.69 -28.46 -31.93
N ASN D 98 28.43 -28.88 -32.04
CA ASN D 98 27.47 -28.14 -32.85
C ASN D 98 27.09 -26.80 -32.24
N LEU D 99 27.27 -26.64 -30.93
CA LEU D 99 26.86 -25.41 -30.26
C LEU D 99 27.97 -24.71 -29.48
N VAL D 100 29.12 -25.34 -29.26
CA VAL D 100 30.19 -24.76 -28.47
C VAL D 100 31.51 -24.95 -29.20
N THR D 101 32.28 -23.88 -29.29
CA THR D 101 33.62 -23.92 -29.88
C THR D 101 34.61 -23.31 -28.89
N PRO D 102 35.55 -24.08 -28.37
CA PRO D 102 36.52 -23.54 -27.40
C PRO D 102 37.76 -22.98 -28.07
N THR D 103 38.40 -22.05 -27.37
CA THR D 103 39.62 -21.43 -27.86
C THR D 103 40.81 -22.39 -27.68
N LYS D 104 41.96 -21.98 -28.22
CA LYS D 104 43.16 -22.80 -28.12
C LYS D 104 43.67 -22.88 -26.69
N GLU D 105 43.54 -21.79 -25.92
CA GLU D 105 43.98 -21.81 -24.53
C GLU D 105 43.17 -22.81 -23.71
N ASP D 106 41.87 -22.88 -23.96
CA ASP D 106 41.03 -23.85 -23.25
C ASP D 106 41.44 -25.28 -23.58
N GLU D 107 41.74 -25.55 -24.86
CA GLU D 107 42.17 -26.89 -25.25
C GLU D 107 43.53 -27.23 -24.63
N GLU D 108 44.40 -26.23 -24.52
CA GLU D 108 45.71 -26.48 -23.91
C GLU D 108 45.62 -26.66 -22.40
N LYS D 109 44.64 -26.03 -21.77
CA LYS D 109 44.54 -26.02 -20.31
C LYS D 109 43.68 -27.16 -19.77
N TYR D 110 42.54 -27.43 -20.39
CA TYR D 110 41.61 -28.43 -19.89
C TYR D 110 41.82 -29.76 -20.60
N GLN D 111 40.90 -30.70 -20.37
CA GLN D 111 40.91 -32.01 -21.01
C GLN D 111 39.63 -32.18 -21.81
N ILE D 112 39.31 -31.17 -22.62
CA ILE D 112 37.97 -31.07 -23.20
C ILE D 112 37.62 -32.29 -24.04
N TYR D 113 36.31 -32.57 -24.10
CA TYR D 113 35.76 -33.66 -24.89
C TYR D 113 34.59 -33.14 -25.71
N LYS D 114 34.38 -33.73 -26.88
CA LYS D 114 33.33 -33.29 -27.80
C LYS D 114 32.35 -34.43 -28.03
N ILE D 115 31.16 -34.33 -27.44
CA ILE D 115 30.10 -35.31 -27.63
C ILE D 115 28.82 -34.55 -27.95
N PRO D 116 28.18 -34.79 -29.10
CA PRO D 116 26.93 -34.07 -29.46
C PRO D 116 25.70 -34.59 -28.71
N ILE D 117 25.51 -34.06 -27.50
CA ILE D 117 24.49 -34.58 -26.60
C ILE D 117 23.10 -34.40 -27.19
N ILE D 118 22.82 -33.20 -27.70
CA ILE D 118 21.47 -32.91 -28.21
C ILE D 118 21.19 -33.72 -29.47
N SER D 119 22.19 -33.85 -30.35
CA SER D 119 22.02 -34.66 -31.55
C SER D 119 21.78 -36.13 -31.20
N ILE D 120 22.49 -36.63 -30.18
CA ILE D 120 22.27 -38.00 -29.71
C ILE D 120 20.85 -38.14 -29.18
N ALA D 121 20.39 -37.16 -28.39
CA ALA D 121 19.06 -37.25 -27.82
C ALA D 121 17.98 -37.25 -28.88
N LYS D 122 18.13 -36.42 -29.92
CA LYS D 122 17.07 -36.28 -30.90
C LYS D 122 17.11 -37.38 -31.96
N ASP D 123 18.30 -37.71 -32.48
CA ASP D 123 18.40 -38.62 -33.59
C ASP D 123 18.63 -40.07 -33.18
N GLU D 124 19.35 -40.31 -32.09
CA GLU D 124 19.66 -41.67 -31.67
C GLU D 124 18.57 -42.26 -30.78
N VAL D 125 18.07 -41.49 -29.83
CA VAL D 125 17.05 -42.00 -28.91
C VAL D 125 15.66 -41.85 -29.50
N GLY D 126 15.32 -40.64 -29.98
CA GLY D 126 14.03 -40.36 -30.57
C GLY D 126 13.30 -39.21 -29.92
N ASN D 127 13.44 -39.07 -28.60
CA ASN D 127 12.81 -37.99 -27.85
C ASN D 127 13.90 -37.07 -27.31
N ILE D 128 13.81 -35.78 -27.63
CA ILE D 128 14.83 -34.84 -27.19
C ILE D 128 14.70 -34.50 -25.71
N ILE D 129 13.50 -34.66 -25.12
CA ILE D 129 13.29 -34.30 -23.71
C ILE D 129 14.19 -35.14 -22.82
N THR D 130 14.49 -36.37 -23.21
CA THR D 130 15.36 -37.26 -22.46
C THR D 130 16.83 -36.87 -22.57
N GLN D 131 17.19 -35.72 -23.14
CA GLN D 131 18.60 -35.36 -23.27
C GLN D 131 19.30 -35.37 -21.93
N SER D 132 18.61 -34.95 -20.86
CA SER D 132 19.21 -34.98 -19.53
C SER D 132 19.66 -36.38 -19.16
N VAL D 133 18.81 -37.38 -19.43
CA VAL D 133 19.17 -38.77 -19.14
C VAL D 133 20.43 -39.15 -19.89
N VAL D 134 20.63 -38.61 -21.09
CA VAL D 134 21.88 -38.84 -21.80
C VAL D 134 23.04 -38.17 -21.06
N ALA D 135 22.87 -36.90 -20.70
CA ALA D 135 23.96 -36.14 -20.11
C ALA D 135 24.42 -36.77 -18.81
N LEU D 136 23.48 -37.13 -17.94
CA LEU D 136 23.81 -37.83 -16.71
C LEU D 136 24.59 -39.11 -17.01
N ALA D 137 24.17 -39.84 -18.05
CA ALA D 137 24.86 -41.08 -18.42
C ALA D 137 26.34 -40.83 -18.71
N ILE D 138 26.67 -39.64 -19.25
CA ILE D 138 28.07 -39.32 -19.48
C ILE D 138 28.79 -39.08 -18.17
N THR D 139 28.17 -38.32 -17.27
CA THR D 139 28.85 -37.88 -16.05
C THR D 139 29.32 -39.07 -15.22
N VAL D 140 28.40 -40.01 -14.95
CA VAL D 140 28.75 -41.19 -14.15
C VAL D 140 29.86 -41.98 -14.82
N GLU D 141 29.93 -41.94 -16.16
CA GLU D 141 30.96 -42.69 -16.87
C GLU D 141 32.30 -41.98 -16.89
N LEU D 142 32.36 -40.70 -16.51
CA LEU D 142 33.61 -39.95 -16.50
C LEU D 142 34.11 -39.60 -15.11
N THR D 143 33.21 -39.31 -14.18
CA THR D 143 33.62 -38.99 -12.82
C THR D 143 33.60 -40.22 -11.91
N LYS D 144 32.63 -41.13 -12.12
CA LYS D 144 32.51 -42.37 -11.36
C LYS D 144 32.38 -42.09 -9.87
N CYS D 145 31.68 -41.02 -9.52
CA CYS D 145 31.45 -40.67 -8.13
C CYS D 145 30.33 -41.48 -7.49
N VAL D 146 29.39 -42.00 -8.28
CA VAL D 146 28.28 -42.80 -7.77
C VAL D 146 28.22 -44.07 -8.59
N GLU D 147 27.89 -45.18 -7.93
CA GLU D 147 27.76 -46.45 -8.61
C GLU D 147 26.57 -46.42 -9.57
N GLU D 148 26.65 -47.24 -10.61
CA GLU D 148 25.67 -47.19 -11.69
C GLU D 148 24.27 -47.53 -11.18
N ASN D 149 24.13 -48.67 -10.50
CA ASN D 149 22.80 -49.18 -10.19
C ASN D 149 22.00 -48.20 -9.35
N ILE D 150 22.63 -47.53 -8.39
CA ILE D 150 21.93 -46.53 -7.58
C ILE D 150 21.40 -45.43 -8.48
N VAL D 151 22.21 -44.97 -9.43
CA VAL D 151 21.79 -43.90 -10.33
C VAL D 151 20.63 -44.35 -11.20
N LEU D 152 20.69 -45.57 -11.73
CA LEU D 152 19.59 -46.07 -12.56
C LEU D 152 18.30 -46.15 -11.77
N ASP D 153 18.34 -46.69 -10.55
CA ASP D 153 17.13 -46.76 -9.74
C ASP D 153 16.59 -45.37 -9.41
N THR D 154 17.48 -44.45 -9.01
CA THR D 154 17.01 -43.11 -8.65
C THR D 154 16.39 -42.41 -9.85
N MET D 155 16.99 -42.55 -11.04
CA MET D 155 16.41 -41.97 -12.24
C MET D 155 15.08 -42.61 -12.58
N LEU D 156 14.97 -43.94 -12.42
CA LEU D 156 13.74 -44.63 -12.77
C LEU D 156 12.59 -44.21 -11.86
N LYS D 157 12.84 -44.06 -10.57
CA LYS D 157 11.79 -43.68 -9.63
C LYS D 157 11.58 -42.17 -9.56
N LYS D 158 12.03 -41.42 -10.57
CA LYS D 158 11.85 -39.98 -10.61
C LYS D 158 11.25 -39.50 -11.93
N VAL D 159 10.79 -40.41 -12.79
CA VAL D 159 10.24 -40.04 -14.09
C VAL D 159 8.89 -40.74 -14.24
N PRO D 160 8.00 -40.18 -15.07
CA PRO D 160 6.73 -40.86 -15.33
C PRO D 160 6.95 -42.24 -15.95
N ALA D 161 6.10 -43.19 -15.54
CA ALA D 161 6.28 -44.57 -15.94
C ALA D 161 6.02 -44.80 -17.42
N LYS D 162 5.19 -43.97 -18.06
CA LYS D 162 4.78 -44.22 -19.44
C LYS D 162 5.95 -44.24 -20.41
N VAL D 163 7.09 -43.63 -20.05
CA VAL D 163 8.29 -43.64 -20.87
C VAL D 163 9.43 -44.37 -20.21
N ALA D 164 9.25 -44.89 -18.99
CA ALA D 164 10.33 -45.44 -18.19
C ALA D 164 11.31 -46.26 -19.01
N ASP D 165 10.80 -47.26 -19.74
CA ASP D 165 11.66 -48.18 -20.47
C ASP D 165 12.60 -47.43 -21.40
N THR D 166 12.07 -46.55 -22.25
CA THR D 166 12.96 -45.90 -23.21
C THR D 166 13.95 -45.00 -22.49
N ASN D 167 13.56 -44.42 -21.35
CA ASN D 167 14.51 -43.66 -20.55
C ASN D 167 15.73 -44.52 -20.21
N LYS D 168 15.49 -45.73 -19.74
CA LYS D 168 16.59 -46.66 -19.47
C LYS D 168 17.45 -46.83 -20.72
N LYS D 169 16.80 -47.05 -21.86
CA LYS D 169 17.55 -47.22 -23.10
C LYS D 169 18.43 -46.01 -23.36
N ALA D 170 17.90 -44.80 -23.15
CA ALA D 170 18.70 -43.60 -23.34
C ALA D 170 19.99 -43.67 -22.54
N PHE D 171 19.87 -44.08 -21.27
CA PHE D 171 21.06 -44.20 -20.42
C PHE D 171 22.12 -45.05 -21.10
N GLU D 172 21.71 -46.22 -21.59
CA GLU D 172 22.66 -47.13 -22.23
C GLU D 172 23.41 -46.40 -23.33
N ILE D 173 22.67 -45.71 -24.20
CA ILE D 173 23.30 -45.03 -25.33
C ILE D 173 24.40 -44.10 -24.84
N GLY D 174 24.08 -43.31 -23.81
CA GLY D 174 25.07 -42.38 -23.28
C GLY D 174 26.36 -43.08 -22.93
N LYS D 175 26.26 -44.17 -22.18
CA LYS D 175 27.47 -44.89 -21.77
C LYS D 175 28.29 -45.28 -22.99
N LYS D 176 27.63 -45.82 -24.01
CA LYS D 176 28.35 -46.21 -25.23
C LYS D 176 29.17 -45.05 -25.75
N HIS D 177 28.53 -43.88 -25.90
CA HIS D 177 29.24 -42.75 -26.46
C HIS D 177 30.40 -42.34 -25.59
N ALA D 178 30.24 -42.41 -24.26
CA ALA D 178 31.34 -42.10 -23.37
C ALA D 178 32.49 -43.06 -23.61
N LEU D 179 32.19 -44.35 -23.78
CA LEU D 179 33.25 -45.32 -24.06
C LEU D 179 33.87 -45.10 -25.43
N GLU D 180 33.20 -44.38 -26.33
CA GLU D 180 33.79 -44.01 -27.60
C GLU D 180 34.59 -42.71 -27.51
N ALA D 181 34.46 -41.97 -26.41
CA ALA D 181 35.24 -40.75 -26.23
C ALA D 181 36.62 -41.01 -25.67
N LEU D 182 36.92 -42.24 -25.26
CA LEU D 182 38.22 -42.59 -24.70
C LEU D 182 39.18 -43.09 -25.78
N LYS D 183 39.32 -42.31 -26.86
CA LYS D 183 40.28 -42.66 -27.90
C LYS D 183 41.70 -42.30 -27.49
N VAL D 184 41.86 -41.43 -26.50
CA VAL D 184 43.17 -41.01 -26.03
C VAL D 184 43.88 -42.16 -25.33
N THR E 6 -44.55 1.06 26.66
CA THR E 6 -45.80 1.45 26.02
C THR E 6 -46.84 1.88 27.06
N PRO E 7 -46.99 3.18 27.25
CA PRO E 7 -48.01 3.67 28.19
C PRO E 7 -49.40 3.34 27.69
N ASP E 8 -50.33 3.19 28.64
CA ASP E 8 -51.70 2.85 28.36
C ASP E 8 -52.50 4.11 28.08
N GLY E 9 -53.27 4.09 26.98
CA GLY E 9 -54.10 5.21 26.60
C GLY E 9 -53.48 6.16 25.60
N VAL E 10 -52.18 6.03 25.32
CA VAL E 10 -51.49 6.91 24.37
C VAL E 10 -51.12 6.09 23.14
N ALA E 11 -51.02 6.76 22.00
CA ALA E 11 -50.67 6.12 20.73
C ALA E 11 -49.21 6.34 20.36
N VAL E 12 -48.79 7.60 20.25
CA VAL E 12 -47.44 7.96 19.87
C VAL E 12 -46.85 8.85 20.95
N TRP E 13 -45.64 8.52 21.40
CA TRP E 13 -44.96 9.32 22.42
C TRP E 13 -43.47 9.35 22.13
N VAL E 14 -42.84 10.47 22.49
CA VAL E 14 -41.43 10.70 22.21
C VAL E 14 -40.67 10.77 23.52
N ASN E 15 -39.36 10.58 23.42
CA ASN E 15 -38.45 10.68 24.56
C ASN E 15 -37.72 12.02 24.47
N GLU E 16 -37.89 12.86 25.48
CA GLU E 16 -37.32 14.20 25.47
C GLU E 16 -35.83 14.22 25.78
N ASP E 17 -35.31 13.14 26.37
CA ASP E 17 -33.90 13.08 26.74
C ASP E 17 -32.99 12.75 25.56
N ARG E 18 -33.55 12.37 24.42
CA ARG E 18 -32.75 12.01 23.25
C ARG E 18 -33.02 12.87 22.04
N CYS E 19 -34.28 13.23 21.80
CA CYS E 19 -34.66 13.91 20.56
C CYS E 19 -33.87 15.20 20.37
N LYS E 20 -33.36 15.40 19.16
CA LYS E 20 -32.48 16.52 18.86
C LYS E 20 -33.14 17.62 18.05
N GLY E 21 -34.13 17.31 17.22
CA GLY E 21 -34.79 18.32 16.44
C GLY E 21 -34.34 18.36 15.00
N CYS E 22 -34.24 17.19 14.36
CA CYS E 22 -33.79 17.09 12.98
C CYS E 22 -34.88 17.42 11.96
N ASP E 23 -36.10 17.68 12.41
CA ASP E 23 -37.22 18.06 11.54
C ASP E 23 -37.54 16.97 10.52
N ILE E 24 -37.36 15.71 10.91
CA ILE E 24 -37.65 14.58 10.02
C ILE E 24 -38.94 13.89 10.40
N CYS E 25 -39.17 13.66 11.70
CA CYS E 25 -40.39 12.97 12.14
C CYS E 25 -41.64 13.76 11.81
N VAL E 26 -41.59 15.09 11.98
CA VAL E 26 -42.74 15.93 11.68
C VAL E 26 -42.94 16.15 10.20
N SER E 27 -41.99 15.76 9.36
CA SER E 27 -42.07 15.97 7.92
C SER E 27 -42.65 14.78 7.17
N VAL E 28 -43.06 13.72 7.87
CA VAL E 28 -43.60 12.53 7.22
C VAL E 28 -44.99 12.16 7.75
N CYS E 29 -45.51 12.85 8.74
CA CYS E 29 -46.80 12.51 9.31
C CYS E 29 -47.92 12.91 8.35
N PRO E 30 -48.75 11.96 7.89
CA PRO E 30 -49.88 12.34 7.03
C PRO E 30 -50.91 13.20 7.73
N ALA E 31 -51.03 13.09 9.06
CA ALA E 31 -52.03 13.83 9.81
C ALA E 31 -51.46 15.08 10.48
N GLY E 32 -50.14 15.18 10.58
CA GLY E 32 -49.52 16.34 11.21
C GLY E 32 -49.93 16.53 12.65
N VAL E 33 -49.61 15.56 13.50
CA VAL E 33 -49.96 15.60 14.91
C VAL E 33 -48.79 16.00 15.79
N LEU E 34 -47.64 16.30 15.21
CA LEU E 34 -46.45 16.69 15.96
C LEU E 34 -46.03 18.10 15.59
N GLY E 35 -45.27 18.73 16.48
CA GLY E 35 -44.76 20.06 16.23
C GLY E 35 -43.52 20.32 17.06
N MET E 36 -42.59 21.09 16.48
CA MET E 36 -41.31 21.36 17.12
C MET E 36 -41.44 22.63 17.96
N GLY E 37 -41.57 22.45 19.27
CA GLY E 37 -41.68 23.57 20.18
C GLY E 37 -40.33 24.02 20.73
N ILE E 38 -40.25 25.31 21.05
CA ILE E 38 -39.00 25.87 21.55
C ILE E 38 -38.76 25.42 22.99
N GLU E 39 -37.57 24.89 23.25
CA GLU E 39 -37.18 24.44 24.58
C GLU E 39 -35.75 24.92 24.82
N LYS E 40 -35.62 26.03 25.56
CA LYS E 40 -34.32 26.67 25.76
C LYS E 40 -33.48 25.97 26.82
N GLU E 41 -34.00 24.94 27.48
CA GLU E 41 -33.22 24.22 28.47
C GLU E 41 -32.13 23.37 27.81
N ARG E 42 -32.37 22.91 26.59
CA ARG E 42 -31.43 22.04 25.89
C ARG E 42 -30.67 22.81 24.82
N VAL E 43 -29.70 22.13 24.20
CA VAL E 43 -28.73 22.81 23.35
C VAL E 43 -29.40 23.31 22.07
N LEU E 44 -29.99 22.40 21.30
CA LEU E 44 -30.53 22.78 19.99
C LEU E 44 -31.68 23.77 20.11
N GLY E 45 -32.54 23.61 21.12
CA GLY E 45 -33.57 24.58 21.43
C GLY E 45 -34.96 24.21 20.96
N LYS E 46 -35.09 23.28 20.02
CA LYS E 46 -36.39 22.86 19.52
C LYS E 46 -36.54 21.36 19.71
N VAL E 47 -37.66 20.95 20.29
CA VAL E 47 -37.93 19.54 20.57
C VAL E 47 -39.32 19.19 20.06
N ALA E 48 -39.47 17.94 19.62
CA ALA E 48 -40.73 17.48 19.06
C ALA E 48 -41.73 17.18 20.17
N LYS E 49 -42.94 17.71 20.03
CA LYS E 49 -44.04 17.48 20.96
C LYS E 49 -45.25 17.02 20.19
N VAL E 50 -45.89 15.95 20.68
CA VAL E 50 -47.12 15.45 20.07
C VAL E 50 -48.25 16.42 20.41
N ALA E 51 -49.05 16.76 19.41
CA ALA E 51 -50.12 17.73 19.58
C ALA E 51 -51.52 17.14 19.43
N TYR E 52 -51.69 16.16 18.54
CA TYR E 52 -53.01 15.53 18.31
C TYR E 52 -52.85 14.02 18.36
N PRO E 53 -52.66 13.45 19.55
CA PRO E 53 -52.54 11.98 19.63
C PRO E 53 -53.79 11.25 19.19
N GLU E 54 -54.95 11.91 19.21
CA GLU E 54 -56.19 11.26 18.81
C GLU E 54 -56.19 10.90 17.34
N SER E 55 -55.50 11.67 16.50
CA SER E 55 -55.51 11.47 15.06
C SER E 55 -54.34 10.63 14.57
N CYS E 56 -53.88 9.70 15.39
CA CYS E 56 -52.74 8.86 15.02
C CYS E 56 -53.19 7.71 14.13
N ILE E 57 -52.43 7.45 13.07
CA ILE E 57 -52.71 6.40 12.11
C ILE E 57 -51.61 5.35 12.22
N GLY E 58 -51.92 4.14 11.80
CA GLY E 58 -50.98 3.03 11.90
C GLY E 58 -49.73 3.15 11.05
N CYS E 59 -49.53 4.31 10.42
CA CYS E 59 -48.35 4.56 9.59
C CYS E 59 -47.14 4.74 10.49
N VAL E 60 -46.35 3.68 10.65
CA VAL E 60 -45.25 3.65 11.61
C VAL E 60 -44.10 4.51 11.08
N GLN E 61 -44.31 5.16 9.94
CA GLN E 61 -43.31 5.97 9.25
C GLN E 61 -42.45 6.83 10.18
N CYS E 62 -43.06 7.46 11.17
CA CYS E 62 -42.31 8.32 12.08
C CYS E 62 -41.19 7.55 12.77
N GLU E 63 -41.53 6.41 13.38
CA GLU E 63 -40.51 5.57 13.99
C GLU E 63 -39.54 5.03 12.94
N LEU E 64 -40.00 4.90 11.70
CA LEU E 64 -39.12 4.51 10.61
C LEU E 64 -38.21 5.64 10.17
N HIS E 65 -38.54 6.89 10.49
CA HIS E 65 -37.78 8.05 10.06
C HIS E 65 -37.05 8.73 11.21
N CYS E 66 -36.89 8.05 12.35
CA CYS E 66 -36.19 8.62 13.48
C CYS E 66 -34.83 7.96 13.59
N PRO E 67 -33.74 8.64 13.22
CA PRO E 67 -32.41 8.01 13.32
C PRO E 67 -31.81 8.11 14.71
N ASP E 68 -32.65 8.38 15.72
CA ASP E 68 -32.17 8.67 17.06
C ASP E 68 -32.74 7.75 18.13
N PHE E 69 -33.76 6.94 17.82
CA PHE E 69 -34.43 6.08 18.79
C PHE E 69 -35.06 6.91 19.91
N ALA E 70 -36.00 7.77 19.52
CA ALA E 70 -36.65 8.66 20.46
C ALA E 70 -38.18 8.64 20.41
N ILE E 71 -38.79 8.28 19.27
CA ILE E 71 -40.24 8.30 19.11
C ILE E 71 -40.73 6.87 18.98
N TYR E 72 -41.86 6.57 19.62
CA TYR E 72 -42.44 5.24 19.58
C TYR E 72 -43.94 5.35 19.36
N VAL E 73 -44.52 4.33 18.76
CA VAL E 73 -45.94 4.28 18.43
C VAL E 73 -46.50 2.95 18.94
N ALA E 74 -47.65 3.01 19.61
CA ALA E 74 -48.26 1.82 20.18
C ALA E 74 -48.67 0.84 19.09
N ASP E 75 -48.72 -0.44 19.46
CA ASP E 75 -49.00 -1.51 18.51
C ASP E 75 -50.48 -1.56 18.17
N ARG E 76 -50.80 -2.31 17.11
CA ARG E 76 -52.17 -2.41 16.62
C ARG E 76 -53.02 -3.32 17.50
N LYS E 77 -52.41 -4.31 18.16
CA LYS E 77 -53.21 -5.29 18.89
C LYS E 77 -53.83 -4.68 20.15
N ASP E 78 -53.05 -3.95 20.93
CA ASP E 78 -53.51 -3.43 22.21
C ASP E 78 -54.04 -2.00 22.13
N PHE E 79 -54.07 -1.41 20.94
CA PHE E 79 -54.53 -0.03 20.78
C PHE E 79 -55.35 0.09 19.51
N LYS E 80 -56.24 1.07 19.49
CA LYS E 80 -57.09 1.35 18.33
C LYS E 80 -56.71 2.71 17.76
N PHE E 81 -56.47 2.75 16.46
CA PHE E 81 -56.08 3.96 15.77
C PHE E 81 -57.27 4.57 15.04
N ALA E 82 -57.26 5.89 14.89
CA ALA E 82 -58.36 6.60 14.28
C ALA E 82 -58.38 6.38 12.76
N LYS E 83 -59.30 7.05 12.09
CA LYS E 83 -59.47 6.94 10.64
C LYS E 83 -58.90 8.16 9.94
N VAL E 84 -58.77 8.04 8.62
CA VAL E 84 -58.17 9.09 7.81
C VAL E 84 -59.24 10.08 7.40
N SER E 85 -58.99 11.37 7.65
CA SER E 85 -59.90 12.45 7.31
C SER E 85 -59.14 13.55 6.59
N LYS E 86 -59.86 14.26 5.72
CA LYS E 86 -59.23 15.35 4.96
C LYS E 86 -58.78 16.48 5.86
N GLU E 87 -59.44 16.66 7.01
CA GLU E 87 -59.00 17.69 7.95
C GLU E 87 -57.60 17.38 8.48
N ALA E 88 -57.30 16.10 8.68
CA ALA E 88 -55.96 15.72 9.13
C ALA E 88 -54.90 16.09 8.08
N GLN E 89 -55.18 15.84 6.80
CA GLN E 89 -54.24 16.20 5.75
C GLN E 89 -54.08 17.72 5.65
N GLU E 90 -55.19 18.46 5.77
CA GLU E 90 -55.11 19.91 5.73
C GLU E 90 -54.26 20.44 6.88
N ARG E 91 -54.48 19.92 8.09
CA ARG E 91 -53.67 20.34 9.23
C ARG E 91 -52.21 19.98 9.05
N SER E 92 -51.93 18.80 8.51
CA SER E 92 -50.55 18.39 8.27
C SER E 92 -49.86 19.33 7.29
N GLU E 93 -50.54 19.67 6.18
CA GLU E 93 -49.92 20.57 5.20
C GLU E 93 -49.76 21.98 5.76
N LYS E 94 -50.70 22.44 6.59
CA LYS E 94 -50.56 23.77 7.17
C LYS E 94 -49.40 23.82 8.16
N VAL E 95 -49.23 22.77 8.97
CA VAL E 95 -48.10 22.74 9.89
C VAL E 95 -46.79 22.60 9.14
N LYS E 96 -46.77 21.82 8.06
CA LYS E 96 -45.56 21.67 7.25
C LYS E 96 -45.17 22.99 6.60
N ALA E 97 -46.16 23.76 6.14
CA ALA E 97 -45.87 25.04 5.48
C ALA E 97 -45.49 26.14 6.46
N ASN E 98 -45.19 25.83 7.72
CA ASN E 98 -44.75 26.80 8.71
C ASN E 98 -43.37 26.46 9.24
N LYS E 99 -42.51 25.93 8.36
CA LYS E 99 -41.14 25.56 8.72
C LYS E 99 -41.11 24.55 9.87
N TYR E 100 -42.05 23.61 9.84
CA TYR E 100 -42.15 22.49 10.78
C TYR E 100 -42.34 22.94 12.22
N MET E 101 -42.66 24.21 12.46
CA MET E 101 -42.98 24.68 13.79
C MET E 101 -44.49 24.56 14.03
N LEU E 102 -44.86 24.07 15.20
CA LEU E 102 -46.26 23.95 15.56
C LEU E 102 -46.91 25.32 15.60
N LEU E 103 -48.09 25.44 15.02
CA LEU E 103 -48.75 26.73 14.91
C LEU E 103 -49.23 27.21 16.28
N GLU E 104 -49.43 28.53 16.39
CA GLU E 104 -49.72 29.13 17.68
C GLU E 104 -51.04 28.64 18.26
N GLU E 105 -52.08 28.53 17.41
CA GLU E 105 -53.39 28.15 17.91
C GLU E 105 -53.39 26.76 18.51
N THR E 106 -52.42 25.92 18.14
CA THR E 106 -52.31 24.59 18.73
C THR E 106 -52.14 24.66 20.24
N ILE E 107 -51.62 25.77 20.76
CA ILE E 107 -51.37 25.90 22.19
C ILE E 107 -52.64 26.35 22.89
N LEU E 108 -53.78 26.31 22.18
CA LEU E 108 -55.04 26.68 22.80
C LEU E 108 -55.39 25.77 23.97
N GLU E 109 -54.87 24.54 23.98
CA GLU E 109 -55.07 23.62 25.08
C GLU E 109 -53.78 22.88 25.44
N GLY E 110 -52.63 23.49 25.14
CA GLY E 110 -51.36 22.84 25.40
C GLY E 110 -51.06 21.67 24.49
N ARG E 111 -51.68 21.63 23.32
CA ARG E 111 -51.47 20.53 22.39
C ARG E 111 -50.12 20.62 21.71
N MET F 1 13.15 42.35 6.43
CA MET F 1 12.31 41.31 7.01
C MET F 1 10.85 41.73 7.04
N ARG F 2 9.96 40.75 7.18
CA ARG F 2 8.53 41.01 7.24
C ARG F 2 7.93 40.24 8.40
N GLU F 3 6.86 40.80 8.97
CA GLU F 3 6.15 40.20 10.10
C GLU F 3 4.71 39.94 9.71
N ILE F 4 4.24 38.72 9.97
CA ILE F 4 2.87 38.33 9.70
C ILE F 4 2.29 37.69 10.95
N ILE F 5 0.99 37.40 10.89
CA ILE F 5 0.28 36.70 11.96
C ILE F 5 -0.42 35.50 11.34
N SER F 6 -0.01 34.30 11.71
CA SER F 6 -0.48 33.10 11.03
C SER F 6 -0.23 31.87 11.90
N ASP F 7 -0.38 30.70 11.30
CA ASP F 7 -0.18 29.41 11.96
C ASP F 7 0.91 28.63 11.22
N GLY F 8 1.24 27.46 11.75
CA GLY F 8 2.34 26.69 11.20
C GLY F 8 2.09 26.15 9.80
N ASN F 9 0.90 25.60 9.58
CA ASN F 9 0.62 24.95 8.29
C ASN F 9 0.61 25.95 7.14
N GLU F 10 -0.03 27.11 7.34
CA GLU F 10 -0.04 28.12 6.31
C GLU F 10 1.36 28.67 6.07
N LEU F 11 2.18 28.76 7.11
CA LEU F 11 3.57 29.17 6.94
C LEU F 11 4.34 28.15 6.11
N VAL F 12 4.12 26.86 6.35
CA VAL F 12 4.79 25.83 5.56
C VAL F 12 4.37 25.92 4.11
N ALA F 13 3.07 26.08 3.85
CA ALA F 13 2.60 26.20 2.47
C ALA F 13 3.16 27.45 1.80
N LYS F 14 3.21 28.57 2.52
CA LYS F 14 3.75 29.80 1.96
C LYS F 14 5.23 29.63 1.62
N ALA F 15 6.01 29.02 2.52
CA ALA F 15 7.42 28.80 2.24
C ALA F 15 7.61 27.89 1.04
N ALA F 16 6.79 26.85 0.93
CA ALA F 16 6.87 25.96 -0.22
C ALA F 16 6.58 26.70 -1.51
N ILE F 17 5.58 27.59 -1.50
CA ILE F 17 5.26 28.37 -2.69
C ILE F 17 6.41 29.31 -3.04
N GLU F 18 6.96 30.00 -2.04
CA GLU F 18 8.03 30.97 -2.30
C GLU F 18 9.29 30.31 -2.84
N VAL F 19 9.63 29.12 -2.32
CA VAL F 19 10.84 28.45 -2.78
C VAL F 19 10.69 27.99 -4.23
N GLY F 20 9.48 27.83 -4.73
CA GLY F 20 9.27 27.53 -6.13
C GLY F 20 8.59 26.20 -6.42
N CYS F 21 7.89 25.65 -5.43
CA CYS F 21 7.14 24.43 -5.66
C CYS F 21 5.94 24.70 -6.56
N ARG F 22 5.72 23.81 -7.54
CA ARG F 22 4.66 24.03 -8.51
C ARG F 22 3.81 22.78 -8.73
N PHE F 23 3.93 21.76 -7.88
CA PHE F 23 3.13 20.55 -8.03
C PHE F 23 2.93 19.91 -6.66
N PHE F 24 1.67 19.61 -6.34
CA PHE F 24 1.33 18.96 -5.08
C PHE F 24 0.32 17.86 -5.33
N GLY F 25 0.43 16.78 -4.56
CA GLY F 25 -0.49 15.67 -4.68
C GLY F 25 -0.51 14.79 -3.45
N GLY F 26 -1.71 14.44 -2.98
CA GLY F 26 -1.81 13.61 -1.80
C GLY F 26 -3.26 13.28 -1.48
N TYR F 27 -3.42 12.40 -0.49
CA TYR F 27 -4.72 11.94 -0.01
C TYR F 27 -4.98 12.59 1.34
N PRO F 28 -6.03 13.41 1.51
CA PRO F 28 -6.15 14.17 2.75
C PRO F 28 -6.47 13.32 3.96
N ILE F 29 -5.83 13.66 5.08
CA ILE F 29 -5.93 12.89 6.31
C ILE F 29 -5.62 13.80 7.49
N THR F 30 -6.45 13.74 8.53
CA THR F 30 -6.24 14.57 9.71
C THR F 30 -5.00 14.07 10.47
N PRO F 31 -4.25 14.99 11.08
CA PRO F 31 -4.41 16.44 11.10
C PRO F 31 -3.53 17.17 10.10
N SER F 32 -3.14 16.55 8.99
CA SER F 32 -2.28 17.18 7.99
C SER F 32 -3.06 17.74 6.82
N SER F 33 -4.40 17.76 6.90
CA SER F 33 -5.21 18.28 5.81
C SER F 33 -5.06 19.78 5.63
N ASP F 34 -4.61 20.49 6.66
CA ASP F 34 -4.51 21.95 6.57
C ASP F 34 -3.49 22.37 5.52
N ILE F 35 -2.36 21.66 5.44
CA ILE F 35 -1.36 21.97 4.41
C ILE F 35 -1.93 21.76 3.02
N MET F 36 -2.67 20.66 2.83
CA MET F 36 -3.29 20.41 1.54
C MET F 36 -4.33 21.48 1.21
N HIS F 37 -5.14 21.87 2.21
CA HIS F 37 -6.15 22.89 1.98
C HIS F 37 -5.53 24.22 1.59
N ALA F 38 -4.42 24.60 2.23
CA ALA F 38 -3.74 25.83 1.87
C ALA F 38 -3.12 25.74 0.49
N MET F 39 -2.48 24.61 0.18
CA MET F 39 -1.81 24.48 -1.12
C MET F 39 -2.80 24.46 -2.27
N SER F 40 -3.98 23.87 -2.05
CA SER F 40 -4.98 23.78 -3.11
C SER F 40 -5.43 25.15 -3.60
N VAL F 41 -5.28 26.19 -2.78
CA VAL F 41 -5.65 27.54 -3.18
C VAL F 41 -4.41 28.31 -3.57
N ALA F 42 -3.27 27.99 -2.92
CA ALA F 42 -2.06 28.75 -3.18
C ALA F 42 -1.44 28.43 -4.53
N LEU F 43 -1.56 27.18 -4.99
CA LEU F 43 -0.86 26.74 -6.19
C LEU F 43 -1.48 27.30 -7.48
N PRO F 44 -2.80 27.29 -7.66
CA PRO F 44 -3.36 27.90 -8.87
C PRO F 44 -3.09 29.39 -8.98
N LYS F 45 -2.72 30.05 -7.89
CA LYS F 45 -2.37 31.47 -7.97
C LYS F 45 -1.15 31.68 -8.87
N CYS F 46 -0.14 30.81 -8.74
CA CYS F 46 1.09 30.94 -9.49
C CYS F 46 1.16 30.03 -10.70
N GLY F 47 0.03 29.43 -11.09
CA GLY F 47 0.01 28.54 -12.24
C GLY F 47 0.42 27.12 -11.95
N GLY F 48 0.58 26.75 -10.68
CA GLY F 48 0.93 25.38 -10.35
C GLY F 48 -0.26 24.44 -10.47
N HIS F 49 0.04 23.16 -10.32
CA HIS F 49 -0.96 22.10 -10.46
C HIS F 49 -1.17 21.41 -9.11
N PHE F 50 -2.42 21.36 -8.67
CA PHE F 50 -2.81 20.63 -7.47
C PHE F 50 -3.77 19.51 -7.88
N ILE F 51 -3.44 18.28 -7.51
CA ILE F 51 -4.26 17.12 -7.84
C ILE F 51 -4.39 16.25 -6.61
N GLN F 52 -5.60 15.77 -6.35
CA GLN F 52 -5.88 14.86 -5.24
C GLN F 52 -6.31 13.51 -5.80
N MET F 53 -5.58 12.46 -5.44
CA MET F 53 -5.91 11.13 -5.91
C MET F 53 -6.73 10.37 -4.85
N GLU F 54 -6.93 9.07 -5.09
CA GLU F 54 -7.75 8.22 -4.25
C GLU F 54 -7.03 7.71 -3.01
N ASP F 55 -5.70 7.64 -3.03
CA ASP F 55 -4.95 7.12 -1.90
C ASP F 55 -3.59 7.81 -1.85
N GLU F 56 -2.72 7.32 -0.96
CA GLU F 56 -1.43 7.95 -0.75
C GLU F 56 -0.38 7.46 -1.75
N ILE F 57 -0.49 6.21 -2.19
CA ILE F 57 0.48 5.67 -3.15
C ILE F 57 0.45 6.48 -4.43
N SER F 58 -0.75 6.70 -4.98
CA SER F 58 -0.86 7.54 -6.16
C SER F 58 -0.48 8.98 -5.85
N GLY F 59 -0.80 9.46 -4.65
CA GLY F 59 -0.48 10.82 -4.28
C GLY F 59 1.01 11.11 -4.31
N ILE F 60 1.83 10.14 -3.91
CA ILE F 60 3.27 10.32 -3.99
C ILE F 60 3.81 9.93 -5.36
N SER F 61 3.15 9.01 -6.07
CA SER F 61 3.62 8.61 -7.39
C SER F 61 3.49 9.75 -8.39
N VAL F 62 2.41 10.54 -8.31
CA VAL F 62 2.27 11.66 -9.24
C VAL F 62 3.31 12.72 -8.96
N SER F 63 3.63 12.96 -7.68
CA SER F 63 4.68 13.91 -7.35
C SER F 63 6.03 13.43 -7.88
N LEU F 64 6.31 12.14 -7.74
CA LEU F 64 7.55 11.58 -8.29
C LEU F 64 7.60 11.74 -9.80
N GLY F 65 6.48 11.48 -10.47
CA GLY F 65 6.44 11.64 -11.92
C GLY F 65 6.65 13.08 -12.36
N ALA F 66 6.00 14.01 -11.67
CA ALA F 66 6.15 15.43 -12.01
C ALA F 66 7.57 15.91 -11.77
N SER F 67 8.19 15.49 -10.67
CA SER F 67 9.56 15.91 -10.38
C SER F 67 10.60 15.10 -11.15
N MET F 68 10.19 14.03 -11.81
CA MET F 68 11.12 13.29 -12.67
C MET F 68 11.41 14.04 -13.96
N SER F 69 10.47 14.89 -14.40
CA SER F 69 10.63 15.64 -15.65
C SER F 69 11.24 17.01 -15.43
N GLY F 70 11.59 17.38 -14.20
CA GLY F 70 12.24 18.65 -13.95
C GLY F 70 11.34 19.71 -13.37
N THR F 71 10.47 19.31 -12.43
CA THR F 71 9.56 20.23 -11.76
C THR F 71 9.70 20.07 -10.25
N LYS F 72 9.56 21.19 -9.54
CA LYS F 72 9.61 21.15 -8.08
C LYS F 72 8.26 20.69 -7.54
N SER F 73 8.27 19.66 -6.69
CA SER F 73 7.05 19.09 -6.17
C SER F 73 7.27 18.63 -4.73
N MET F 74 6.17 18.56 -3.98
CA MET F 74 6.21 18.13 -2.59
C MET F 74 4.93 17.37 -2.27
N THR F 75 4.99 16.57 -1.21
CA THR F 75 3.82 15.82 -0.74
C THR F 75 3.75 15.92 0.78
N ALA F 76 2.54 15.80 1.32
CA ALA F 76 2.32 15.87 2.76
C ALA F 76 1.41 14.73 3.19
N SER F 77 1.64 14.24 4.41
CA SER F 77 0.83 13.16 4.97
C SER F 77 0.92 13.23 6.49
N SER F 78 0.39 12.20 7.15
CA SER F 78 0.39 12.17 8.61
C SER F 78 0.15 10.74 9.07
N GLY F 79 1.10 10.19 9.84
CA GLY F 79 0.93 8.90 10.46
C GLY F 79 0.73 7.75 9.49
N PRO F 80 -0.45 7.13 9.54
CA PRO F 80 -0.69 5.94 8.71
C PRO F 80 -0.47 6.17 7.22
N GLY F 81 -0.82 7.36 6.73
CA GLY F 81 -0.59 7.66 5.33
C GLY F 81 0.88 7.52 4.94
N ILE F 82 1.78 7.96 5.82
CA ILE F 82 3.20 7.80 5.56
C ILE F 82 3.56 6.33 5.42
N SER F 83 2.92 5.48 6.22
CA SER F 83 3.17 4.04 6.13
C SER F 83 2.80 3.48 4.76
N LEU F 84 1.97 4.19 4.00
CA LEU F 84 1.60 3.74 2.67
C LEU F 84 2.51 4.29 1.57
N LYS F 85 3.46 5.17 1.91
CA LYS F 85 4.35 5.76 0.92
C LYS F 85 5.74 5.12 0.90
N VAL F 86 6.08 4.30 1.90
CA VAL F 86 7.43 3.78 2.03
C VAL F 86 7.83 2.91 0.85
N GLU F 87 6.86 2.39 0.09
CA GLU F 87 7.19 1.62 -1.10
C GLU F 87 7.80 2.50 -2.18
N GLN F 88 7.29 3.72 -2.34
CA GLN F 88 7.77 4.63 -3.37
C GLN F 88 8.99 5.42 -2.94
N ILE F 89 9.12 5.72 -1.63
CA ILE F 89 10.24 6.53 -1.15
C ILE F 89 11.56 5.88 -1.54
N GLY F 90 11.68 4.57 -1.33
CA GLY F 90 12.88 3.87 -1.73
C GLY F 90 13.17 4.03 -3.21
N TYR F 91 12.12 3.95 -4.03
CA TYR F 91 12.28 4.23 -5.46
C TYR F 91 12.89 5.61 -5.67
N SER F 92 12.34 6.62 -5.00
CA SER F 92 12.89 7.97 -5.12
C SER F 92 14.31 8.04 -4.61
N PHE F 93 14.67 7.16 -3.68
CA PHE F 93 16.05 7.12 -3.21
C PHE F 93 16.98 6.46 -4.22
N MET F 94 16.47 5.51 -5.00
CA MET F 94 17.32 4.75 -5.91
C MET F 94 17.48 5.45 -7.25
N ALA F 95 16.42 6.05 -7.79
CA ALA F 95 16.49 6.76 -9.05
C ALA F 95 16.96 8.20 -8.90
N GLU F 96 17.22 8.66 -7.68
CA GLU F 96 17.71 10.01 -7.40
C GLU F 96 16.73 11.06 -7.92
N ILE F 97 15.50 10.95 -7.45
CA ILE F 97 14.43 11.87 -7.82
C ILE F 97 14.12 12.74 -6.60
N PRO F 98 14.36 14.05 -6.66
CA PRO F 98 14.12 14.90 -5.49
C PRO F 98 12.64 14.93 -5.10
N LEU F 99 12.40 15.01 -3.80
CA LEU F 99 11.04 15.13 -3.26
C LEU F 99 11.14 15.56 -1.81
N VAL F 100 10.14 16.31 -1.37
CA VAL F 100 10.02 16.75 0.02
C VAL F 100 8.71 16.20 0.58
N ILE F 101 8.80 15.45 1.66
CA ILE F 101 7.65 14.80 2.27
C ILE F 101 7.47 15.37 3.67
N ALA F 102 6.34 16.05 3.87
CA ALA F 102 6.00 16.60 5.18
C ALA F 102 5.20 15.56 5.96
N ASP F 103 5.55 15.38 7.23
CA ASP F 103 4.90 14.39 8.09
C ASP F 103 4.48 15.08 9.38
N VAL F 104 3.18 15.30 9.54
CA VAL F 104 2.63 15.89 10.75
C VAL F 104 2.29 14.75 11.69
N MET F 105 3.11 14.56 12.72
CA MET F 105 2.97 13.42 13.62
C MET F 105 1.69 13.51 14.44
N ARG F 106 1.15 12.35 14.78
CA ARG F 106 0.05 12.23 15.73
C ARG F 106 0.34 11.02 16.61
N SER F 107 -0.67 10.60 17.38
CA SER F 107 -0.47 9.53 18.37
C SER F 107 -0.47 8.19 17.66
N GLY F 108 0.73 7.66 17.37
CA GLY F 108 0.87 6.31 16.91
C GLY F 108 0.74 5.35 18.08
N PRO F 109 0.53 4.05 17.82
CA PRO F 109 0.42 3.30 16.55
C PRO F 109 -0.87 3.59 15.79
N SER F 110 -1.35 2.61 15.01
CA SER F 110 -2.54 2.77 14.18
C SER F 110 -3.70 3.37 14.97
N THR F 111 -4.73 3.84 14.29
CA THR F 111 -5.38 5.12 14.57
C THR F 111 -5.27 5.56 16.03
N GLY F 112 -5.65 4.70 16.97
CA GLY F 112 -5.42 5.01 18.37
C GLY F 112 -6.09 6.28 18.84
N MET F 113 -5.30 7.34 19.01
CA MET F 113 -5.82 8.68 19.32
C MET F 113 -5.49 9.59 18.15
N PRO F 114 -6.42 9.77 17.21
CA PRO F 114 -6.15 10.60 16.03
C PRO F 114 -6.23 12.10 16.27
N THR F 115 -6.32 12.55 17.52
CA THR F 115 -6.40 13.97 17.84
C THR F 115 -5.41 14.34 18.93
N ARG F 116 -4.30 13.62 19.02
CA ARG F 116 -3.29 13.85 20.05
C ARG F 116 -1.95 14.12 19.38
N VAL F 117 -0.92 14.29 20.20
CA VAL F 117 0.43 14.63 19.75
C VAL F 117 1.40 13.58 20.25
N ALA F 118 2.26 13.09 19.36
CA ALA F 118 3.28 12.12 19.73
C ALA F 118 4.46 12.26 18.79
N GLN F 119 5.59 11.69 19.19
CA GLN F 119 6.83 11.75 18.44
C GLN F 119 7.35 10.36 18.13
N GLY F 120 6.46 9.46 17.71
CA GLY F 120 6.81 8.09 17.43
C GLY F 120 7.36 7.81 16.05
N ASP F 121 7.43 8.82 15.18
CA ASP F 121 7.90 8.62 13.80
C ASP F 121 9.35 9.04 13.61
N VAL F 122 10.19 8.80 14.62
CA VAL F 122 11.62 9.13 14.52
C VAL F 122 12.39 7.89 14.10
N ASN F 123 12.33 6.84 14.91
CA ASN F 123 12.97 5.58 14.55
C ASN F 123 12.33 4.97 13.32
N PHE F 124 11.06 5.28 13.07
CA PHE F 124 10.40 4.81 11.86
C PHE F 124 11.01 5.44 10.61
N LEU F 125 11.18 6.76 10.63
CA LEU F 125 11.76 7.45 9.49
C LEU F 125 13.27 7.38 9.43
N LYS F 126 13.91 6.82 10.47
CA LYS F 126 15.34 6.54 10.38
C LYS F 126 15.63 5.53 9.28
N HIS F 127 14.74 4.56 9.10
CA HIS F 127 14.94 3.50 8.12
C HIS F 127 13.59 2.93 7.70
N PRO F 128 12.82 3.63 6.87
CA PRO F 128 11.47 3.18 6.54
C PRO F 128 11.40 2.17 5.41
N ILE F 129 12.38 2.19 4.51
CA ILE F 129 12.36 1.35 3.32
C ILE F 129 13.17 0.09 3.57
N HIS F 130 12.96 -0.91 2.73
CA HIS F 130 13.76 -2.12 2.79
C HIS F 130 15.10 -1.92 2.08
N GLY F 131 16.02 -2.83 2.34
CA GLY F 131 17.37 -2.65 1.84
C GLY F 131 18.13 -1.61 2.62
N ASP F 132 19.09 -0.98 1.95
CA ASP F 132 19.88 0.08 2.55
C ASP F 132 19.23 1.44 2.30
N PHE F 133 19.50 2.39 3.20
CA PHE F 133 18.87 3.69 3.12
C PHE F 133 19.63 4.68 4.00
N LYS F 134 19.79 5.90 3.50
CA LYS F 134 20.38 7.01 4.24
C LYS F 134 19.34 8.12 4.33
N ALA F 135 18.80 8.32 5.52
CA ALA F 135 17.68 9.24 5.69
C ALA F 135 18.15 10.64 6.03
N VAL F 136 17.46 11.63 5.47
CA VAL F 136 17.64 13.03 5.82
C VAL F 136 16.30 13.53 6.37
N ALA F 137 16.32 14.03 7.60
CA ALA F 137 15.09 14.45 8.27
C ALA F 137 15.35 15.73 9.05
N LEU F 138 14.53 16.74 8.79
CA LEU F 138 14.60 18.00 9.53
C LEU F 138 13.61 17.95 10.69
N ALA F 139 13.58 19.02 11.49
CA ALA F 139 12.70 19.04 12.64
C ALA F 139 12.40 20.48 13.08
N PRO F 140 11.37 21.11 12.51
CA PRO F 140 10.98 22.44 12.99
C PRO F 140 10.52 22.38 14.45
N ALA F 141 10.84 23.43 15.20
CA ALA F 141 10.50 23.47 16.62
C ALA F 141 10.00 24.84 17.06
N SER F 142 9.61 25.71 16.12
CA SER F 142 9.13 27.03 16.47
C SER F 142 8.29 27.56 15.31
N LEU F 143 7.51 28.60 15.58
CA LEU F 143 6.72 29.22 14.53
C LEU F 143 7.62 29.86 13.47
N GLU F 144 8.71 30.49 13.89
CA GLU F 144 9.65 31.10 12.96
C GLU F 144 10.45 30.06 12.16
N GLU F 145 10.44 28.80 12.59
CA GLU F 145 11.23 27.77 11.93
C GLU F 145 10.46 27.01 10.85
N ALA F 146 9.13 27.06 10.86
CA ALA F 146 8.36 26.36 9.84
C ALA F 146 8.57 26.92 8.45
N TYR F 147 9.13 28.12 8.33
CA TYR F 147 9.44 28.75 7.05
C TYR F 147 10.88 28.47 6.62
N THR F 148 11.84 28.83 7.47
CA THR F 148 13.25 28.64 7.14
C THR F 148 13.60 27.16 7.01
N GLU F 149 13.03 26.32 7.87
CA GLU F 149 13.29 24.89 7.78
C GLU F 149 12.72 24.30 6.50
N THR F 150 11.54 24.77 6.08
CA THR F 150 10.97 24.30 4.82
C THR F 150 11.85 24.72 3.63
N VAL F 151 12.33 25.96 3.65
CA VAL F 151 13.21 26.42 2.57
C VAL F 151 14.49 25.60 2.56
N ARG F 152 15.06 25.33 3.73
CA ARG F 152 16.27 24.52 3.82
C ARG F 152 16.03 23.10 3.33
N ALA F 153 14.86 22.53 3.66
CA ALA F 153 14.54 21.19 3.19
C ALA F 153 14.45 21.14 1.67
N PHE F 154 13.79 22.13 1.07
CA PHE F 154 13.72 22.17 -0.39
C PHE F 154 15.10 22.32 -1.01
N ASN F 155 15.94 23.20 -0.45
CA ASN F 155 17.29 23.38 -0.98
C ASN F 155 18.11 22.12 -0.87
N LEU F 156 18.01 21.43 0.28
CA LEU F 156 18.75 20.18 0.46
C LEU F 156 18.27 19.10 -0.50
N ALA F 157 16.95 19.01 -0.71
CA ALA F 157 16.41 18.02 -1.63
C ALA F 157 16.89 18.27 -3.05
N GLU F 158 16.92 19.55 -3.47
CA GLU F 158 17.40 19.86 -4.81
C GLU F 158 18.91 19.66 -4.94
N MET F 159 19.67 19.92 -3.87
CA MET F 159 21.12 19.81 -3.93
C MET F 159 21.60 18.36 -3.90
N LEU F 160 20.94 17.51 -3.10
CA LEU F 160 21.39 16.13 -2.94
C LEU F 160 20.69 15.14 -3.85
N MET F 161 19.55 15.52 -4.45
CA MET F 161 18.76 14.63 -5.30
C MET F 161 18.33 13.38 -4.54
N THR F 162 17.60 13.60 -3.44
CA THR F 162 17.18 12.53 -2.56
C THR F 162 15.92 12.98 -1.84
N PRO F 163 15.06 12.05 -1.40
CA PRO F 163 13.88 12.45 -0.63
C PRO F 163 14.27 13.02 0.73
N VAL F 164 13.59 14.09 1.11
CA VAL F 164 13.87 14.80 2.36
C VAL F 164 12.58 14.89 3.15
N PHE F 165 12.63 14.50 4.43
CA PHE F 165 11.47 14.53 5.30
C PHE F 165 11.44 15.81 6.12
N LEU F 166 10.23 16.28 6.40
CA LEU F 166 9.99 17.45 7.24
C LEU F 166 9.12 17.00 8.41
N LEU F 167 9.73 16.91 9.59
CA LEU F 167 9.07 16.33 10.77
C LEU F 167 8.31 17.42 11.53
N MET F 168 7.23 17.87 10.90
CA MET F 168 6.34 18.81 11.56
C MET F 168 5.57 18.10 12.67
N ASP F 169 5.06 18.90 13.62
CA ASP F 169 4.33 18.37 14.76
C ASP F 169 2.95 19.02 14.84
N GLU F 170 2.02 18.30 15.48
CA GLU F 170 0.67 18.80 15.62
C GLU F 170 0.62 20.09 16.43
N THR F 171 1.40 20.16 17.52
CA THR F 171 1.44 21.37 18.34
C THR F 171 1.99 22.55 17.54
N VAL F 172 3.07 22.34 16.79
CA VAL F 172 3.63 23.41 15.98
C VAL F 172 2.69 23.78 14.85
N GLY F 173 2.04 22.78 14.24
CA GLY F 173 1.16 23.06 13.13
C GLY F 173 -0.07 23.85 13.52
N HIS F 174 -0.68 23.49 14.65
CA HIS F 174 -1.93 24.11 15.05
C HIS F 174 -1.76 25.37 15.88
N MET F 175 -0.53 25.72 16.27
CA MET F 175 -0.32 26.95 17.03
C MET F 175 -0.52 28.17 16.14
N TYR F 176 -0.88 29.27 16.77
CA TYR F 176 -1.23 30.51 16.07
C TYR F 176 -0.54 31.67 16.75
N GLY F 177 0.01 32.59 15.96
CA GLY F 177 0.67 33.73 16.56
C GLY F 177 1.42 34.54 15.52
N LYS F 178 2.21 35.50 16.02
CA LYS F 178 2.97 36.40 15.18
C LYS F 178 4.33 35.80 14.86
N VAL F 179 4.71 35.87 13.58
CA VAL F 179 5.97 35.32 13.10
C VAL F 179 6.70 36.38 12.30
N GLN F 180 8.03 36.31 12.31
CA GLN F 180 8.88 37.16 11.49
C GLN F 180 9.66 36.27 10.53
N ILE F 181 9.64 36.62 9.24
CA ILE F 181 10.23 35.79 8.21
C ILE F 181 11.11 36.65 7.31
N PRO F 182 12.09 36.04 6.65
CA PRO F 182 12.99 36.82 5.79
C PRO F 182 12.26 37.42 4.59
N ASP F 183 12.90 38.43 4.00
CA ASP F 183 12.30 39.19 2.92
C ASP F 183 12.32 38.39 1.62
N LEU F 184 11.59 38.91 0.62
CA LEU F 184 11.44 38.22 -0.65
C LEU F 184 12.77 38.06 -1.38
N GLU F 185 13.57 39.12 -1.43
CA GLU F 185 14.77 39.13 -2.25
C GLU F 185 15.77 38.08 -1.79
N GLU F 186 16.03 38.03 -0.48
CA GLU F 186 17.01 37.06 0.02
C GLU F 186 16.50 35.64 -0.09
N VAL F 187 15.20 35.42 0.15
CA VAL F 187 14.63 34.08 0.00
C VAL F 187 14.78 33.60 -1.44
N GLN F 188 14.48 34.46 -2.41
CA GLN F 188 14.63 34.08 -3.80
C GLN F 188 16.09 33.89 -4.19
N LYS F 189 16.99 34.66 -3.60
CA LYS F 189 18.40 34.57 -3.98
C LYS F 189 19.07 33.34 -3.38
N MET F 190 18.63 32.90 -2.20
CA MET F 190 19.17 31.68 -1.60
C MET F 190 18.70 30.41 -2.28
N THR F 191 17.73 30.48 -3.18
CA THR F 191 17.19 29.27 -3.80
C THR F 191 18.27 28.53 -4.59
N ILE F 192 18.24 27.20 -4.50
CA ILE F 192 19.19 26.34 -5.21
C ILE F 192 18.39 25.46 -6.16
N ASN F 193 18.74 25.52 -7.44
CA ASN F 193 18.10 24.69 -8.46
C ASN F 193 19.02 23.55 -8.86
N ARG F 194 18.41 22.44 -9.24
CA ARG F 194 19.18 21.27 -9.65
C ARG F 194 20.01 21.59 -10.89
N LYS F 195 21.22 21.04 -10.94
CA LYS F 195 22.10 21.28 -12.06
C LYS F 195 21.72 20.39 -13.24
N GLU F 196 21.89 20.93 -14.44
CA GLU F 196 21.58 20.20 -15.67
C GLU F 196 22.74 20.34 -16.65
N PHE F 197 23.05 19.24 -17.33
CA PHE F 197 24.13 19.21 -18.32
C PHE F 197 23.63 19.83 -19.61
N VAL F 198 24.03 21.08 -19.86
CA VAL F 198 23.63 21.76 -21.09
C VAL F 198 24.46 21.20 -22.24
N GLY F 199 25.77 21.42 -22.18
CA GLY F 199 26.70 20.87 -23.15
C GLY F 199 26.38 21.15 -24.60
N ASP F 200 27.09 20.48 -25.50
CA ASP F 200 26.79 20.48 -26.92
C ASP F 200 26.46 19.08 -27.43
N LYS F 201 27.27 18.09 -27.07
CA LYS F 201 26.90 16.71 -27.26
C LYS F 201 25.72 16.35 -26.37
N LYS F 202 25.12 15.19 -26.64
CA LYS F 202 24.02 14.73 -25.82
C LYS F 202 24.55 14.25 -24.47
N ASP F 203 23.63 14.04 -23.53
CA ASP F 203 23.96 13.70 -22.15
C ASP F 203 24.92 12.51 -22.08
N TYR F 204 24.45 11.34 -22.51
CA TYR F 204 25.24 10.13 -22.68
C TYR F 204 25.77 9.59 -21.36
N LYS F 205 25.57 10.32 -20.26
CA LYS F 205 26.10 9.98 -18.95
C LYS F 205 25.30 10.66 -17.84
N PRO F 206 24.02 10.33 -17.65
CA PRO F 206 23.28 10.97 -16.56
C PRO F 206 23.66 10.44 -15.18
N TYR F 207 24.08 9.18 -15.10
CA TYR F 207 24.49 8.58 -13.83
C TYR F 207 26.00 8.36 -13.77
N GLY F 208 26.76 8.92 -14.70
CA GLY F 208 28.20 8.81 -14.67
C GLY F 208 28.87 9.96 -13.95
N VAL F 209 28.55 10.13 -12.66
CA VAL F 209 29.08 11.22 -11.86
C VAL F 209 30.15 10.66 -10.92
N ALA F 210 30.84 11.56 -10.23
CA ALA F 210 31.90 11.17 -9.32
C ALA F 210 31.31 10.45 -8.10
N GLN F 211 32.21 9.83 -7.32
CA GLN F 211 31.80 8.97 -6.22
C GLN F 211 31.27 9.74 -5.02
N ASP F 212 31.20 11.07 -5.07
CA ASP F 212 30.73 11.81 -3.90
C ASP F 212 29.77 12.94 -4.27
N GLU F 213 29.11 12.86 -5.43
CA GLU F 213 28.14 13.86 -5.84
C GLU F 213 26.94 13.17 -6.46
N PRO F 214 25.75 13.79 -6.39
CA PRO F 214 24.56 13.16 -6.96
C PRO F 214 24.57 13.14 -8.48
N ALA F 215 23.55 12.51 -9.07
CA ALA F 215 23.43 12.41 -10.51
C ALA F 215 22.74 13.64 -11.09
N VAL F 216 23.08 13.94 -12.34
CA VAL F 216 22.49 15.07 -13.06
C VAL F 216 21.43 14.54 -14.02
N LEU F 217 20.22 15.10 -13.95
CA LEU F 217 19.09 14.62 -14.72
C LEU F 217 18.45 15.80 -15.44
N ASN F 218 18.60 15.84 -16.77
CA ASN F 218 17.99 16.89 -17.57
C ASN F 218 16.50 16.66 -17.70
N PRO F 219 15.74 17.73 -17.96
CA PRO F 219 14.29 17.57 -18.12
C PRO F 219 13.93 16.78 -19.37
N PHE F 220 12.76 16.18 -19.35
CA PHE F 220 12.28 15.39 -20.47
C PHE F 220 11.88 16.30 -21.63
N PHE F 221 11.76 15.70 -22.81
CA PHE F 221 11.33 16.39 -24.03
C PHE F 221 12.22 17.58 -24.35
N LYS F 222 13.54 17.35 -24.31
CA LYS F 222 14.50 18.40 -24.63
C LYS F 222 15.65 17.93 -25.51
N GLY F 223 15.65 16.69 -25.97
CA GLY F 223 16.72 16.21 -26.84
C GLY F 223 17.51 15.09 -26.22
N TYR F 224 17.74 15.15 -24.91
CA TYR F 224 18.49 14.11 -24.20
C TYR F 224 17.52 12.99 -23.83
N ARG F 225 17.84 11.78 -24.27
CA ARG F 225 16.98 10.61 -24.10
C ARG F 225 17.72 9.58 -23.27
N TYR F 226 17.25 9.36 -22.04
CA TYR F 226 17.87 8.43 -21.11
C TYR F 226 16.78 7.60 -20.43
N HIS F 227 17.21 6.53 -19.76
CA HIS F 227 16.31 5.56 -19.16
C HIS F 227 16.41 5.64 -17.63
N VAL F 228 15.25 5.74 -16.98
CA VAL F 228 15.18 5.77 -15.52
C VAL F 228 14.42 4.54 -15.05
N SER F 229 14.92 3.94 -13.97
CA SER F 229 14.31 2.74 -13.41
C SER F 229 14.76 2.62 -11.95
N GLY F 230 14.15 1.67 -11.25
CA GLY F 230 14.50 1.36 -9.88
C GLY F 230 15.51 0.25 -9.71
N LEU F 231 15.93 -0.38 -10.81
CA LEU F 231 16.94 -1.43 -10.75
C LEU F 231 18.34 -0.82 -10.64
N HIS F 232 19.31 -1.66 -10.31
CA HIS F 232 20.71 -1.22 -10.28
C HIS F 232 21.14 -0.88 -11.70
N HIS F 233 21.29 0.41 -11.98
CA HIS F 233 21.52 0.90 -13.33
C HIS F 233 22.98 1.27 -13.54
N GLY F 234 23.35 1.42 -14.81
CA GLY F 234 24.69 1.79 -15.18
C GLY F 234 24.83 3.28 -15.44
N PRO F 235 25.84 3.65 -16.22
CA PRO F 235 26.05 5.09 -16.49
C PRO F 235 24.87 5.77 -17.15
N ILE F 236 24.15 5.09 -18.04
CA ILE F 236 23.03 5.70 -18.74
C ILE F 236 21.72 5.45 -18.01
N GLY F 237 21.52 4.25 -17.47
CA GLY F 237 20.31 3.96 -16.73
C GLY F 237 19.77 2.57 -17.00
N PHE F 238 20.39 1.85 -17.92
CA PHE F 238 19.95 0.50 -18.24
C PHE F 238 20.28 -0.45 -17.10
N PRO F 239 19.34 -1.30 -16.68
CA PRO F 239 19.59 -2.17 -15.53
C PRO F 239 20.75 -3.12 -15.77
N THR F 240 21.49 -3.39 -14.69
CA THR F 240 22.62 -4.30 -14.74
C THR F 240 22.71 -5.04 -13.41
N GLU F 241 23.38 -6.19 -13.45
CA GLU F 241 23.56 -7.02 -12.26
C GLU F 241 25.04 -7.30 -11.99
N ASP F 242 25.91 -6.41 -12.44
CA ASP F 242 27.34 -6.57 -12.17
C ASP F 242 27.62 -6.25 -10.70
N ALA F 243 28.57 -7.00 -10.11
CA ALA F 243 28.89 -6.80 -8.70
C ALA F 243 29.53 -5.44 -8.46
N LYS F 244 30.49 -5.05 -9.31
CA LYS F 244 31.22 -3.81 -9.11
C LYS F 244 30.29 -2.61 -9.19
N ILE F 245 29.47 -2.54 -10.25
CA ILE F 245 28.57 -1.41 -10.42
C ILE F 245 27.50 -1.41 -9.33
N GLY F 246 27.00 -2.58 -8.96
CA GLY F 246 26.00 -2.66 -7.91
C GLY F 246 26.52 -2.17 -6.57
N GLY F 247 27.74 -2.56 -6.21
CA GLY F 247 28.34 -2.07 -4.98
C GLY F 247 28.63 -0.57 -5.04
N ASP F 248 29.18 -0.11 -6.16
CA ASP F 248 29.53 1.30 -6.30
C ASP F 248 28.31 2.20 -6.26
N LEU F 249 27.16 1.73 -6.79
CA LEU F 249 25.96 2.56 -6.76
C LEU F 249 25.55 2.89 -5.33
N ILE F 250 25.44 1.87 -4.47
CA ILE F 250 25.01 2.11 -3.10
C ILE F 250 26.10 2.84 -2.32
N ASP F 251 27.38 2.55 -2.61
CA ASP F 251 28.46 3.27 -1.96
C ASP F 251 28.38 4.76 -2.26
N ARG F 252 28.16 5.12 -3.53
CA ARG F 252 28.01 6.51 -3.91
C ARG F 252 26.76 7.13 -3.31
N LEU F 253 25.67 6.36 -3.23
CA LEU F 253 24.44 6.88 -2.65
C LEU F 253 24.63 7.24 -1.19
N PHE F 254 25.40 6.43 -0.46
CA PHE F 254 25.69 6.77 0.94
C PHE F 254 26.68 7.93 1.04
N HIS F 255 27.72 7.91 0.20
CA HIS F 255 28.79 8.91 0.32
C HIS F 255 28.32 10.30 -0.09
N LYS F 256 27.38 10.40 -1.03
CA LYS F 256 26.90 11.70 -1.46
C LYS F 256 26.19 12.46 -0.35
N ILE F 257 25.73 11.75 0.69
CA ILE F 257 25.06 12.39 1.82
C ILE F 257 25.96 12.46 3.04
N GLU F 258 26.74 11.41 3.30
CA GLU F 258 27.59 11.40 4.49
C GLU F 258 28.83 12.28 4.35
N SER F 259 29.12 12.79 3.16
CA SER F 259 30.28 13.65 2.97
C SER F 259 29.96 15.14 3.02
N LYS F 260 28.69 15.51 2.86
CA LYS F 260 28.26 16.90 2.97
C LYS F 260 27.73 17.23 4.36
N GLN F 261 28.13 16.45 5.38
CA GLN F 261 27.58 16.61 6.72
C GLN F 261 27.72 18.03 7.23
N ASP F 262 28.86 18.67 6.92
CA ASP F 262 29.12 20.02 7.43
C ASP F 262 28.04 21.01 7.01
N ILE F 263 27.33 20.75 5.92
CA ILE F 263 26.28 21.64 5.44
C ILE F 263 24.89 21.11 5.72
N ILE F 264 24.77 19.90 6.26
CA ILE F 264 23.46 19.26 6.38
C ILE F 264 22.82 19.54 7.74
N ASN F 265 23.53 19.30 8.83
CA ASN F 265 22.93 19.34 10.16
C ASN F 265 23.33 20.61 10.90
N GLU F 266 22.33 21.30 11.45
CA GLU F 266 22.53 22.43 12.35
C GLU F 266 21.89 22.11 13.70
N ASN F 267 22.48 22.67 14.75
CA ASN F 267 21.97 22.43 16.11
C ASN F 267 22.19 23.67 16.95
N GLU F 268 21.24 23.94 17.84
CA GLU F 268 21.26 25.13 18.67
C GLU F 268 21.70 24.75 20.08
N GLU F 269 22.81 25.33 20.52
CA GLU F 269 23.36 25.09 21.85
C GLU F 269 23.31 26.38 22.65
N MET F 270 22.71 26.33 23.84
CA MET F 270 22.60 27.51 24.68
C MET F 270 22.91 27.14 26.13
N ASP F 271 23.53 28.09 26.83
CA ASP F 271 23.89 27.94 28.25
C ASP F 271 24.75 26.70 28.48
N LEU F 272 25.65 26.41 27.54
CA LEU F 272 26.50 25.24 27.62
C LEU F 272 27.82 25.51 28.32
N GLU F 273 28.06 26.74 28.76
CA GLU F 273 29.32 27.11 29.43
C GLU F 273 29.09 27.09 30.93
N GLY F 274 29.73 26.15 31.62
CA GLY F 274 29.61 26.02 33.06
C GLY F 274 28.38 25.28 33.53
N ALA F 275 27.56 24.77 32.62
CA ALA F 275 26.35 24.06 33.01
C ALA F 275 26.70 22.71 33.64
N GLU F 276 25.82 22.27 34.54
CA GLU F 276 25.98 20.99 35.22
C GLU F 276 25.14 19.88 34.59
N ILE F 277 23.90 20.17 34.20
CA ILE F 277 23.01 19.20 33.62
C ILE F 277 22.53 19.72 32.26
N VAL F 278 22.57 18.86 31.25
CA VAL F 278 22.08 19.20 29.92
C VAL F 278 20.71 18.54 29.74
N ILE F 279 19.86 19.21 28.95
CA ILE F 279 18.45 18.84 28.84
C ILE F 279 18.20 18.53 27.36
N ILE F 280 19.19 17.92 26.71
CA ILE F 280 19.16 17.65 25.27
C ILE F 280 17.80 17.10 24.84
N ALA F 281 17.18 17.77 23.88
CA ALA F 281 15.84 17.42 23.42
C ALA F 281 15.66 18.01 22.02
N TYR F 282 14.52 17.68 21.41
CA TYR F 282 14.26 18.05 20.03
C TYR F 282 12.78 18.33 19.83
N GLY F 283 12.48 19.08 18.78
CA GLY F 283 11.11 19.30 18.37
C GLY F 283 10.32 20.17 19.34
N SER F 284 9.00 20.00 19.30
CA SER F 284 8.10 20.83 20.10
C SER F 284 8.34 20.69 21.59
N VAL F 285 9.00 19.60 22.03
CA VAL F 285 9.33 19.45 23.44
C VAL F 285 10.19 20.63 23.91
N SER F 286 11.07 21.11 23.02
CA SER F 286 11.91 22.26 23.37
C SER F 286 11.07 23.46 23.73
N LEU F 287 9.88 23.60 23.14
CA LEU F 287 9.00 24.72 23.46
C LEU F 287 8.68 24.76 24.95
N ALA F 288 8.66 23.60 25.61
CA ALA F 288 8.53 23.60 27.06
C ALA F 288 9.88 23.84 27.73
N VAL F 289 10.93 23.17 27.24
CA VAL F 289 12.23 23.21 27.92
C VAL F 289 12.73 24.64 28.03
N LYS F 290 12.67 25.39 26.92
CA LYS F 290 13.16 26.76 26.93
C LYS F 290 12.45 27.61 27.96
N GLU F 291 11.19 27.29 28.27
CA GLU F 291 10.51 28.03 29.33
C GLU F 291 10.99 27.59 30.71
N ALA F 292 11.19 26.29 30.91
CA ALA F 292 11.54 25.78 32.23
C ALA F 292 12.87 26.36 32.70
N LEU F 293 13.86 26.42 31.81
CA LEU F 293 15.16 26.98 32.17
C LEU F 293 15.07 28.46 32.49
N LYS F 294 13.97 29.13 32.11
CA LYS F 294 13.76 30.51 32.50
C LYS F 294 13.25 30.63 33.94
N ASP F 295 12.55 29.62 34.44
CA ASP F 295 12.04 29.64 35.81
C ASP F 295 12.98 28.96 36.80
N TYR F 296 13.65 27.89 36.39
CA TYR F 296 14.63 27.25 37.26
C TYR F 296 15.82 28.16 37.52
N HIS F 297 16.14 29.05 36.58
CA HIS F 297 17.27 29.94 36.71
C HIS F 297 17.01 31.10 37.67
N LYS F 298 15.77 31.30 38.09
CA LYS F 298 15.48 32.39 39.03
C LYS F 298 16.10 32.11 40.39
N GLU F 299 15.95 30.89 40.90
CA GLU F 299 16.65 30.45 42.10
C GLU F 299 17.21 29.05 41.84
N SER F 300 18.52 28.90 42.01
CA SER F 300 19.20 27.64 41.76
C SER F 300 20.65 27.76 42.21
N LYS F 301 21.21 26.63 42.66
CA LYS F 301 22.63 26.55 42.95
C LYS F 301 23.44 26.00 41.78
N GLN F 302 22.80 25.75 40.65
CA GLN F 302 23.46 25.18 39.48
C GLN F 302 22.86 25.79 38.22
N LYS F 303 23.63 25.74 37.13
CA LYS F 303 23.18 26.18 35.83
C LYS F 303 22.81 24.97 34.97
N VAL F 304 21.81 25.16 34.11
CA VAL F 304 21.28 24.09 33.28
C VAL F 304 21.47 24.49 31.81
N GLY F 305 22.07 23.59 31.03
CA GLY F 305 22.31 23.85 29.63
C GLY F 305 21.20 23.31 28.74
N PHE F 306 21.38 23.52 27.43
CA PHE F 306 20.42 23.05 26.44
C PHE F 306 21.12 22.82 25.12
N PHE F 307 20.83 21.68 24.49
CA PHE F 307 21.40 21.33 23.19
C PHE F 307 20.31 20.68 22.35
N ARG F 308 19.72 21.47 21.44
CA ARG F 308 18.62 20.99 20.61
C ARG F 308 19.11 20.76 19.18
N PRO F 309 19.16 19.52 18.69
CA PRO F 309 19.52 19.30 17.29
C PRO F 309 18.37 19.68 16.37
N LYS F 310 18.65 20.56 15.42
CA LYS F 310 17.64 20.96 14.45
C LYS F 310 17.53 20.00 13.27
N THR F 311 18.47 19.07 13.13
CA THR F 311 18.44 18.05 12.08
C THR F 311 18.67 16.70 12.75
N LEU F 312 17.62 15.86 12.76
CA LEU F 312 17.71 14.58 13.45
C LEU F 312 18.63 13.62 12.71
N TRP F 313 18.30 13.28 11.46
CA TRP F 313 19.11 12.34 10.72
C TRP F 313 19.77 13.03 9.53
N PRO F 314 21.06 12.78 9.27
CA PRO F 314 21.97 11.91 10.04
C PRO F 314 22.36 12.54 11.37
N SER F 315 22.62 11.71 12.38
CA SER F 315 22.84 12.22 13.73
C SER F 315 24.20 12.91 13.83
N PRO F 316 24.31 14.00 14.59
CA PRO F 316 25.62 14.65 14.84
C PRO F 316 26.39 13.94 15.94
N ALA F 317 26.92 12.77 15.61
CA ALA F 317 27.63 11.96 16.60
C ALA F 317 28.91 12.63 17.08
N LYS F 318 29.60 13.36 16.19
CA LYS F 318 30.89 13.95 16.55
C LYS F 318 30.72 14.97 17.68
N ARG F 319 29.69 15.80 17.62
CA ARG F 319 29.45 16.77 18.68
C ARG F 319 28.82 16.12 19.91
N LEU F 320 27.98 15.11 19.70
CA LEU F 320 27.35 14.43 20.84
C LEU F 320 28.39 13.75 21.71
N LYS F 321 29.39 13.12 21.09
CA LYS F 321 30.44 12.46 21.87
C LYS F 321 31.19 13.46 22.75
N GLU F 322 31.55 14.61 22.18
CA GLU F 322 32.25 15.63 22.96
C GLU F 322 31.37 16.17 24.09
N ILE F 323 30.09 16.39 23.81
CA ILE F 323 29.19 16.89 24.84
C ILE F 323 29.06 15.89 25.98
N GLY F 324 28.93 14.60 25.64
CA GLY F 324 28.83 13.58 26.67
C GLY F 324 30.11 13.45 27.48
N ASP F 325 31.26 13.54 26.82
CA ASP F 325 32.53 13.42 27.54
C ASP F 325 32.77 14.62 28.45
N LYS F 326 32.35 15.81 28.03
CA LYS F 326 32.66 17.02 28.79
C LYS F 326 31.90 17.05 30.12
N TYR F 327 30.62 16.67 30.12
CA TYR F 327 29.76 16.86 31.28
C TYR F 327 29.50 15.52 31.97
N GLU F 328 28.83 15.61 33.12
CA GLU F 328 28.55 14.46 33.97
C GLU F 328 27.08 14.08 34.00
N LYS F 329 26.18 15.04 34.06
CA LYS F 329 24.74 14.78 34.15
C LYS F 329 24.08 15.02 32.80
N ILE F 330 23.38 14.01 32.29
CA ILE F 330 22.66 14.09 31.03
C ILE F 330 21.21 13.70 31.29
N LEU F 331 20.29 14.26 30.49
CA LEU F 331 18.88 13.94 30.61
C LEU F 331 18.22 14.14 29.25
N VAL F 332 17.63 13.07 28.72
CA VAL F 332 16.96 13.09 27.43
C VAL F 332 15.45 13.13 27.67
N ILE F 333 14.77 14.11 27.07
CA ILE F 333 13.34 14.29 27.22
C ILE F 333 12.68 14.09 25.88
N GLU F 334 11.71 13.19 25.82
CA GLU F 334 11.03 12.85 24.58
C GLU F 334 9.55 12.58 24.85
N LEU F 335 8.78 12.49 23.79
CA LEU F 335 7.35 12.19 23.85
C LEU F 335 7.03 10.80 23.32
N ASN F 336 7.90 9.84 23.63
CA ASN F 336 7.69 8.45 23.21
C ASN F 336 8.36 7.56 24.26
N LYS F 337 8.62 6.30 23.89
CA LYS F 337 9.24 5.33 24.78
C LYS F 337 10.75 5.24 24.59
N GLY F 338 11.39 6.33 24.19
CA GLY F 338 12.83 6.33 23.99
C GLY F 338 13.26 5.77 22.65
N GLN F 339 12.87 6.43 21.56
CA GLN F 339 13.30 6.02 20.22
C GLN F 339 14.55 6.75 19.78
N TYR F 340 14.65 8.05 20.04
CA TYR F 340 15.88 8.78 19.81
C TYR F 340 16.88 8.62 20.96
N LEU F 341 16.45 7.97 22.05
CA LEU F 341 17.39 7.64 23.11
C LEU F 341 18.46 6.69 22.62
N GLU F 342 18.09 5.77 21.72
CA GLU F 342 19.01 4.74 21.28
C GLU F 342 20.22 5.34 20.58
N GLU F 343 20.00 6.34 19.71
CA GLU F 343 21.13 6.96 19.01
C GLU F 343 22.00 7.76 19.97
N ILE F 344 21.38 8.46 20.92
CA ILE F 344 22.15 9.25 21.88
C ILE F 344 23.00 8.35 22.76
N GLU F 345 22.48 7.17 23.12
CA GLU F 345 23.25 6.23 23.92
C GLU F 345 24.32 5.50 23.09
N ARG F 346 24.03 5.24 21.81
CA ARG F 346 25.05 4.67 20.93
C ARG F 346 26.22 5.63 20.77
N ALA F 347 25.92 6.92 20.59
CA ALA F 347 26.95 7.93 20.69
C ALA F 347 27.38 8.10 22.15
N MET F 348 28.56 8.66 22.34
CA MET F 348 29.15 8.96 23.65
C MET F 348 29.39 7.69 24.47
N GLN F 349 28.99 6.53 23.95
CA GLN F 349 29.22 5.23 24.58
C GLN F 349 28.95 5.27 26.08
N ARG F 350 27.71 5.63 26.41
CA ARG F 350 27.36 5.99 27.78
C ARG F 350 25.87 5.77 28.00
N LYS F 351 25.46 5.82 29.26
CA LYS F 351 24.06 5.70 29.65
C LYS F 351 23.61 7.01 30.27
N VAL F 352 22.39 7.44 29.94
CA VAL F 352 21.89 8.75 30.34
C VAL F 352 20.50 8.60 30.95
N HIS F 353 20.10 9.63 31.68
CA HIS F 353 18.76 9.69 32.25
C HIS F 353 17.74 9.96 31.16
N PHE F 354 16.54 9.39 31.33
CA PHE F 354 15.47 9.50 30.35
C PHE F 354 14.19 9.99 31.03
N PHE F 355 13.40 10.74 30.27
CA PHE F 355 12.09 11.20 30.71
C PHE F 355 11.16 11.14 29.50
N GLY F 356 10.17 10.24 29.54
CA GLY F 356 9.28 10.07 28.43
C GLY F 356 7.83 10.03 28.87
N GLN F 357 6.94 10.18 27.89
CA GLN F 357 5.50 10.22 28.15
C GLN F 357 4.78 9.89 26.85
N ALA F 358 4.04 8.78 26.83
CA ALA F 358 3.40 8.29 25.63
C ALA F 358 1.91 8.04 25.85
N ASN F 359 1.25 9.01 26.48
CA ASN F 359 -0.20 8.94 26.68
C ASN F 359 -0.94 10.00 25.89
N GLY F 360 -0.28 10.64 24.91
CA GLY F 360 -0.94 11.63 24.08
C GLY F 360 -1.01 13.03 24.66
N ARG F 361 -0.39 13.27 25.81
CA ARG F 361 -0.41 14.57 26.45
C ARG F 361 0.98 15.20 26.41
N THR F 362 1.03 16.50 26.70
CA THR F 362 2.26 17.27 26.61
C THR F 362 3.12 17.03 27.85
N ILE F 363 4.15 17.85 28.04
CA ILE F 363 5.14 17.62 29.07
C ILE F 363 4.82 18.44 30.32
N SER F 364 4.14 19.58 30.14
CA SER F 364 3.77 20.44 31.27
C SER F 364 5.01 20.82 32.08
N PRO F 365 5.79 21.82 31.61
CA PRO F 365 7.17 22.00 32.09
C PRO F 365 7.37 22.05 33.60
N LYS F 366 6.29 22.08 34.38
CA LYS F 366 6.42 21.81 35.81
C LYS F 366 7.01 20.44 36.05
N GLN F 367 6.70 19.48 35.17
CA GLN F 367 7.29 18.14 35.25
C GLN F 367 8.80 18.20 35.03
N ILE F 368 9.26 19.09 34.13
CA ILE F 368 10.69 19.23 33.89
C ILE F 368 11.38 19.71 35.17
N ILE F 369 10.80 20.70 35.83
CA ILE F 369 11.37 21.21 37.08
C ILE F 369 11.37 20.13 38.15
N ALA F 370 10.27 19.36 38.23
CA ALA F 370 10.20 18.30 39.23
C ALA F 370 11.24 17.21 38.98
N LYS F 371 11.47 16.87 37.70
CA LYS F 371 12.43 15.82 37.38
C LYS F 371 13.87 16.31 37.54
N LEU F 372 14.11 17.59 37.33
CA LEU F 372 15.46 18.13 37.49
C LEU F 372 15.95 18.08 38.93
N LYS F 373 15.04 17.96 39.89
CA LYS F 373 15.45 17.85 41.29
C LYS F 373 16.08 16.49 41.58
N GLU F 374 15.64 15.46 40.89
CA GLU F 374 16.15 14.09 41.07
C GLU F 374 16.03 13.63 42.51
N MET G 1 -36.10 -4.81 14.93
CA MET G 1 -37.21 -5.70 14.62
C MET G 1 -38.55 -4.98 14.73
N ALA G 2 -38.75 -4.29 15.84
CA ALA G 2 -39.98 -3.57 16.14
C ALA G 2 -39.65 -2.50 17.16
N PHE G 3 -40.68 -1.97 17.82
CA PHE G 3 -40.50 -0.94 18.84
C PHE G 3 -39.46 -1.34 19.89
N ASN G 4 -39.16 -2.63 20.03
CA ASN G 4 -38.13 -3.11 20.96
C ASN G 4 -36.84 -3.25 20.17
N TYR G 5 -36.12 -2.14 20.04
CA TYR G 5 -34.83 -2.13 19.37
C TYR G 5 -33.66 -2.45 20.31
N ASP G 6 -33.92 -2.56 21.61
CA ASP G 6 -32.86 -2.68 22.61
C ASP G 6 -32.42 -4.11 22.86
N GLU G 7 -33.09 -5.09 22.27
CA GLU G 7 -32.67 -6.49 22.45
C GLU G 7 -31.43 -6.81 21.63
N TYR G 8 -31.28 -6.16 20.46
CA TYR G 8 -30.16 -6.42 19.56
C TYR G 8 -29.06 -5.38 19.67
N LEU G 9 -29.10 -4.52 20.69
CA LEU G 9 -28.17 -3.41 20.82
C LEU G 9 -27.46 -3.46 22.16
N ARG G 10 -26.39 -2.67 22.26
CA ARG G 10 -25.67 -2.48 23.52
C ARG G 10 -26.24 -1.24 24.20
N VAL G 11 -26.77 -1.42 25.41
CA VAL G 11 -27.42 -0.33 26.13
C VAL G 11 -26.43 0.76 26.53
N ASP G 12 -25.15 0.42 26.69
CA ASP G 12 -24.17 1.37 27.21
C ASP G 12 -23.71 2.40 26.18
N LYS G 13 -24.05 2.22 24.91
CA LYS G 13 -23.61 3.14 23.86
C LYS G 13 -24.71 4.04 23.33
N ILE G 14 -25.96 3.59 23.35
CA ILE G 14 -27.09 4.45 22.95
C ILE G 14 -27.14 5.63 23.92
N PRO G 15 -27.45 6.87 23.47
CA PRO G 15 -27.87 7.31 22.13
C PRO G 15 -26.77 7.36 21.08
N THR G 16 -27.16 7.51 19.80
CA THR G 16 -26.20 7.62 18.71
C THR G 16 -25.40 8.91 18.84
N LEU G 17 -24.44 9.09 17.93
CA LEU G 17 -23.46 10.15 18.13
C LEU G 17 -23.07 10.85 16.83
N TRP G 18 -23.89 10.75 15.77
CA TRP G 18 -23.35 11.07 14.44
C TRP G 18 -23.28 12.58 14.19
N CYS G 19 -24.42 13.24 13.93
CA CYS G 19 -24.39 14.69 14.06
C CYS G 19 -25.51 15.20 14.96
N TRP G 20 -26.75 15.20 14.42
CA TRP G 20 -27.97 15.22 15.22
C TRP G 20 -29.05 14.42 14.50
N GLY G 21 -28.95 14.33 13.18
CA GLY G 21 -30.01 13.76 12.37
C GLY G 21 -29.54 13.03 11.13
N CYS G 22 -28.28 12.62 11.12
CA CYS G 22 -27.71 11.97 9.94
C CYS G 22 -28.46 10.68 9.63
N GLY G 23 -28.62 10.40 8.34
CA GLY G 23 -29.35 9.22 7.91
C GLY G 23 -28.55 7.94 8.06
N ASP G 24 -28.05 7.69 9.27
CA ASP G 24 -27.33 6.46 9.59
C ASP G 24 -28.07 5.57 10.57
N GLY G 25 -28.86 6.15 11.48
CA GLY G 25 -29.67 5.33 12.36
C GLY G 25 -30.76 4.57 11.63
N VAL G 26 -31.30 5.15 10.56
CA VAL G 26 -32.33 4.46 9.78
C VAL G 26 -31.77 3.18 9.17
N ILE G 27 -30.53 3.24 8.67
CA ILE G 27 -29.90 2.06 8.10
C ILE G 27 -29.72 0.99 9.19
N LEU G 28 -29.31 1.40 10.38
CA LEU G 28 -29.15 0.47 11.48
C LEU G 28 -30.48 -0.21 11.83
N LYS G 29 -31.55 0.58 11.92
CA LYS G 29 -32.86 0.02 12.23
C LYS G 29 -33.31 -0.95 11.14
N SER G 30 -33.10 -0.59 9.88
CA SER G 30 -33.48 -1.47 8.79
C SER G 30 -32.70 -2.79 8.86
N ILE G 31 -31.40 -2.72 9.15
CA ILE G 31 -30.60 -3.93 9.25
C ILE G 31 -31.10 -4.80 10.40
N ILE G 32 -31.42 -4.19 11.54
CA ILE G 32 -31.91 -4.96 12.68
C ILE G 32 -33.22 -5.65 12.34
N ARG G 33 -34.16 -4.90 11.74
CA ARG G 33 -35.46 -5.47 11.41
C ARG G 33 -35.33 -6.59 10.41
N THR G 34 -34.50 -6.41 9.38
CA THR G 34 -34.32 -7.45 8.38
C THR G 34 -33.66 -8.69 8.98
N ILE G 35 -32.62 -8.50 9.80
CA ILE G 35 -31.91 -9.63 10.39
C ILE G 35 -32.82 -10.39 11.36
N ASP G 36 -33.77 -9.71 11.99
CA ASP G 36 -34.73 -10.41 12.83
C ASP G 36 -35.82 -11.11 12.02
N ALA G 37 -36.20 -10.52 10.88
CA ALA G 37 -37.28 -11.10 10.08
C ALA G 37 -36.92 -12.49 9.56
N LEU G 38 -35.67 -12.67 9.11
CA LEU G 38 -35.25 -13.96 8.59
C LEU G 38 -35.17 -15.03 9.66
N GLY G 39 -35.21 -14.67 10.93
CA GLY G 39 -35.03 -15.63 11.99
C GLY G 39 -33.59 -15.94 12.32
N TRP G 40 -32.65 -15.14 11.83
CA TRP G 40 -31.24 -15.36 12.12
C TRP G 40 -30.97 -15.17 13.60
N LYS G 41 -30.16 -16.05 14.17
CA LYS G 41 -29.73 -15.94 15.56
C LYS G 41 -28.47 -15.09 15.62
N MET G 42 -28.45 -14.13 16.56
CA MET G 42 -27.36 -13.16 16.63
C MET G 42 -26.03 -13.80 16.99
N ASP G 43 -26.01 -15.04 17.47
CA ASP G 43 -24.77 -15.74 17.78
C ASP G 43 -24.08 -16.29 16.55
N ASP G 44 -24.57 -15.95 15.35
CA ASP G 44 -23.99 -16.43 14.11
C ASP G 44 -23.59 -15.31 13.15
N VAL G 45 -23.93 -14.07 13.48
CA VAL G 45 -23.74 -12.93 12.58
C VAL G 45 -22.50 -12.16 13.01
N CYS G 46 -21.61 -11.89 12.07
CA CYS G 46 -20.44 -11.07 12.28
C CYS G 46 -20.57 -9.79 11.46
N LEU G 47 -20.42 -8.64 12.12
CA LEU G 47 -20.54 -7.35 11.46
C LEU G 47 -19.17 -6.68 11.46
N VAL G 48 -18.61 -6.51 10.27
CA VAL G 48 -17.28 -5.93 10.09
C VAL G 48 -17.42 -4.62 9.33
N SER G 49 -16.83 -3.56 9.86
CA SER G 49 -16.90 -2.24 9.25
C SER G 49 -15.57 -1.53 9.41
N GLY G 50 -15.27 -0.64 8.44
CA GLY G 50 -14.02 0.08 8.44
C GLY G 50 -14.12 1.43 9.14
N ILE G 51 -12.98 2.11 9.21
CA ILE G 51 -12.93 3.43 9.83
C ILE G 51 -13.60 4.46 8.92
N GLY G 52 -14.05 5.55 9.53
CA GLY G 52 -14.74 6.60 8.81
C GLY G 52 -15.89 7.18 9.59
N CYS G 53 -16.90 7.69 8.87
CA CYS G 53 -18.05 8.28 9.51
C CYS G 53 -19.18 7.29 9.73
N SER G 54 -19.15 6.14 9.05
CA SER G 54 -20.16 5.11 9.21
C SER G 54 -19.67 3.91 10.00
N GLY G 55 -18.43 3.93 10.48
CA GLY G 55 -17.91 2.81 11.25
C GLY G 55 -18.51 2.69 12.64
N ARG G 56 -19.09 3.77 13.16
CA ARG G 56 -19.68 3.75 14.50
C ARG G 56 -20.80 2.72 14.61
N MET G 57 -21.38 2.30 13.49
CA MET G 57 -22.41 1.25 13.53
C MET G 57 -21.87 -0.03 14.16
N SER G 58 -20.58 -0.29 14.03
CA SER G 58 -19.98 -1.48 14.63
C SER G 58 -19.94 -1.41 16.15
N SER G 59 -20.12 -0.23 16.74
CA SER G 59 -19.98 -0.05 18.18
C SER G 59 -21.31 -0.06 18.91
N TYR G 60 -22.42 -0.33 18.21
CA TYR G 60 -23.74 -0.33 18.83
C TYR G 60 -24.41 -1.69 18.83
N VAL G 61 -24.27 -2.47 17.76
CA VAL G 61 -24.93 -3.77 17.69
C VAL G 61 -24.25 -4.75 18.62
N ASN G 62 -25.04 -5.63 19.23
CA ASN G 62 -24.56 -6.60 20.20
C ASN G 62 -24.32 -7.93 19.50
N CYS G 63 -23.17 -8.03 18.85
CA CYS G 63 -22.75 -9.25 18.16
C CYS G 63 -21.24 -9.20 17.98
N ASN G 64 -20.71 -10.14 17.20
CA ASN G 64 -19.28 -10.17 16.90
C ASN G 64 -18.98 -9.05 15.91
N THR G 65 -18.46 -7.94 16.42
CA THR G 65 -18.20 -6.76 15.60
C THR G 65 -16.70 -6.57 15.43
N VAL G 66 -16.30 -6.18 14.22
CA VAL G 66 -14.90 -5.97 13.86
C VAL G 66 -14.76 -4.57 13.29
N HIS G 67 -13.76 -3.84 13.76
CA HIS G 67 -13.42 -2.52 13.26
C HIS G 67 -12.06 -2.62 12.58
N THR G 68 -12.03 -2.43 11.27
CA THR G 68 -10.83 -2.61 10.46
C THR G 68 -10.25 -1.25 10.08
N THR G 69 -9.18 -1.29 9.30
CA THR G 69 -8.52 -0.08 8.83
C THR G 69 -9.29 0.49 7.64
N HIS G 70 -8.70 1.47 6.96
CA HIS G 70 -9.38 2.18 5.89
C HIS G 70 -9.38 1.34 4.61
N GLY G 71 -10.58 0.97 4.15
CA GLY G 71 -10.75 0.31 2.88
C GLY G 71 -10.47 -1.17 2.85
N ARG G 72 -10.08 -1.77 3.98
CA ARG G 72 -9.76 -3.19 4.02
C ARG G 72 -10.87 -4.03 4.65
N ALA G 73 -12.06 -3.46 4.81
CA ALA G 73 -13.15 -4.19 5.46
C ALA G 73 -13.54 -5.42 4.65
N VAL G 74 -13.55 -5.31 3.31
CA VAL G 74 -13.97 -6.42 2.47
C VAL G 74 -12.99 -7.58 2.58
N ALA G 75 -11.69 -7.28 2.67
CA ALA G 75 -10.70 -8.36 2.77
C ALA G 75 -10.80 -9.08 4.11
N TYR G 76 -10.97 -8.33 5.20
CA TYR G 76 -11.15 -8.97 6.51
C TYR G 76 -12.43 -9.80 6.53
N ALA G 77 -13.50 -9.29 5.91
CA ALA G 77 -14.75 -10.05 5.83
C ALA G 77 -14.56 -11.33 5.03
N THR G 78 -13.82 -11.26 3.93
CA THR G 78 -13.54 -12.47 3.15
C THR G 78 -12.77 -13.48 3.97
N GLY G 79 -11.73 -13.02 4.70
CA GLY G 79 -10.99 -13.93 5.54
C GLY G 79 -11.86 -14.60 6.58
N ILE G 80 -12.72 -13.82 7.24
CA ILE G 80 -13.62 -14.37 8.26
C ILE G 80 -14.58 -15.36 7.63
N LYS G 81 -15.14 -15.04 6.46
CA LYS G 81 -16.16 -15.89 5.85
C LYS G 81 -15.58 -17.21 5.38
N MET G 82 -14.42 -17.19 4.73
CA MET G 82 -13.79 -18.45 4.35
C MET G 82 -13.22 -19.20 5.54
N ALA G 83 -12.93 -18.51 6.65
CA ALA G 83 -12.51 -19.21 7.86
C ALA G 83 -13.64 -20.08 8.40
N ASN G 84 -14.86 -19.58 8.40
CA ASN G 84 -16.04 -20.30 8.87
C ASN G 84 -17.12 -20.23 7.80
N PRO G 85 -17.07 -21.10 6.78
CA PRO G 85 -18.01 -21.03 5.66
C PRO G 85 -19.39 -21.59 5.97
N SER G 86 -19.95 -21.20 7.12
CA SER G 86 -21.30 -21.59 7.50
C SER G 86 -22.06 -20.49 8.22
N LYS G 87 -21.50 -19.30 8.37
CA LYS G 87 -22.11 -18.23 9.14
C LYS G 87 -22.30 -17.00 8.27
N HIS G 88 -23.20 -16.12 8.69
CA HIS G 88 -23.55 -14.94 7.93
C HIS G 88 -22.66 -13.77 8.35
N VAL G 89 -22.12 -13.06 7.35
CA VAL G 89 -21.23 -11.92 7.58
C VAL G 89 -21.76 -10.74 6.77
N ILE G 90 -21.82 -9.58 7.42
CA ILE G 90 -22.34 -8.36 6.80
C ILE G 90 -21.25 -7.30 6.87
N VAL G 91 -21.00 -6.64 5.74
CA VAL G 91 -20.01 -5.59 5.63
C VAL G 91 -20.73 -4.26 5.44
N VAL G 92 -20.31 -3.24 6.18
CA VAL G 92 -20.87 -1.90 6.05
C VAL G 92 -19.71 -0.92 5.86
N SER G 93 -19.78 -0.12 4.81
CA SER G 93 -18.72 0.85 4.54
C SER G 93 -19.28 2.03 3.77
N GLY G 94 -18.52 3.12 3.75
CA GLY G 94 -18.94 4.35 3.11
C GLY G 94 -18.38 4.51 1.70
N ASP G 95 -18.61 5.70 1.14
CA ASP G 95 -18.13 5.99 -0.21
C ASP G 95 -16.62 6.17 -0.24
N GLY G 96 -16.07 6.90 0.73
CA GLY G 96 -14.63 7.02 0.84
C GLY G 96 -13.94 5.72 1.15
N ASP G 97 -14.69 4.72 1.61
CA ASP G 97 -14.23 3.37 1.81
C ASP G 97 -14.17 2.63 0.48
N GLY G 98 -14.21 1.30 0.53
CA GLY G 98 -13.82 0.43 -0.57
C GLY G 98 -14.32 0.74 -1.97
N PHE G 99 -15.17 1.75 -2.13
CA PHE G 99 -15.45 2.26 -3.47
C PHE G 99 -14.64 3.50 -3.83
N ALA G 100 -13.73 3.95 -2.95
CA ALA G 100 -12.83 5.04 -3.27
C ALA G 100 -11.36 4.63 -3.21
N ILE G 101 -10.92 4.04 -2.09
CA ILE G 101 -9.53 3.62 -1.93
C ILE G 101 -9.39 2.12 -2.10
N GLY G 102 -10.31 1.33 -1.54
CA GLY G 102 -10.24 -0.10 -1.68
C GLY G 102 -11.08 -0.62 -2.83
N GLY G 103 -11.07 0.09 -3.96
CA GLY G 103 -11.88 -0.31 -5.09
C GLY G 103 -11.50 -1.68 -5.62
N ASN G 104 -10.21 -2.00 -5.62
CA ASN G 104 -9.76 -3.29 -6.12
C ASN G 104 -10.35 -4.43 -5.30
N HIS G 105 -10.43 -4.26 -3.98
CA HIS G 105 -10.98 -5.31 -3.13
C HIS G 105 -12.43 -5.59 -3.48
N THR G 106 -13.24 -4.52 -3.63
CA THR G 106 -14.64 -4.70 -3.96
C THR G 106 -14.81 -5.34 -5.34
N MET G 107 -14.04 -4.86 -6.33
CA MET G 107 -14.19 -5.40 -7.68
C MET G 107 -13.80 -6.88 -7.73
N HIS G 108 -12.72 -7.26 -7.04
CA HIS G 108 -12.31 -8.65 -7.07
C HIS G 108 -13.24 -9.54 -6.25
N ALA G 109 -13.81 -9.03 -5.16
CA ALA G 109 -14.81 -9.79 -4.42
C ALA G 109 -16.06 -10.01 -5.27
N CYS G 110 -16.46 -9.00 -6.04
CA CYS G 110 -17.54 -9.18 -7.00
C CYS G 110 -17.18 -10.23 -8.04
N ARG G 111 -15.94 -10.19 -8.53
CA ARG G 111 -15.53 -11.11 -9.58
C ARG G 111 -15.57 -12.56 -9.11
N ARG G 112 -15.00 -12.84 -7.93
CA ARG G 112 -14.91 -14.23 -7.49
C ARG G 112 -16.16 -14.71 -6.78
N ASN G 113 -17.14 -13.83 -6.54
CA ASN G 113 -18.47 -14.22 -6.04
C ASN G 113 -18.38 -14.95 -4.70
N ILE G 114 -17.93 -14.23 -3.69
CA ILE G 114 -17.89 -14.73 -2.32
C ILE G 114 -19.13 -14.23 -1.58
N ASP G 115 -19.69 -15.07 -0.71
CA ASP G 115 -20.96 -14.77 -0.04
C ASP G 115 -20.74 -13.69 1.02
N LEU G 116 -20.69 -12.45 0.56
CA LEU G 116 -20.67 -11.28 1.44
C LEU G 116 -21.97 -10.52 1.28
N ASN G 117 -22.13 -9.50 2.13
CA ASN G 117 -23.33 -8.67 2.15
C ASN G 117 -22.96 -7.20 2.18
N PHE G 118 -22.08 -6.81 1.26
CA PHE G 118 -21.55 -5.45 1.21
C PHE G 118 -22.68 -4.42 1.15
N ILE G 119 -22.60 -3.44 2.03
CA ILE G 119 -23.58 -2.36 2.10
C ILE G 119 -22.84 -1.04 2.10
N LEU G 120 -23.10 -0.22 1.08
CA LEU G 120 -22.43 1.06 0.91
C LEU G 120 -23.36 2.18 1.35
N VAL G 121 -22.91 2.98 2.31
CA VAL G 121 -23.65 4.13 2.83
C VAL G 121 -23.13 5.35 2.07
N ASN G 122 -23.89 5.82 1.09
CA ASN G 122 -23.44 6.86 0.18
C ASN G 122 -23.93 8.21 0.68
N ASN G 123 -22.98 9.11 0.96
CA ASN G 123 -23.30 10.49 1.30
C ASN G 123 -22.61 11.48 0.38
N PHE G 124 -21.93 11.00 -0.67
CA PHE G 124 -21.34 11.72 -1.79
C PHE G 124 -20.05 12.46 -1.43
N ILE G 125 -19.66 12.52 -0.16
CA ILE G 125 -18.46 13.25 0.24
C ILE G 125 -17.76 12.55 1.40
N TYR G 126 -16.63 13.09 1.83
CA TYR G 126 -15.91 12.62 3.02
C TYR G 126 -16.51 13.33 4.22
N GLY G 127 -17.42 12.63 4.93
CA GLY G 127 -18.10 13.27 6.04
C GLY G 127 -17.19 13.58 7.22
N LEU G 128 -16.29 12.65 7.56
CA LEU G 128 -15.54 12.78 8.80
C LEU G 128 -14.44 13.86 8.69
N THR G 129 -13.75 13.92 7.55
CA THR G 129 -12.58 14.76 7.41
C THR G 129 -12.95 16.12 6.78
N ASN G 130 -14.16 16.60 7.09
CA ASN G 130 -14.62 17.95 6.73
C ASN G 130 -14.69 18.16 5.21
N SER G 131 -15.54 17.35 4.58
CA SER G 131 -16.11 17.66 3.26
C SER G 131 -15.04 17.81 2.19
N GLN G 132 -14.37 16.71 1.88
CA GLN G 132 -13.49 16.65 0.73
C GLN G 132 -14.26 16.20 -0.49
N THR G 133 -13.57 15.93 -1.59
CA THR G 133 -14.17 15.51 -2.84
C THR G 133 -14.15 13.99 -2.94
N SER G 134 -15.29 13.41 -3.30
CA SER G 134 -15.45 11.98 -3.47
C SER G 134 -15.67 11.63 -4.94
N PRO G 135 -15.36 10.39 -5.35
CA PRO G 135 -15.65 10.00 -6.74
C PRO G 135 -17.13 10.04 -7.08
N THR G 136 -18.02 10.01 -6.10
CA THR G 136 -19.45 10.08 -6.33
C THR G 136 -19.99 11.49 -6.14
N THR G 137 -19.14 12.48 -5.90
CA THR G 137 -19.58 13.86 -5.73
C THR G 137 -19.92 14.45 -7.09
N PRO G 138 -21.14 14.95 -7.30
CA PRO G 138 -21.49 15.53 -8.60
C PRO G 138 -20.63 16.74 -8.93
N ASN G 139 -20.37 16.91 -10.22
CA ASN G 139 -19.51 18.01 -10.67
C ASN G 139 -20.18 19.36 -10.41
N GLY G 140 -19.33 20.37 -10.22
CA GLY G 140 -19.81 21.72 -9.98
C GLY G 140 -20.19 22.04 -8.56
N MET G 141 -19.92 21.15 -7.61
CA MET G 141 -20.23 21.42 -6.22
C MET G 141 -19.01 21.99 -5.49
N TRP G 142 -19.23 22.43 -4.25
CA TRP G 142 -18.20 23.08 -3.45
C TRP G 142 -17.63 22.08 -2.46
N THR G 143 -16.30 21.89 -2.52
CA THR G 143 -15.59 21.04 -1.58
C THR G 143 -14.37 21.81 -1.06
N VAL G 144 -13.85 21.36 0.09
CA VAL G 144 -12.73 22.07 0.71
C VAL G 144 -11.48 22.00 -0.16
N THR G 145 -11.34 20.94 -0.97
CA THR G 145 -10.19 20.82 -1.86
C THR G 145 -10.47 21.31 -3.28
N ALA G 146 -11.73 21.59 -3.61
CA ALA G 146 -12.11 22.16 -4.90
C ALA G 146 -13.10 23.28 -4.61
N GLN G 147 -12.59 24.49 -4.42
CA GLN G 147 -13.39 25.62 -4.01
C GLN G 147 -14.04 26.35 -5.19
N TRP G 148 -13.91 25.82 -6.40
CA TRP G 148 -14.45 26.46 -7.59
C TRP G 148 -15.38 25.53 -8.39
N GLY G 149 -15.55 24.28 -7.97
CA GLY G 149 -16.41 23.35 -8.69
C GLY G 149 -15.66 22.07 -9.00
N ASN G 150 -16.26 20.96 -8.59
CA ASN G 150 -15.67 19.65 -8.83
C ASN G 150 -15.63 19.36 -10.33
N ILE G 151 -14.53 18.79 -10.79
CA ILE G 151 -14.36 18.45 -12.19
C ILE G 151 -14.30 16.94 -12.42
N ASP G 152 -13.85 16.16 -11.45
CA ASP G 152 -13.81 14.71 -11.59
C ASP G 152 -15.22 14.17 -11.81
N ASN G 153 -15.32 13.17 -12.69
CA ASN G 153 -16.61 12.64 -13.10
C ASN G 153 -17.16 11.73 -12.00
N GLN G 154 -18.23 10.99 -12.31
CA GLN G 154 -18.97 10.21 -11.34
C GLN G 154 -18.75 8.73 -11.57
N PHE G 155 -18.48 7.99 -10.49
CA PHE G 155 -18.55 6.55 -10.54
C PHE G 155 -20.01 6.10 -10.41
N ASP G 156 -20.30 4.95 -11.01
CA ASP G 156 -21.62 4.34 -10.90
C ASP G 156 -21.46 3.01 -10.18
N PRO G 157 -21.70 2.95 -8.87
CA PRO G 157 -21.46 1.69 -8.13
C PRO G 157 -22.26 0.52 -8.67
N CYS G 158 -23.51 0.74 -9.06
CA CYS G 158 -24.33 -0.35 -9.58
C CYS G 158 -23.80 -0.84 -10.93
N ALA G 159 -23.51 0.10 -11.84
CA ALA G 159 -22.99 -0.29 -13.15
C ALA G 159 -21.62 -0.93 -13.02
N LEU G 160 -20.76 -0.39 -12.16
CA LEU G 160 -19.43 -0.96 -11.97
C LEU G 160 -19.50 -2.36 -11.38
N THR G 161 -20.38 -2.57 -10.40
CA THR G 161 -20.52 -3.90 -9.82
C THR G 161 -21.10 -4.88 -10.83
N THR G 162 -22.05 -4.43 -11.66
CA THR G 162 -22.59 -5.29 -12.70
C THR G 162 -21.51 -5.68 -13.71
N ALA G 163 -20.65 -4.72 -14.08
CA ALA G 163 -19.56 -5.04 -15.00
C ALA G 163 -18.54 -5.98 -14.36
N ALA G 164 -18.28 -5.83 -13.06
CA ALA G 164 -17.33 -6.70 -12.39
C ALA G 164 -17.83 -8.14 -12.35
N GLY G 165 -19.12 -8.34 -12.12
CA GLY G 165 -19.67 -9.68 -12.09
C GLY G 165 -20.39 -10.04 -10.82
N ALA G 166 -20.92 -9.05 -10.11
CA ALA G 166 -21.70 -9.32 -8.92
C ALA G 166 -22.98 -10.08 -9.26
N SER G 167 -23.39 -10.95 -8.34
CA SER G 167 -24.54 -11.81 -8.56
C SER G 167 -25.87 -11.20 -8.12
N PHE G 168 -25.85 -10.18 -7.26
CA PHE G 168 -27.08 -9.54 -6.81
C PHE G 168 -26.77 -8.07 -6.57
N VAL G 169 -27.37 -7.20 -7.38
CA VAL G 169 -27.19 -5.76 -7.29
C VAL G 169 -28.55 -5.11 -7.09
N ALA G 170 -28.67 -4.30 -6.04
CA ALA G 170 -29.89 -3.59 -5.74
C ALA G 170 -29.54 -2.24 -5.11
N ARG G 171 -30.42 -1.26 -5.30
CA ARG G 171 -30.21 0.08 -4.77
C ARG G 171 -31.45 0.52 -4.00
N GLU G 172 -31.23 1.20 -2.89
CA GLU G 172 -32.32 1.75 -2.09
C GLU G 172 -31.86 3.05 -1.45
N SER G 173 -32.70 3.61 -0.59
CA SER G 173 -32.41 4.88 0.06
C SER G 173 -33.09 4.92 1.43
N VAL G 174 -32.68 5.89 2.24
CA VAL G 174 -33.26 6.08 3.56
C VAL G 174 -34.57 6.85 3.51
N LEU G 175 -34.99 7.32 2.33
CA LEU G 175 -36.25 8.05 2.22
C LEU G 175 -37.46 7.16 2.41
N ASP G 176 -37.29 5.84 2.35
CA ASP G 176 -38.38 4.89 2.54
C ASP G 176 -37.79 3.61 3.13
N PRO G 177 -37.90 3.42 4.44
CA PRO G 177 -37.27 2.25 5.06
C PRO G 177 -37.99 0.94 4.79
N GLN G 178 -39.27 0.96 4.43
CA GLN G 178 -40.00 -0.28 4.20
C GLN G 178 -39.46 -1.01 2.98
N LYS G 179 -39.32 -0.31 1.85
CA LYS G 179 -38.77 -0.93 0.66
C LYS G 179 -37.31 -1.31 0.86
N LEU G 180 -36.55 -0.52 1.63
CA LEU G 180 -35.18 -0.88 1.93
C LEU G 180 -35.12 -2.19 2.71
N GLU G 181 -35.99 -2.34 3.71
CA GLU G 181 -36.02 -3.59 4.47
C GLU G 181 -36.45 -4.77 3.60
N LYS G 182 -37.41 -4.55 2.70
CA LYS G 182 -37.83 -5.62 1.80
C LYS G 182 -36.69 -6.05 0.88
N VAL G 183 -35.95 -5.07 0.34
CA VAL G 183 -34.82 -5.38 -0.52
C VAL G 183 -33.74 -6.13 0.25
N LEU G 184 -33.46 -5.70 1.49
CA LEU G 184 -32.48 -6.39 2.31
C LEU G 184 -32.92 -7.81 2.61
N LYS G 185 -34.21 -8.01 2.88
CA LYS G 185 -34.73 -9.36 3.12
C LYS G 185 -34.56 -10.23 1.88
N GLU G 186 -34.84 -9.69 0.69
CA GLU G 186 -34.68 -10.46 -0.53
C GLU G 186 -33.22 -10.78 -0.80
N GLY G 187 -32.32 -9.85 -0.49
CA GLY G 187 -30.92 -10.03 -0.85
C GLY G 187 -30.11 -10.84 0.14
N PHE G 188 -30.48 -10.82 1.42
CA PHE G 188 -29.71 -11.55 2.43
C PHE G 188 -29.81 -13.06 2.22
N SER G 189 -30.99 -13.54 1.81
CA SER G 189 -31.20 -14.97 1.60
C SER G 189 -30.47 -15.50 0.37
N HIS G 190 -29.91 -14.63 -0.47
CA HIS G 190 -29.20 -15.05 -1.66
C HIS G 190 -27.93 -15.81 -1.28
N LYS G 191 -27.33 -16.49 -2.26
CA LYS G 191 -26.15 -17.29 -2.04
C LYS G 191 -25.01 -16.83 -2.93
N GLY G 192 -24.78 -15.52 -2.95
CA GLY G 192 -23.71 -14.93 -3.73
C GLY G 192 -23.40 -13.55 -3.20
N PHE G 193 -22.49 -12.86 -3.89
CA PHE G 193 -22.11 -11.52 -3.47
C PHE G 193 -23.27 -10.57 -3.69
N SER G 194 -23.78 -9.99 -2.60
CA SER G 194 -24.90 -9.06 -2.66
C SER G 194 -24.38 -7.64 -2.41
N PHE G 195 -24.74 -6.73 -3.31
CA PHE G 195 -24.35 -5.33 -3.21
C PHE G 195 -25.59 -4.48 -2.98
N PHE G 196 -25.55 -3.65 -1.94
CA PHE G 196 -26.66 -2.79 -1.57
C PHE G 196 -26.19 -1.34 -1.56
N ASP G 197 -26.57 -0.57 -2.56
CA ASP G 197 -26.25 0.85 -2.62
C ASP G 197 -27.37 1.63 -1.94
N VAL G 198 -27.03 2.30 -0.85
CA VAL G 198 -27.99 3.05 -0.04
C VAL G 198 -27.62 4.52 -0.08
N HIS G 199 -28.60 5.37 -0.40
CA HIS G 199 -28.38 6.81 -0.46
C HIS G 199 -28.64 7.41 0.92
N SER G 200 -27.62 8.00 1.52
CA SER G 200 -27.73 8.70 2.79
C SER G 200 -27.58 10.20 2.56
N ASN G 201 -27.69 10.96 3.65
CA ASN G 201 -27.61 12.41 3.59
C ASN G 201 -26.58 12.93 4.58
N CYS G 202 -25.82 13.93 4.15
CA CYS G 202 -24.83 14.61 4.98
C CYS G 202 -25.08 16.11 4.85
N HIS G 203 -25.99 16.65 5.66
CA HIS G 203 -26.35 18.06 5.59
C HIS G 203 -25.33 18.97 6.29
N ILE G 204 -24.45 18.41 7.11
CA ILE G 204 -23.54 19.23 7.89
C ILE G 204 -22.32 19.63 7.08
N ASN G 205 -21.86 18.76 6.17
CA ASN G 205 -20.67 19.05 5.38
C ASN G 205 -20.98 19.34 3.92
N LEU G 206 -22.07 18.78 3.38
CA LEU G 206 -22.45 19.03 2.00
C LEU G 206 -23.41 20.22 1.88
N GLY G 207 -24.50 20.20 2.65
CA GLY G 207 -25.55 21.19 2.51
C GLY G 207 -25.21 22.56 3.07
N ARG G 208 -24.28 22.65 4.02
CA ARG G 208 -23.92 23.94 4.60
C ARG G 208 -23.36 24.88 3.54
N LYS G 209 -22.51 24.36 2.65
CA LYS G 209 -21.84 25.17 1.65
C LYS G 209 -22.49 25.08 0.27
N ASN G 210 -23.61 24.37 0.14
CA ASN G 210 -24.27 24.20 -1.16
C ASN G 210 -25.75 24.56 -1.08
N LYS G 211 -26.10 25.51 -0.22
CA LYS G 211 -27.48 26.01 -0.09
C LYS G 211 -28.46 24.89 0.22
N MET G 212 -28.03 23.90 0.99
CA MET G 212 -28.86 22.75 1.34
C MET G 212 -28.67 22.42 2.82
N GLY G 213 -28.50 23.45 3.64
CA GLY G 213 -28.08 23.28 5.03
C GLY G 213 -29.07 22.54 5.91
N GLU G 214 -30.34 22.49 5.53
CA GLU G 214 -31.34 21.78 6.32
C GLU G 214 -31.50 20.36 5.81
N ALA G 215 -31.86 19.45 6.72
CA ALA G 215 -32.05 18.06 6.36
C ALA G 215 -33.19 17.89 5.36
N SER G 216 -34.25 18.69 5.51
CA SER G 216 -35.39 18.58 4.63
C SER G 216 -35.02 18.89 3.17
N GLN G 217 -34.21 19.93 2.96
CA GLN G 217 -33.83 20.31 1.61
C GLN G 217 -32.99 19.21 0.95
N MET G 218 -32.02 18.65 1.68
CA MET G 218 -31.22 17.57 1.12
C MET G 218 -32.08 16.35 0.84
N LEU G 219 -33.01 16.03 1.76
CA LEU G 219 -33.87 14.87 1.55
C LEU G 219 -34.75 15.04 0.32
N LYS G 220 -35.32 16.23 0.13
CA LYS G 220 -36.16 16.44 -1.05
C LYS G 220 -35.33 16.47 -2.33
N TRP G 221 -34.08 16.94 -2.26
CA TRP G 221 -33.20 16.88 -3.43
C TRP G 221 -32.91 15.43 -3.82
N MET G 222 -32.59 14.59 -2.83
CA MET G 222 -32.35 13.17 -3.13
C MET G 222 -33.61 12.50 -3.65
N GLU G 223 -34.77 12.86 -3.08
CA GLU G 223 -36.02 12.31 -3.59
C GLU G 223 -36.25 12.70 -5.05
N SER G 224 -35.96 13.96 -5.39
CA SER G 224 -36.12 14.41 -6.77
C SER G 224 -35.16 13.68 -7.70
N ARG G 225 -33.92 13.43 -7.24
CA ARG G 225 -32.94 12.79 -8.09
C ARG G 225 -33.17 11.29 -8.28
N LEU G 226 -34.10 10.69 -7.54
CA LEU G 226 -34.29 9.25 -7.54
C LEU G 226 -35.65 8.89 -8.13
N VAL G 227 -35.67 7.94 -9.06
CA VAL G 227 -36.89 7.44 -9.67
C VAL G 227 -36.84 5.92 -9.68
N SER G 228 -38.01 5.31 -9.88
CA SER G 228 -38.10 3.86 -9.89
C SER G 228 -37.47 3.29 -11.14
N LYS G 229 -37.20 1.97 -11.10
CA LYS G 229 -36.53 1.31 -12.22
C LYS G 229 -37.39 1.34 -13.48
N ARG G 230 -38.68 1.01 -13.35
CA ARG G 230 -39.57 1.02 -14.51
C ARG G 230 -39.72 2.42 -15.08
N GLN G 231 -39.95 3.40 -14.20
CA GLN G 231 -40.09 4.78 -14.66
C GLN G 231 -38.81 5.26 -15.34
N PHE G 232 -37.65 4.95 -14.75
CA PHE G 232 -36.38 5.33 -15.38
C PHE G 232 -36.22 4.66 -16.75
N GLU G 233 -36.60 3.38 -16.85
CA GLU G 233 -36.56 2.69 -18.13
C GLU G 233 -37.53 3.29 -19.14
N ALA G 234 -38.56 3.99 -18.68
CA ALA G 234 -39.55 4.59 -19.56
C ALA G 234 -39.15 5.98 -20.07
N MET G 235 -37.98 6.49 -19.70
CA MET G 235 -37.53 7.82 -20.10
C MET G 235 -36.64 7.76 -21.33
N SER G 236 -36.44 8.93 -21.94
CA SER G 236 -35.56 9.09 -23.08
C SER G 236 -34.11 9.18 -22.63
N PRO G 237 -33.16 8.82 -23.49
CA PRO G 237 -31.74 8.87 -23.08
C PRO G 237 -31.28 10.24 -22.62
N GLU G 238 -31.77 11.31 -23.25
CA GLU G 238 -31.42 12.66 -22.81
C GLU G 238 -32.01 12.95 -21.44
N GLU G 239 -33.25 12.52 -21.19
CA GLU G 239 -33.90 12.79 -19.92
C GLU G 239 -33.29 12.02 -18.76
N ARG G 240 -32.54 10.95 -19.04
CA ARG G 240 -32.00 10.08 -18.00
C ARG G 240 -30.79 10.69 -17.28
N VAL G 241 -30.52 11.98 -17.47
CA VAL G 241 -29.44 12.62 -16.73
C VAL G 241 -29.79 12.67 -15.25
N ASP G 242 -28.76 12.58 -14.41
CA ASP G 242 -28.82 12.63 -12.95
C ASP G 242 -29.97 11.81 -12.35
N LYS G 243 -30.31 10.69 -13.00
CA LYS G 243 -31.36 9.79 -12.53
C LYS G 243 -30.75 8.44 -12.20
N PHE G 244 -31.33 7.76 -11.21
CA PHE G 244 -30.84 6.47 -10.76
C PHE G 244 -32.02 5.52 -10.55
N PRO G 245 -32.02 4.35 -11.17
CA PRO G 245 -33.10 3.38 -10.92
C PRO G 245 -33.05 2.88 -9.49
N THR G 246 -34.22 2.56 -8.95
CA THR G 246 -34.36 2.14 -7.56
C THR G 246 -34.99 0.75 -7.50
N GLY G 247 -34.56 -0.04 -6.54
CA GLY G 247 -35.03 -1.41 -6.39
C GLY G 247 -33.98 -2.40 -6.82
N VAL G 248 -34.38 -3.67 -6.82
CA VAL G 248 -33.49 -4.75 -7.24
C VAL G 248 -33.21 -4.62 -8.73
N LEU G 249 -31.94 -4.46 -9.09
CA LEU G 249 -31.54 -4.24 -10.48
C LEU G 249 -31.08 -5.51 -11.16
N ARG G 250 -30.36 -6.38 -10.48
CA ARG G 250 -29.91 -7.63 -11.08
C ARG G 250 -29.93 -8.73 -10.04
N HIS G 251 -30.61 -9.83 -10.36
CA HIS G 251 -30.73 -10.97 -9.46
C HIS G 251 -30.50 -12.27 -10.22
N ASP G 252 -29.40 -12.33 -10.97
CA ASP G 252 -29.08 -13.53 -11.73
C ASP G 252 -29.03 -14.77 -10.83
N THR G 253 -29.56 -15.88 -11.34
CA THR G 253 -29.90 -17.02 -10.49
C THR G 253 -28.89 -18.16 -10.55
N ASP G 254 -28.32 -18.46 -11.71
CA ASP G 254 -27.49 -19.64 -11.89
C ASP G 254 -26.02 -19.22 -11.90
N ARG G 255 -25.42 -19.19 -10.72
CA ARG G 255 -24.00 -18.92 -10.57
C ARG G 255 -23.43 -19.84 -9.50
N LYS G 256 -22.12 -20.07 -9.57
CA LYS G 256 -21.44 -20.97 -8.65
C LYS G 256 -20.73 -20.17 -7.58
N GLU G 257 -21.05 -20.46 -6.33
CA GLU G 257 -20.36 -19.84 -5.20
C GLU G 257 -18.88 -20.21 -5.18
N TYR G 258 -18.05 -19.25 -4.76
CA TYR G 258 -16.62 -19.52 -4.65
C TYR G 258 -16.34 -20.59 -3.60
N CYS G 259 -17.00 -20.51 -2.45
CA CYS G 259 -16.82 -21.54 -1.43
C CYS G 259 -17.41 -22.86 -1.88
N GLU G 260 -18.53 -22.83 -2.59
CA GLU G 260 -19.14 -24.06 -3.10
C GLU G 260 -18.23 -24.76 -4.11
N ALA G 261 -17.40 -24.00 -4.82
CA ALA G 261 -16.46 -24.58 -5.78
C ALA G 261 -15.17 -25.02 -5.11
N TYR G 262 -14.68 -24.25 -4.14
CA TYR G 262 -13.50 -24.69 -3.40
C TYR G 262 -13.81 -25.94 -2.59
N GLN G 263 -15.07 -26.15 -2.22
CA GLN G 263 -15.44 -27.41 -1.58
C GLN G 263 -15.22 -28.59 -2.52
N GLU G 264 -15.59 -28.46 -3.78
CA GLU G 264 -15.33 -29.51 -4.76
C GLU G 264 -13.84 -29.68 -5.00
N ILE G 265 -13.10 -28.56 -5.00
CA ILE G 265 -11.64 -28.66 -5.15
C ILE G 265 -11.05 -29.46 -3.99
N ILE G 266 -11.51 -29.19 -2.77
CA ILE G 266 -11.04 -29.94 -1.60
C ILE G 266 -11.41 -31.42 -1.75
N GLU G 267 -12.65 -31.69 -2.16
CA GLU G 267 -13.12 -33.07 -2.23
C GLU G 267 -12.34 -33.88 -3.27
N LYS G 268 -12.10 -33.31 -4.44
CA LYS G 268 -11.43 -34.03 -5.52
C LYS G 268 -9.93 -33.80 -5.57
N ALA G 269 -9.38 -33.01 -4.65
CA ALA G 269 -7.97 -32.67 -4.68
C ALA G 269 -7.11 -33.74 -4.03
N GLN G 270 -7.30 -33.97 -2.73
CA GLN G 270 -6.53 -34.97 -2.00
C GLN G 270 -7.42 -35.82 -1.10
N GLY G 271 -8.73 -35.83 -1.34
CA GLY G 271 -9.62 -36.72 -0.62
C GLY G 271 -9.49 -38.13 -1.13
N LYS G 272 -8.35 -38.76 -0.85
CA LYS G 272 -7.93 -40.08 -1.32
C LYS G 272 -7.67 -40.11 -2.82
N GLN G 273 -7.85 -39.00 -3.53
CA GLN G 273 -7.64 -38.92 -4.97
C GLN G 273 -8.40 -40.01 -5.73
N MET H 1 2.08 36.97 33.65
CA MET H 1 1.34 37.16 32.40
C MET H 1 -0.03 37.78 32.68
N GLU H 2 -0.68 38.28 31.63
CA GLU H 2 -1.91 39.06 31.78
C GLU H 2 -3.17 38.21 31.75
N ALA H 3 -3.41 37.48 30.66
CA ALA H 3 -4.70 36.84 30.47
C ALA H 3 -4.54 35.36 30.19
N GLN H 4 -5.34 34.54 30.88
CA GLN H 4 -5.49 33.12 30.60
C GLN H 4 -6.98 32.81 30.53
N LEU H 5 -7.49 32.60 29.32
CA LEU H 5 -8.92 32.47 29.09
C LEU H 5 -9.23 31.08 28.56
N ARG H 6 -10.38 30.55 28.99
CA ARG H 6 -10.84 29.24 28.56
C ARG H 6 -12.31 29.33 28.16
N PHE H 7 -12.58 29.18 26.87
CA PHE H 7 -13.93 29.19 26.32
C PHE H 7 -14.34 27.75 26.02
N THR H 8 -15.45 27.30 26.60
CA THR H 8 -15.91 25.93 26.42
C THR H 8 -17.33 25.93 25.88
N GLY H 9 -17.65 24.91 25.09
CA GLY H 9 -18.98 24.82 24.52
C GLY H 9 -19.18 23.49 23.81
N VAL H 10 -20.25 23.44 23.03
CA VAL H 10 -20.61 22.26 22.26
C VAL H 10 -20.28 22.53 20.80
N GLY H 11 -19.62 21.57 20.15
CA GLY H 11 -19.25 21.71 18.75
C GLY H 11 -20.43 21.96 17.85
N GLY H 12 -20.32 23.00 17.01
CA GLY H 12 -21.41 23.41 16.14
C GLY H 12 -22.20 24.59 16.62
N GLN H 13 -21.84 25.18 17.77
CA GLN H 13 -22.54 26.33 18.30
C GLN H 13 -22.09 27.63 17.64
N GLY H 14 -20.81 27.95 17.76
CA GLY H 14 -20.25 29.16 17.18
C GLY H 14 -19.62 30.11 18.18
N VAL H 15 -19.80 29.88 19.49
CA VAL H 15 -19.23 30.77 20.49
C VAL H 15 -17.71 30.75 20.44
N LEU H 16 -17.11 29.57 20.24
CA LEU H 16 -15.67 29.43 20.25
C LEU H 16 -14.99 30.17 19.11
N LEU H 17 -15.73 30.59 18.08
CA LEU H 17 -15.15 31.33 16.97
C LEU H 17 -14.60 32.68 17.41
N ALA H 18 -15.14 33.25 18.49
CA ALA H 18 -14.70 34.55 18.99
C ALA H 18 -13.39 34.47 19.75
N GLY H 19 -12.70 33.34 19.72
CA GLY H 19 -11.43 33.19 20.42
C GLY H 19 -10.29 33.93 19.75
N GLU H 20 -9.98 33.54 18.51
CA GLU H 20 -8.82 34.11 17.82
C GLU H 20 -8.94 35.61 17.61
N ILE H 21 -10.15 36.17 17.67
CA ILE H 21 -10.31 37.61 17.49
C ILE H 21 -9.60 38.37 18.61
N LEU H 22 -9.79 37.93 19.86
CA LEU H 22 -9.14 38.62 20.98
C LEU H 22 -7.63 38.49 20.92
N ALA H 23 -7.13 37.31 20.56
CA ALA H 23 -5.69 37.13 20.43
C ALA H 23 -5.11 38.03 19.33
N GLU H 24 -5.80 38.10 18.19
CA GLU H 24 -5.35 38.97 17.11
C GLU H 24 -5.36 40.43 17.53
N ALA H 25 -6.41 40.84 18.25
CA ALA H 25 -6.48 42.23 18.72
C ALA H 25 -5.33 42.55 19.68
N LYS H 26 -5.04 41.62 20.61
CA LYS H 26 -3.94 41.84 21.53
C LYS H 26 -2.60 41.88 20.80
N ILE H 27 -2.42 41.01 19.80
CA ILE H 27 -1.18 41.01 19.03
C ILE H 27 -1.01 42.32 18.28
N VAL H 28 -2.08 42.82 17.66
CA VAL H 28 -2.01 44.09 16.95
C VAL H 28 -1.73 45.23 17.92
N SER H 29 -2.30 45.15 19.12
CA SER H 29 -2.14 46.22 20.10
C SER H 29 -0.71 46.35 20.62
N GLY H 30 0.16 45.38 20.35
CA GLY H 30 1.54 45.42 20.78
C GLY H 30 1.99 44.24 21.60
N GLY H 31 1.08 43.51 22.22
CA GLY H 31 1.43 42.34 23.01
C GLY H 31 1.47 41.08 22.16
N TYR H 32 1.41 39.94 22.85
CA TYR H 32 1.46 38.64 22.19
C TYR H 32 0.33 37.76 22.71
N GLY H 33 -0.22 36.94 21.81
CA GLY H 33 -1.31 36.04 22.15
C GLY H 33 -1.24 34.73 21.41
N THR H 34 -1.59 33.64 22.09
CA THR H 34 -1.57 32.30 21.52
C THR H 34 -2.88 31.59 21.82
N LYS H 35 -3.41 30.89 20.81
CA LYS H 35 -4.68 30.19 20.91
C LYS H 35 -4.47 28.71 20.60
N THR H 36 -5.02 27.84 21.45
CA THR H 36 -4.98 26.41 21.24
C THR H 36 -6.38 25.85 21.40
N SER H 37 -6.84 25.10 20.40
CA SER H 37 -8.18 24.55 20.37
C SER H 37 -8.14 23.05 20.63
N THR H 38 -8.91 22.59 21.62
CA THR H 38 -9.07 21.17 21.90
C THR H 38 -10.45 20.75 21.39
N TYR H 39 -10.46 19.93 20.34
CA TYR H 39 -11.67 19.42 19.74
C TYR H 39 -11.69 17.90 19.82
N THR H 40 -12.90 17.35 19.89
CA THR H 40 -13.10 15.90 19.92
C THR H 40 -13.37 15.41 18.50
N SER H 41 -13.16 14.11 18.29
CA SER H 41 -13.34 13.51 16.96
C SER H 41 -14.81 13.51 16.55
N GLN H 42 -15.69 13.97 17.42
CA GLN H 42 -17.11 14.08 17.12
C GLN H 42 -17.38 15.40 16.39
N VAL H 43 -18.01 15.31 15.23
CA VAL H 43 -18.19 16.49 14.38
C VAL H 43 -19.18 17.47 15.00
N ARG H 44 -20.31 16.98 15.48
CA ARG H 44 -21.34 17.84 16.06
C ARG H 44 -21.81 17.27 17.40
N GLY H 45 -22.13 18.16 18.32
CA GLY H 45 -22.58 17.76 19.64
C GLY H 45 -21.49 17.35 20.61
N GLY H 46 -20.23 17.67 20.31
CA GLY H 46 -19.14 17.28 21.17
C GLY H 46 -18.55 18.46 21.93
N PRO H 47 -18.01 18.17 23.12
CA PRO H 47 -17.38 19.25 23.90
C PRO H 47 -16.13 19.78 23.22
N THR H 48 -16.05 21.10 23.11
CA THR H 48 -14.92 21.77 22.48
C THR H 48 -14.45 22.91 23.38
N LYS H 49 -13.15 23.15 23.38
CA LYS H 49 -12.57 24.18 24.23
C LYS H 49 -11.50 24.97 23.47
N VAL H 50 -11.30 26.21 23.90
CA VAL H 50 -10.28 27.08 23.34
C VAL H 50 -9.56 27.75 24.51
N ASP H 51 -8.23 27.64 24.53
CA ASP H 51 -7.39 28.25 25.55
C ASP H 51 -6.60 29.38 24.91
N ILE H 52 -6.64 30.55 25.55
CA ILE H 52 -6.02 31.76 25.03
C ILE H 52 -5.06 32.29 26.08
N LEU H 53 -3.82 32.57 25.67
CA LEU H 53 -2.81 33.16 26.54
C LEU H 53 -2.42 34.51 25.97
N LEU H 54 -2.50 35.55 26.79
CA LEU H 54 -2.18 36.91 26.39
C LEU H 54 -1.15 37.48 27.36
N ASP H 55 -0.07 38.04 26.82
CA ASP H 55 1.01 38.57 27.63
C ASP H 55 1.70 39.71 26.89
N LYS H 56 2.66 40.33 27.56
CA LYS H 56 3.43 41.43 26.98
C LYS H 56 4.72 40.97 26.30
N ASP H 57 5.20 39.76 26.61
CA ASP H 57 6.43 39.26 26.02
C ASP H 57 6.17 38.01 25.18
N GLU H 58 7.22 37.38 24.68
CA GLU H 58 7.07 36.23 23.81
C GLU H 58 6.48 35.04 24.57
N ILE H 59 5.49 34.39 23.95
CA ILE H 59 4.84 33.23 24.53
C ILE H 59 5.54 31.98 24.02
N ILE H 60 6.13 31.23 24.95
CA ILE H 60 6.89 30.03 24.58
C ILE H 60 6.01 28.80 24.55
N PHE H 61 5.19 28.60 25.59
CA PHE H 61 4.34 27.43 25.67
C PHE H 61 2.94 27.77 25.15
N PRO H 62 2.47 27.13 24.07
CA PRO H 62 1.10 27.40 23.62
C PRO H 62 0.03 26.86 24.55
N TYR H 63 0.38 25.96 25.46
CA TYR H 63 -0.58 25.35 26.37
C TYR H 63 -0.56 26.05 27.72
N ALA H 64 -1.70 26.02 28.40
CA ALA H 64 -1.87 26.67 29.69
C ALA H 64 -1.36 25.74 30.80
N LYS H 65 -1.63 26.13 32.05
CA LYS H 65 -1.21 25.37 33.22
C LYS H 65 -2.40 25.19 34.14
N GLU H 66 -2.47 24.03 34.79
CA GLU H 66 -3.58 23.75 35.70
C GLU H 66 -3.53 24.67 36.91
N GLY H 67 -4.70 25.15 37.31
CA GLY H 67 -4.81 26.03 38.45
C GLY H 67 -4.40 27.46 38.20
N GLU H 68 -4.18 27.85 36.94
CA GLU H 68 -3.75 29.19 36.61
C GLU H 68 -4.60 29.87 35.55
N ILE H 69 -5.72 29.27 35.16
CA ILE H 69 -6.60 29.88 34.16
C ILE H 69 -7.43 30.97 34.84
N ASP H 70 -7.21 32.22 34.43
CA ASP H 70 -7.85 33.35 35.10
C ASP H 70 -9.35 33.38 34.81
N PHE H 71 -9.75 33.23 33.55
CA PHE H 71 -11.14 33.43 33.15
C PHE H 71 -11.68 32.20 32.43
N MET H 72 -12.93 31.87 32.72
CA MET H 72 -13.63 30.79 32.03
C MET H 72 -15.00 31.25 31.59
N LEU H 73 -15.39 30.83 30.38
CA LEU H 73 -16.72 31.11 29.84
C LEU H 73 -17.28 29.81 29.27
N SER H 74 -18.38 29.34 29.85
CA SER H 74 -18.99 28.07 29.47
C SER H 74 -20.44 28.28 29.08
N VAL H 75 -20.86 27.61 28.01
CA VAL H 75 -22.25 27.68 27.55
C VAL H 75 -22.78 26.28 27.35
N ALA H 76 -22.18 25.30 28.01
CA ALA H 76 -22.61 23.91 27.90
C ALA H 76 -22.21 23.15 29.16
N GLN H 77 -23.05 22.19 29.55
CA GLN H 77 -22.79 21.43 30.77
C GLN H 77 -21.71 20.37 30.56
N ILE H 78 -21.63 19.78 29.37
CA ILE H 78 -20.69 18.69 29.13
C ILE H 78 -19.25 19.16 29.29
N SER H 79 -18.92 20.30 28.69
CA SER H 79 -17.57 20.83 28.82
C SER H 79 -17.35 21.51 30.16
N TYR H 80 -18.41 22.05 30.77
CA TYR H 80 -18.28 22.67 32.09
C TYR H 80 -17.91 21.63 33.15
N ASN H 81 -18.54 20.46 33.10
CA ASN H 81 -18.23 19.41 34.07
C ASN H 81 -16.84 18.83 33.87
N GLN H 82 -16.22 19.04 32.71
CA GLN H 82 -14.91 18.48 32.42
C GLN H 82 -13.77 19.46 32.70
N PHE H 83 -13.83 20.65 32.11
CA PHE H 83 -12.69 21.57 32.11
C PHE H 83 -12.80 22.65 33.18
N LYS H 84 -13.44 22.35 34.31
CA LYS H 84 -13.61 23.33 35.38
C LYS H 84 -12.53 23.25 36.45
N SER H 85 -11.62 22.28 36.37
CA SER H 85 -10.65 22.06 37.44
C SER H 85 -9.42 22.94 37.32
N ASP H 86 -9.24 23.67 36.22
CA ASP H 86 -8.05 24.48 36.02
C ASP H 86 -8.24 25.94 36.43
N ILE H 87 -9.39 26.30 36.98
CA ILE H 87 -9.68 27.69 37.33
C ILE H 87 -9.03 28.00 38.68
N LYS H 88 -8.29 29.12 38.72
CA LYS H 88 -7.68 29.57 39.96
C LYS H 88 -8.75 29.95 40.97
N GLN H 89 -8.44 29.74 42.25
CA GLN H 89 -9.36 30.05 43.33
C GLN H 89 -9.79 31.51 43.27
N GLY H 90 -11.10 31.74 43.37
CA GLY H 90 -11.64 33.08 43.23
C GLY H 90 -11.49 33.68 41.86
N GLY H 91 -11.60 32.87 40.81
CA GLY H 91 -11.47 33.34 39.45
C GLY H 91 -12.77 33.87 38.89
N ILE H 92 -12.72 34.24 37.62
CA ILE H 92 -13.87 34.77 36.91
C ILE H 92 -14.47 33.64 36.07
N VAL H 93 -15.75 33.35 36.30
CA VAL H 93 -16.48 32.33 35.57
C VAL H 93 -17.78 32.93 35.06
N VAL H 94 -18.10 32.65 33.80
CA VAL H 94 -19.32 33.12 33.17
C VAL H 94 -20.04 31.91 32.58
N ILE H 95 -21.36 31.83 32.82
CA ILE H 95 -22.20 30.77 32.31
C ILE H 95 -23.53 31.38 31.86
N ASP H 96 -24.43 30.52 31.38
CA ASP H 96 -25.77 30.92 31.04
C ASP H 96 -26.77 30.03 31.77
N PRO H 97 -27.83 30.60 32.36
CA PRO H 97 -28.76 29.78 33.15
C PRO H 97 -29.56 28.78 32.33
N ASN H 98 -29.71 29.00 31.02
CA ASN H 98 -30.55 28.12 30.21
C ASN H 98 -29.85 26.81 29.85
N LEU H 99 -28.52 26.76 29.92
CA LEU H 99 -27.79 25.56 29.51
C LEU H 99 -26.84 25.02 30.57
N VAL H 100 -26.53 25.78 31.62
CA VAL H 100 -25.59 25.34 32.64
C VAL H 100 -26.22 25.56 34.01
N THR H 101 -26.19 24.51 34.84
CA THR H 101 -26.66 24.58 36.22
C THR H 101 -25.50 24.24 37.15
N PRO H 102 -24.83 25.23 37.73
CA PRO H 102 -23.64 24.95 38.55
C PRO H 102 -24.00 24.42 39.92
N THR H 103 -22.98 23.96 40.63
CA THR H 103 -23.12 23.46 41.99
C THR H 103 -22.75 24.56 42.99
N LYS H 104 -23.23 24.37 44.23
CA LYS H 104 -22.99 25.37 45.27
C LYS H 104 -21.50 25.47 45.62
N GLU H 105 -20.76 24.36 45.53
CA GLU H 105 -19.33 24.41 45.79
C GLU H 105 -18.61 25.31 44.78
N ASP H 106 -19.01 25.23 43.50
CA ASP H 106 -18.44 26.12 42.50
C ASP H 106 -18.85 27.56 42.75
N GLU H 107 -20.07 27.77 43.26
CA GLU H 107 -20.50 29.12 43.60
C GLU H 107 -19.64 29.70 44.71
N GLU H 108 -19.32 28.89 45.73
CA GLU H 108 -18.46 29.36 46.80
C GLU H 108 -17.03 29.57 46.31
N LYS H 109 -16.58 28.74 45.38
CA LYS H 109 -15.19 28.79 44.92
C LYS H 109 -14.95 29.97 43.98
N TYR H 110 -15.95 30.36 43.21
CA TYR H 110 -15.75 31.31 42.11
C TYR H 110 -16.55 32.60 42.35
N GLN H 111 -16.54 33.46 41.35
CA GLN H 111 -17.33 34.69 41.32
C GLN H 111 -18.28 34.61 40.12
N ILE H 112 -18.96 33.47 39.98
CA ILE H 112 -19.65 33.13 38.75
C ILE H 112 -20.72 34.17 38.41
N TYR H 113 -20.87 34.45 37.12
CA TYR H 113 -21.90 35.33 36.60
C TYR H 113 -22.83 34.54 35.69
N LYS H 114 -24.05 35.03 35.54
CA LYS H 114 -25.09 34.36 34.76
C LYS H 114 -25.60 35.31 33.70
N ILE H 115 -25.20 35.10 32.45
CA ILE H 115 -25.66 35.88 31.32
C ILE H 115 -26.07 34.93 30.20
N PRO H 116 -27.34 34.91 29.78
CA PRO H 116 -27.80 34.03 28.69
C PRO H 116 -27.42 34.55 27.30
N ILE H 117 -26.20 34.23 26.88
CA ILE H 117 -25.66 34.77 25.64
C ILE H 117 -26.48 34.33 24.43
N ILE H 118 -26.82 33.04 24.37
CA ILE H 118 -27.51 32.50 23.21
C ILE H 118 -28.89 33.12 23.05
N SER H 119 -29.63 33.24 24.15
CA SER H 119 -30.96 33.84 24.08
C SER H 119 -30.90 35.29 23.63
N ILE H 120 -29.94 36.04 24.15
CA ILE H 120 -29.78 37.44 23.73
C ILE H 120 -29.47 37.54 22.25
N ALA H 121 -28.56 36.68 21.77
CA ALA H 121 -28.18 36.73 20.36
C ALA H 121 -29.35 36.34 19.45
N LYS H 122 -30.07 35.29 19.79
CA LYS H 122 -31.12 34.79 18.91
C LYS H 122 -32.37 35.66 18.94
N ASP H 123 -32.80 36.09 20.13
CA ASP H 123 -34.06 36.79 20.28
C ASP H 123 -33.96 38.27 19.94
N GLU H 124 -32.99 38.97 20.52
CA GLU H 124 -32.94 40.43 20.40
C GLU H 124 -32.41 40.88 19.04
N VAL H 125 -31.19 40.47 18.71
CA VAL H 125 -30.58 40.89 17.45
C VAL H 125 -31.37 40.36 16.26
N GLY H 126 -31.74 39.08 16.31
CA GLY H 126 -32.50 38.42 15.26
C GLY H 126 -31.73 37.30 14.58
N ASN H 127 -30.40 37.39 14.57
CA ASN H 127 -29.54 36.36 14.00
C ASN H 127 -28.72 35.72 15.10
N ILE H 128 -28.81 34.39 15.20
CA ILE H 128 -28.13 33.69 16.29
C ILE H 128 -26.65 33.52 16.00
N ILE H 129 -26.25 33.52 14.72
CA ILE H 129 -24.86 33.23 14.35
C ILE H 129 -23.91 34.26 14.95
N THR H 130 -24.40 35.47 15.22
CA THR H 130 -23.58 36.51 15.81
C THR H 130 -23.31 36.28 17.31
N GLN H 131 -23.69 35.15 17.89
CA GLN H 131 -23.53 34.95 19.33
C GLN H 131 -22.08 35.16 19.77
N SER H 132 -21.13 34.69 18.96
CA SER H 132 -19.72 34.86 19.31
C SER H 132 -19.37 36.33 19.50
N VAL H 133 -19.84 37.18 18.58
CA VAL H 133 -19.58 38.62 18.70
C VAL H 133 -20.14 39.14 20.03
N VAL H 134 -21.32 38.63 20.42
CA VAL H 134 -21.87 39.01 21.72
C VAL H 134 -20.96 38.54 22.85
N ALA H 135 -20.47 37.30 22.76
CA ALA H 135 -19.73 36.71 23.88
C ALA H 135 -18.48 37.52 24.19
N LEU H 136 -17.64 37.76 23.18
CA LEU H 136 -16.45 38.58 23.40
C LEU H 136 -16.83 40.00 23.78
N ALA H 137 -18.02 40.45 23.38
CA ALA H 137 -18.50 41.77 23.78
C ALA H 137 -18.55 41.90 25.30
N ILE H 138 -18.73 40.78 26.00
CA ILE H 138 -18.67 40.83 27.46
C ILE H 138 -17.23 40.73 27.94
N THR H 139 -16.41 39.91 27.28
CA THR H 139 -15.06 39.64 27.74
C THR H 139 -14.23 40.93 27.82
N VAL H 140 -14.54 41.90 26.97
CA VAL H 140 -13.81 43.17 26.98
C VAL H 140 -13.88 43.81 28.36
N GLU H 141 -15.04 43.76 29.00
CA GLU H 141 -15.21 44.31 30.34
C GLU H 141 -14.95 43.26 31.42
N LEU H 142 -14.73 42.00 31.04
CA LEU H 142 -14.52 40.95 32.02
C LEU H 142 -13.08 40.89 32.50
N THR H 143 -12.12 40.89 31.57
CA THR H 143 -10.71 40.88 31.91
C THR H 143 -10.03 42.23 31.69
N LYS H 144 -10.72 43.17 31.03
CA LYS H 144 -10.22 44.53 30.74
C LYS H 144 -8.73 44.51 30.36
N CYS H 145 -8.41 43.72 29.35
CA CYS H 145 -7.04 43.55 28.90
C CYS H 145 -6.75 44.23 27.57
N VAL H 146 -7.73 44.92 26.98
CA VAL H 146 -7.55 45.56 25.68
C VAL H 146 -8.66 46.58 25.51
N GLU H 147 -8.37 47.65 24.77
CA GLU H 147 -9.34 48.70 24.53
C GLU H 147 -10.37 48.25 23.49
N GLU H 148 -11.50 48.97 23.47
CA GLU H 148 -12.61 48.58 22.61
C GLU H 148 -12.36 48.95 21.15
N ASN H 149 -11.59 50.00 20.89
CA ASN H 149 -11.39 50.45 19.51
C ASN H 149 -10.64 49.40 18.69
N ILE H 150 -9.58 48.82 19.27
CA ILE H 150 -8.81 47.81 18.55
C ILE H 150 -9.66 46.58 18.27
N VAL H 151 -10.47 46.16 19.25
CA VAL H 151 -11.34 45.02 19.07
C VAL H 151 -12.37 45.30 17.97
N LEU H 152 -12.92 46.51 17.96
CA LEU H 152 -13.88 46.88 16.91
C LEU H 152 -13.24 46.85 15.53
N ASP H 153 -12.01 47.38 15.43
CA ASP H 153 -11.33 47.35 14.14
C ASP H 153 -11.04 45.93 13.68
N THR H 154 -10.59 45.06 14.60
CA THR H 154 -10.32 43.68 14.25
C THR H 154 -11.58 42.95 13.83
N MET H 155 -12.71 43.26 14.49
CA MET H 155 -13.99 42.72 14.05
C MET H 155 -14.34 43.22 12.65
N LEU H 156 -14.09 44.49 12.37
CA LEU H 156 -14.41 45.05 11.07
C LEU H 156 -13.62 44.38 9.96
N LYS H 157 -12.33 44.14 10.19
CA LYS H 157 -11.47 43.52 9.18
C LYS H 157 -11.43 42.01 9.27
N LYS H 158 -12.48 41.37 9.82
CA LYS H 158 -12.52 39.92 9.88
C LYS H 158 -13.90 39.34 9.57
N VAL H 159 -14.85 40.16 9.11
CA VAL H 159 -16.20 39.67 8.80
C VAL H 159 -16.64 40.29 7.48
N PRO H 160 -17.39 39.57 6.64
CA PRO H 160 -17.97 40.20 5.46
C PRO H 160 -18.89 41.36 5.84
N ALA H 161 -18.86 42.41 5.04
CA ALA H 161 -19.57 43.64 5.38
C ALA H 161 -21.08 43.52 5.26
N LYS H 162 -21.58 42.54 4.49
CA LYS H 162 -23.01 42.49 4.17
C LYS H 162 -23.87 42.44 5.43
N VAL H 163 -23.34 41.90 6.53
CA VAL H 163 -24.02 41.91 7.82
C VAL H 163 -23.26 42.69 8.87
N ALA H 164 -22.04 43.15 8.57
CA ALA H 164 -21.18 43.74 9.58
C ALA H 164 -21.89 44.82 10.37
N ASP H 165 -22.65 45.68 9.67
CA ASP H 165 -23.42 46.72 10.33
C ASP H 165 -24.23 46.15 11.50
N THR H 166 -25.14 45.22 11.20
CA THR H 166 -25.94 44.65 12.28
C THR H 166 -25.07 43.89 13.26
N ASN H 167 -23.96 43.31 12.77
CA ASN H 167 -23.00 42.69 13.67
C ASN H 167 -22.52 43.69 14.71
N LYS H 168 -22.13 44.88 14.26
CA LYS H 168 -21.73 45.93 15.19
C LYS H 168 -22.82 46.17 16.23
N LYS H 169 -24.08 46.23 15.77
CA LYS H 169 -25.19 46.44 16.71
C LYS H 169 -25.16 45.40 17.81
N ALA H 170 -24.99 44.12 17.44
CA ALA H 170 -24.93 43.06 18.43
C ALA H 170 -23.89 43.36 19.48
N PHE H 171 -22.70 43.76 19.04
CA PHE H 171 -21.63 44.10 19.98
C PHE H 171 -22.13 45.12 20.99
N GLU H 172 -22.70 46.22 20.51
CA GLU H 172 -23.21 47.26 21.41
C GLU H 172 -24.19 46.66 22.40
N ILE H 173 -25.13 45.84 21.91
CA ILE H 173 -26.12 45.24 22.79
C ILE H 173 -25.43 44.48 23.91
N GLY H 174 -24.43 43.67 23.57
CA GLY H 174 -23.72 42.92 24.58
C GLY H 174 -23.16 43.83 25.65
N LYS H 175 -22.53 44.94 25.23
CA LYS H 175 -21.98 45.89 26.18
C LYS H 175 -23.02 46.30 27.21
N LYS H 176 -24.22 46.66 26.73
CA LYS H 176 -25.26 47.08 27.67
C LYS H 176 -25.59 45.97 28.65
N HIS H 177 -25.74 44.74 28.16
CA HIS H 177 -26.03 43.64 29.07
C HIS H 177 -24.88 43.40 30.02
N ALA H 178 -23.65 43.63 29.56
CA ALA H 178 -22.51 43.58 30.47
C ALA H 178 -22.67 44.61 31.58
N LEU H 179 -23.09 45.82 31.23
CA LEU H 179 -23.34 46.85 32.23
C LEU H 179 -24.53 46.49 33.12
N GLU H 180 -25.39 45.56 32.68
CA GLU H 180 -26.47 45.07 33.51
C GLU H 180 -26.06 43.87 34.34
N ALA H 181 -24.86 43.33 34.13
CA ALA H 181 -24.38 42.19 34.89
C ALA H 181 -23.69 42.58 36.20
N LEU H 182 -23.15 43.79 36.28
CA LEU H 182 -22.46 44.24 37.49
C LEU H 182 -23.46 44.91 38.42
N LYS H 183 -24.32 44.07 39.00
CA LYS H 183 -25.30 44.54 39.98
C LYS H 183 -24.66 44.97 41.29
N VAL H 184 -23.41 44.56 41.55
CA VAL H 184 -22.72 44.92 42.77
C VAL H 184 -21.87 46.17 42.54
#